data_5ADZ
#
_entry.id   5ADZ
#
_cell.length_a   61.060
_cell.length_b   99.610
_cell.length_c   107.970
_cell.angle_alpha   90.57
_cell.angle_beta   90.04
_cell.angle_gamma   94.76
#
_symmetry.space_group_name_H-M   'P 1'
#
loop_
_entity.id
_entity.type
_entity.pdbx_description
1 polymer 'ALKYLDIHYDROXYACETONEPHOSPHATE SYNTHASE, PEROXISOMAL'
2 non-polymer 'FLAVIN-ADENINE DINUCLEOTIDE'
3 non-polymer (3S)-3-(2-fluorophenyl)-N-((2-oxo-2,3-dihydro-1H-benzo[d]imidazol-5-yl)methyl)butanamide)
4 water water
#
_entity_poly.entity_id   1
_entity_poly.type   'polypeptide(L)'
_entity_poly.pdbx_seq_one_letter_code
;MAEAAAAAAAAAAAGETSASSGSAAERDPDQDRAGRRLRVLSGHLLGRPQEALSTNECKARRAASAATAAPTATPAAPES
GIIPKKRQELMKWNGWGYNDSKFFLNKKGQLELTGKRYPLSGVALPTFKDWIQNTFGINLDHKTTSKASLNPSDTPPSIV
NEDFLHELKKTNISYSQEADDRVFRAHGHCLHEIFLLREGMFERIPDIVLWPTCHDDVVKIVNLACKYNLCIIPIGGGTS
VSYGLMCPADETRTIISLDTSQMNRILWVDENNLTAHVEAGITGQELERQLKESGYCTGHEPDSLEFSTVGGWISTRASG
MKKNIYGNIEDLVVHMKVVTPRGVIEKSCQGPRMSTGPDIHHFIMGSEGTLGVITEATIKIRPTPEYQKYGSVAFPNFEQ
GVACLREIAKQRCAPASIRLMDNQQFQFGHALKPQVSSIFTSFLDGLKKFYITKFKGFDPNQLSVATLLFEGDREKVLQH
EKQVYDIAAKFGGLAAGEDNGQRGYLLTYVIAYMRDLGLEYYIIGESFETSAPWDRVVDLCRNVKERIRRECKEKGVQFP
PLSTCRVTQTYDAGACIYFYFAFNYRGISDPLAVFEQTEAAAREEILANGGSLSHHHGVGKLRKQWLKESISDVGFGMLK
SVKDYVDPTNIFGNRNLL
;
_entity_poly.pdbx_strand_id   A,B,C,D
#
# COMPACT_ATOMS: atom_id res chain seq x y z
N GLY A 81 -26.94 2.90 6.26
CA GLY A 81 -26.47 3.74 5.11
C GLY A 81 -26.44 5.26 5.32
N ILE A 82 -27.17 5.75 6.32
CA ILE A 82 -27.07 7.14 6.80
C ILE A 82 -25.78 7.36 7.61
N ILE A 83 -25.07 8.41 7.25
CA ILE A 83 -23.86 8.83 7.95
C ILE A 83 -24.33 9.43 9.30
N PRO A 84 -23.88 8.87 10.45
CA PRO A 84 -24.27 9.39 11.77
C PRO A 84 -23.49 10.66 12.05
N LYS A 85 -23.97 11.51 12.95
CA LYS A 85 -23.33 12.80 13.17
C LYS A 85 -21.91 12.72 13.70
N LYS A 86 -21.66 11.79 14.63
CA LYS A 86 -20.29 11.54 15.13
C LYS A 86 -19.70 10.46 14.22
N ARG A 87 -19.03 10.88 13.16
CA ARG A 87 -18.69 9.96 12.06
C ARG A 87 -17.66 8.90 12.47
N GLN A 88 -16.70 9.31 13.27
CA GLN A 88 -15.64 8.45 13.78
C GLN A 88 -16.15 7.22 14.54
N GLU A 89 -17.40 7.25 15.03
CA GLU A 89 -18.06 6.06 15.58
C GLU A 89 -18.08 4.90 14.60
N LEU A 90 -18.33 5.16 13.32
CA LEU A 90 -18.36 4.11 12.28
C LEU A 90 -17.17 4.16 11.31
N MET A 91 -16.56 5.33 11.14
CA MET A 91 -15.55 5.57 10.08
C MET A 91 -14.14 5.87 10.57
N LYS A 92 -13.14 5.53 9.78
CA LYS A 92 -11.75 5.76 10.21
C LYS A 92 -11.47 7.28 10.34
N TRP A 93 -11.10 7.73 11.53
CA TRP A 93 -10.83 9.13 11.73
C TRP A 93 -9.59 9.53 10.94
N ASN A 94 -8.73 8.57 10.60
CA ASN A 94 -7.43 8.92 9.99
C ASN A 94 -7.17 8.34 8.58
N GLY A 95 -8.22 7.87 7.91
CA GLY A 95 -8.05 7.38 6.54
C GLY A 95 -9.33 6.92 5.94
N TRP A 96 -9.26 6.18 4.83
CA TRP A 96 -10.45 5.80 4.09
C TRP A 96 -11.33 4.79 4.85
N GLY A 97 -12.62 5.09 4.92
CA GLY A 97 -13.66 4.10 5.07
C GLY A 97 -14.08 3.72 6.46
N TYR A 98 -14.62 2.52 6.58
CA TYR A 98 -15.17 1.98 7.82
C TYR A 98 -14.08 1.45 8.76
N ASN A 99 -14.29 1.69 10.06
CA ASN A 99 -13.49 1.16 11.14
C ASN A 99 -13.33 -0.34 11.12
N ASP A 100 -14.34 -1.05 10.68
CA ASP A 100 -14.30 -2.50 10.70
C ASP A 100 -13.52 -3.16 9.56
N SER A 101 -12.92 -2.35 8.70
CA SER A 101 -12.35 -2.87 7.45
C SER A 101 -10.94 -2.37 7.32
N LYS A 102 -9.96 -3.24 7.57
CA LYS A 102 -8.56 -2.93 7.34
C LYS A 102 -7.75 -4.17 7.02
N PHE A 103 -6.64 -3.94 6.36
CA PHE A 103 -5.69 -4.99 6.06
C PHE A 103 -4.85 -5.28 7.28
N PHE A 104 -4.66 -6.57 7.53
CA PHE A 104 -3.81 -7.09 8.60
C PHE A 104 -3.15 -8.38 8.12
N LEU A 105 -2.08 -8.79 8.82
CA LEU A 105 -1.49 -10.10 8.60
C LEU A 105 -2.27 -11.09 9.43
N ASN A 106 -2.75 -12.15 8.82
CA ASN A 106 -3.49 -13.17 9.57
C ASN A 106 -2.56 -14.17 10.31
N LYS A 107 -3.15 -15.18 10.98
CA LYS A 107 -2.41 -16.12 11.81
C LYS A 107 -1.40 -16.96 11.04
N LYS A 108 -1.54 -16.99 9.71
CA LYS A 108 -0.58 -17.61 8.79
C LYS A 108 0.31 -16.62 8.06
N GLY A 109 0.41 -15.37 8.49
CA GLY A 109 1.22 -14.35 7.82
C GLY A 109 0.80 -13.88 6.45
N GLN A 110 -0.49 -14.04 6.15
CA GLN A 110 -1.09 -13.62 4.87
C GLN A 110 -1.94 -12.36 5.06
N LEU A 111 -1.85 -11.42 4.12
CA LEU A 111 -2.67 -10.23 4.18
C LEU A 111 -4.11 -10.62 3.94
N GLU A 112 -4.97 -9.98 4.72
CA GLU A 112 -6.38 -10.22 4.71
C GLU A 112 -7.09 -8.96 5.25
N LEU A 113 -8.32 -8.76 4.78
CA LEU A 113 -9.17 -7.67 5.21
C LEU A 113 -10.08 -8.15 6.34
N THR A 114 -10.16 -7.32 7.40
CA THR A 114 -10.99 -7.61 8.57
C THR A 114 -12.46 -7.40 8.17
N GLY A 115 -13.36 -7.71 9.10
CA GLY A 115 -14.79 -7.39 8.96
C GLY A 115 -15.46 -8.34 8.02
N LYS A 116 -16.73 -8.02 7.69
CA LYS A 116 -17.56 -8.73 6.72
C LYS A 116 -18.30 -7.79 5.76
N ARG A 117 -17.80 -6.58 5.53
CA ARG A 117 -18.48 -5.63 4.60
C ARG A 117 -18.44 -5.98 3.13
N TYR A 118 -17.29 -6.48 2.65
CA TYR A 118 -17.10 -6.69 1.22
C TYR A 118 -16.97 -8.20 0.95
N PRO A 119 -17.16 -8.63 -0.31
CA PRO A 119 -16.92 -10.08 -0.59
C PRO A 119 -15.46 -10.53 -0.38
N LEU A 120 -14.50 -9.64 -0.57
CA LEU A 120 -13.10 -9.90 -0.17
C LEU A 120 -12.82 -9.83 1.33
N SER A 121 -13.76 -9.33 2.12
CA SER A 121 -13.55 -9.23 3.56
C SER A 121 -13.42 -10.62 4.17
N GLY A 122 -12.34 -10.83 4.92
CA GLY A 122 -12.09 -12.11 5.58
C GLY A 122 -11.55 -13.18 4.67
N VAL A 123 -11.07 -12.80 3.48
CA VAL A 123 -10.53 -13.71 2.53
C VAL A 123 -9.00 -13.54 2.45
N ALA A 124 -8.29 -14.64 2.70
CA ALA A 124 -6.85 -14.63 2.72
C ALA A 124 -6.35 -14.41 1.32
N LEU A 125 -5.33 -13.55 1.21
CA LEU A 125 -4.69 -13.18 -0.04
C LEU A 125 -3.20 -13.61 0.05
N PRO A 126 -2.90 -14.89 -0.20
CA PRO A 126 -1.61 -15.41 0.15
C PRO A 126 -0.46 -14.93 -0.71
N THR A 127 -0.75 -14.47 -1.93
CA THR A 127 0.28 -14.00 -2.82
C THR A 127 0.43 -12.47 -2.73
N PHE A 128 -0.45 -11.80 -1.98
CA PHE A 128 -0.43 -10.32 -1.92
C PHE A 128 0.87 -9.78 -1.28
N LYS A 129 1.26 -10.32 -0.14
CA LYS A 129 2.54 -9.93 0.50
C LYS A 129 3.73 -9.97 -0.44
N ASP A 130 3.84 -11.06 -1.19
CA ASP A 130 4.94 -11.29 -2.12
C ASP A 130 4.96 -10.25 -3.30
N TRP A 131 3.79 -9.95 -3.84
CA TRP A 131 3.64 -8.97 -4.88
C TRP A 131 4.06 -7.60 -4.32
N ILE A 132 3.67 -7.28 -3.08
CA ILE A 132 4.07 -5.97 -2.50
C ILE A 132 5.60 -5.85 -2.36
N GLN A 133 6.20 -6.94 -1.88
CA GLN A 133 7.64 -6.99 -1.58
C GLN A 133 8.42 -6.91 -2.86
N ASN A 134 7.99 -7.68 -3.88
CA ASN A 134 8.61 -7.64 -5.21
C ASN A 134 8.47 -6.27 -5.85
N THR A 135 7.31 -5.65 -5.68
CA THR A 135 7.02 -4.42 -6.37
C THR A 135 7.72 -3.23 -5.69
N PHE A 136 7.84 -3.19 -4.36
CA PHE A 136 8.35 -2.01 -3.63
C PHE A 136 9.69 -2.21 -2.86
N GLY A 137 10.13 -3.47 -2.74
CA GLY A 137 11.38 -3.81 -2.02
C GLY A 137 11.38 -3.49 -0.54
N ILE A 138 10.25 -3.73 0.12
CA ILE A 138 10.12 -3.59 1.58
C ILE A 138 9.91 -5.00 2.12
N ASN A 139 10.09 -5.17 3.43
CA ASN A 139 9.96 -6.49 4.02
C ASN A 139 8.58 -6.81 4.53
N LEU A 140 7.88 -5.86 5.12
CA LEU A 140 6.48 -6.11 5.54
C LEU A 140 6.50 -6.92 6.84
N ASP A 141 6.89 -6.21 7.88
CA ASP A 141 7.16 -6.74 9.21
C ASP A 141 7.51 -5.51 10.08
N HIS A 142 8.59 -4.82 9.72
CA HIS A 142 8.94 -3.52 10.31
C HIS A 142 7.90 -2.46 9.87
N LYS A 143 7.35 -1.70 10.82
CA LYS A 143 6.28 -0.75 10.52
C LYS A 143 6.59 0.71 10.85
N THR A 144 5.65 1.59 10.47
CA THR A 144 5.61 3.01 10.85
C THR A 144 4.90 3.15 12.18
N PRO A 157 -8.28 26.06 18.61
CA PRO A 157 -9.49 26.18 19.45
C PRO A 157 -10.64 26.85 18.67
N SER A 158 -11.87 26.80 19.19
CA SER A 158 -13.07 27.25 18.44
C SER A 158 -13.47 28.73 18.67
N ILE A 159 -13.07 29.60 17.74
CA ILE A 159 -13.43 31.04 17.75
C ILE A 159 -14.83 31.31 17.11
N VAL A 160 -15.85 31.60 17.94
CA VAL A 160 -17.27 31.84 17.46
C VAL A 160 -18.05 32.94 18.23
N ASN A 161 -18.72 33.84 17.49
CA ASN A 161 -19.61 34.89 18.02
C ASN A 161 -20.84 34.38 18.79
N GLU A 162 -21.06 34.99 19.95
CA GLU A 162 -22.11 34.59 20.88
C GLU A 162 -23.49 34.95 20.40
N ASP A 163 -23.65 36.08 19.72
CA ASP A 163 -24.97 36.43 19.16
C ASP A 163 -25.38 35.42 18.12
N PHE A 164 -24.48 35.13 17.18
CA PHE A 164 -24.68 34.03 16.23
C PHE A 164 -25.03 32.75 16.98
N LEU A 165 -24.21 32.39 17.95
CA LEU A 165 -24.37 31.14 18.66
C LEU A 165 -25.77 31.04 19.29
N HIS A 166 -26.14 32.13 19.98
CA HIS A 166 -27.42 32.30 20.63
C HIS A 166 -28.58 32.17 19.63
N GLU A 167 -28.41 32.77 18.46
CA GLU A 167 -29.40 32.69 17.36
C GLU A 167 -29.49 31.30 16.74
N LEU A 168 -28.35 30.65 16.60
CA LEU A 168 -28.33 29.30 16.09
C LEU A 168 -29.11 28.30 16.97
N LYS A 169 -29.08 28.51 18.29
CA LYS A 169 -29.88 27.70 19.23
C LYS A 169 -31.40 27.76 18.98
N LYS A 170 -31.91 28.98 18.75
CA LYS A 170 -33.32 29.19 18.41
C LYS A 170 -33.76 28.30 17.26
N THR A 171 -32.86 28.07 16.29
CA THR A 171 -33.15 27.25 15.09
C THR A 171 -33.42 25.79 15.37
N ASN A 172 -32.87 25.26 16.47
CA ASN A 172 -32.87 23.80 16.73
C ASN A 172 -31.95 23.05 15.78
N ILE A 173 -31.07 23.76 15.08
CA ILE A 173 -30.15 23.10 14.16
C ILE A 173 -28.97 22.60 14.99
N SER A 174 -28.73 21.32 14.84
CA SER A 174 -27.76 20.63 15.60
C SER A 174 -26.40 21.13 15.18
N TYR A 175 -25.48 21.30 16.12
CA TYR A 175 -24.15 21.81 15.80
C TYR A 175 -23.13 21.29 16.79
N SER A 176 -21.86 21.51 16.54
CA SER A 176 -20.81 21.03 17.43
C SER A 176 -19.58 21.88 17.28
N GLN A 177 -18.92 22.22 18.38
CA GLN A 177 -17.58 22.88 18.37
C GLN A 177 -16.44 21.94 18.77
N GLU A 178 -16.76 20.65 18.84
CA GLU A 178 -15.83 19.64 19.31
C GLU A 178 -14.75 19.50 18.28
N ALA A 179 -13.50 19.46 18.75
CA ALA A 179 -12.31 19.38 17.91
C ALA A 179 -12.32 18.19 16.96
N ASP A 180 -12.83 17.04 17.42
CA ASP A 180 -12.80 15.83 16.62
C ASP A 180 -13.84 15.89 15.49
N ASP A 181 -15.04 16.42 15.78
CA ASP A 181 -16.04 16.69 14.73
C ASP A 181 -15.52 17.67 13.67
N ARG A 182 -14.79 18.69 14.12
CA ARG A 182 -14.23 19.70 13.22
C ARG A 182 -13.10 19.16 12.38
N VAL A 183 -12.12 18.54 13.01
CA VAL A 183 -10.98 17.94 12.30
C VAL A 183 -11.39 16.88 11.27
N PHE A 184 -12.45 16.13 11.59
CA PHE A 184 -12.93 15.06 10.68
C PHE A 184 -13.39 15.68 9.37
N ARG A 185 -14.09 16.82 9.47
CA ARG A 185 -14.59 17.54 8.30
C ARG A 185 -13.61 18.60 7.80
N ALA A 186 -12.33 18.52 8.17
CA ALA A 186 -11.32 19.50 7.69
C ALA A 186 -10.54 19.04 6.44
N HIS A 187 -10.95 17.93 5.81
CA HIS A 187 -10.14 17.31 4.75
C HIS A 187 -10.97 16.36 3.88
N GLY A 188 -10.43 16.06 2.72
CA GLY A 188 -10.88 14.92 1.93
C GLY A 188 -9.81 13.84 1.93
N HIS A 189 -9.55 13.27 0.76
CA HIS A 189 -8.69 12.12 0.63
C HIS A 189 -7.47 12.24 -0.29
N CYS A 190 -6.90 13.44 -0.34
CA CYS A 190 -5.57 13.58 -0.97
C CYS A 190 -4.52 13.17 0.07
N LEU A 191 -3.36 12.74 -0.44
CA LEU A 191 -2.30 12.20 0.38
C LEU A 191 -1.83 13.14 1.48
N HIS A 192 -1.51 14.38 1.12
CA HIS A 192 -0.95 15.30 2.10
C HIS A 192 -1.87 15.47 3.28
N GLU A 193 -3.17 15.53 2.97
CA GLU A 193 -4.20 15.67 4.01
C GLU A 193 -4.23 14.49 5.00
N ILE A 194 -4.12 13.27 4.47
CA ILE A 194 -4.10 12.05 5.27
C ILE A 194 -2.88 12.09 6.23
N PHE A 195 -1.71 12.50 5.73
CA PHE A 195 -0.54 12.73 6.58
C PHE A 195 -0.73 13.78 7.69
N LEU A 196 -1.42 14.87 7.41
CA LEU A 196 -1.67 15.82 8.48
C LEU A 196 -2.66 15.25 9.48
N LEU A 197 -3.61 14.45 9.02
CA LEU A 197 -4.48 13.68 9.94
C LEU A 197 -3.66 12.76 10.85
N ARG A 198 -2.66 12.09 10.27
CA ARG A 198 -1.81 11.17 11.05
C ARG A 198 -0.76 11.99 11.83
N GLU A 199 0.53 11.88 11.50
CA GLU A 199 1.58 12.53 12.26
C GLU A 199 1.60 14.04 11.96
N GLY A 200 0.69 14.80 12.58
CA GLY A 200 0.65 16.27 12.42
C GLY A 200 -0.69 16.96 12.68
N MET A 201 -0.81 18.22 12.22
CA MET A 201 -2.07 18.93 12.30
C MET A 201 -2.27 20.00 11.22
N PHE A 202 -3.56 20.19 10.89
CA PHE A 202 -4.01 21.12 9.88
C PHE A 202 -3.78 22.53 10.36
N GLU A 203 -3.56 23.43 9.40
CA GLU A 203 -3.32 24.84 9.68
C GLU A 203 -4.62 25.55 10.09
N ARG A 204 -5.71 25.19 9.40
CA ARG A 204 -7.00 25.74 9.65
C ARG A 204 -8.02 24.60 9.56
N ILE A 205 -9.04 24.64 10.38
CA ILE A 205 -10.10 23.63 10.36
C ILE A 205 -11.39 24.38 10.58
N PRO A 206 -12.53 23.74 10.30
CA PRO A 206 -13.78 24.44 10.61
C PRO A 206 -13.83 24.86 12.05
N ASP A 207 -14.37 26.06 12.30
CA ASP A 207 -14.61 26.57 13.66
C ASP A 207 -15.83 25.89 14.31
N ILE A 208 -16.86 25.58 13.53
CA ILE A 208 -18.09 24.95 14.03
C ILE A 208 -18.75 24.06 12.92
N VAL A 209 -19.51 23.02 13.29
CA VAL A 209 -20.16 22.09 12.35
C VAL A 209 -21.65 22.21 12.53
N LEU A 210 -22.43 22.34 11.46
CA LEU A 210 -23.88 22.38 11.56
C LEU A 210 -24.38 21.24 10.75
N TRP A 211 -25.50 20.68 11.18
CA TRP A 211 -26.17 19.54 10.54
C TRP A 211 -27.60 19.92 10.18
N PRO A 212 -27.76 20.72 9.11
CA PRO A 212 -29.13 20.94 8.61
C PRO A 212 -29.80 19.66 8.14
N THR A 213 -31.09 19.61 8.33
CA THR A 213 -31.88 18.47 7.96
C THR A 213 -32.83 18.76 6.81
N CYS A 214 -32.97 20.03 6.44
CA CYS A 214 -33.79 20.39 5.29
C CYS A 214 -33.34 21.67 4.58
N HIS A 215 -33.88 21.85 3.39
CA HIS A 215 -33.67 23.04 2.61
C HIS A 215 -33.82 24.35 3.50
N ASP A 216 -34.88 24.40 4.30
CA ASP A 216 -35.23 25.58 5.10
C ASP A 216 -34.19 25.88 6.11
N ASP A 217 -33.62 24.83 6.70
CA ASP A 217 -32.49 24.97 7.60
C ASP A 217 -31.34 25.64 6.92
N VAL A 218 -31.11 25.23 5.68
CA VAL A 218 -29.95 25.72 4.98
C VAL A 218 -30.11 27.25 4.71
N VAL A 219 -31.31 27.63 4.26
CA VAL A 219 -31.72 29.04 4.11
C VAL A 219 -31.40 29.85 5.37
N LYS A 220 -31.75 29.36 6.56
CA LYS A 220 -31.46 30.06 7.82
C LYS A 220 -29.97 30.19 8.04
N ILE A 221 -29.24 29.13 7.78
CA ILE A 221 -27.80 29.18 8.02
C ILE A 221 -27.13 30.22 7.10
N VAL A 222 -27.58 30.28 5.86
CA VAL A 222 -26.99 31.17 4.87
C VAL A 222 -27.36 32.64 5.23
N ASN A 223 -28.59 32.85 5.67
CA ASN A 223 -29.06 34.11 6.30
C ASN A 223 -28.22 34.54 7.49
N LEU A 224 -28.02 33.61 8.41
CA LEU A 224 -27.11 33.84 9.54
C LEU A 224 -25.69 34.16 9.10
N ALA A 225 -25.21 33.48 8.06
CA ALA A 225 -23.86 33.71 7.59
C ALA A 225 -23.72 35.09 6.97
N CYS A 226 -24.77 35.57 6.30
CA CYS A 226 -24.79 36.96 5.76
C CYS A 226 -24.71 37.95 6.92
N LYS A 227 -25.55 37.71 7.93
CA LYS A 227 -25.71 38.60 9.06
C LYS A 227 -24.44 38.73 9.90
N TYR A 228 -23.76 37.61 10.19
CA TYR A 228 -22.57 37.57 11.02
C TYR A 228 -21.27 37.51 10.27
N ASN A 229 -21.33 37.61 8.94
CA ASN A 229 -20.13 37.53 8.14
C ASN A 229 -19.37 36.23 8.38
N LEU A 230 -20.09 35.13 8.26
CA LEU A 230 -19.49 33.79 8.37
C LEU A 230 -19.03 33.29 6.98
N CYS A 231 -17.99 32.46 7.00
CA CYS A 231 -17.62 31.64 5.86
C CYS A 231 -18.28 30.25 5.99
N ILE A 232 -18.74 29.69 4.87
CA ILE A 232 -19.36 28.34 4.79
C ILE A 232 -18.65 27.47 3.77
N ILE A 233 -18.43 26.20 4.14
CA ILE A 233 -17.82 25.18 3.30
C ILE A 233 -18.69 23.97 3.40
N PRO A 234 -19.52 23.71 2.39
CA PRO A 234 -20.37 22.52 2.54
C PRO A 234 -19.53 21.22 2.48
N ILE A 235 -20.02 20.18 3.16
CA ILE A 235 -19.40 18.82 3.09
C ILE A 235 -20.51 17.80 3.05
N GLY A 236 -20.33 16.81 2.20
CA GLY A 236 -21.25 15.77 2.05
C GLY A 236 -20.50 14.59 2.56
N GLY A 237 -20.09 13.72 1.67
CA GLY A 237 -19.34 12.55 2.07
C GLY A 237 -17.90 12.77 2.54
N GLY A 238 -17.29 13.91 2.28
CA GLY A 238 -15.84 14.11 2.62
C GLY A 238 -14.81 13.39 1.76
N THR A 239 -15.20 13.01 0.52
CA THR A 239 -14.41 12.14 -0.35
C THR A 239 -13.63 12.88 -1.42
N SER A 240 -13.66 14.21 -1.36
CA SER A 240 -12.92 15.05 -2.28
C SER A 240 -11.51 14.59 -2.41
N VAL A 241 -10.99 14.55 -3.63
CA VAL A 241 -9.55 14.34 -3.85
C VAL A 241 -8.97 15.52 -4.61
N SER A 242 -9.42 16.74 -4.31
CA SER A 242 -8.87 17.94 -5.01
C SER A 242 -8.55 19.11 -4.06
N TYR A 243 -8.41 18.82 -2.78
CA TYR A 243 -8.35 19.86 -1.75
C TYR A 243 -9.60 20.75 -1.77
N GLY A 244 -10.72 20.16 -2.17
CA GLY A 244 -11.97 20.87 -2.25
C GLY A 244 -12.54 21.22 -0.91
N LEU A 245 -12.06 20.58 0.16
CA LEU A 245 -12.57 20.81 1.50
C LEU A 245 -11.61 21.56 2.42
N MET A 246 -10.34 21.65 2.05
CA MET A 246 -9.37 22.30 2.92
C MET A 246 -9.79 23.74 3.20
N CYS A 247 -9.66 24.14 4.47
CA CYS A 247 -9.88 25.52 4.87
C CYS A 247 -8.63 26.34 4.50
N PRO A 248 -8.79 27.41 3.71
CA PRO A 248 -7.62 28.28 3.46
C PRO A 248 -7.05 28.81 4.77
N ALA A 249 -5.73 28.83 4.86
CA ALA A 249 -5.05 29.14 6.12
C ALA A 249 -5.40 30.54 6.60
N ASP A 250 -5.34 31.50 5.69
CA ASP A 250 -5.51 32.90 6.05
C ASP A 250 -6.98 33.37 6.11
N GLU A 251 -7.93 32.44 6.09
CA GLU A 251 -9.33 32.81 6.35
C GLU A 251 -9.48 33.15 7.83
N THR A 252 -9.86 34.38 8.11
CA THR A 252 -10.03 34.86 9.49
C THR A 252 -11.48 34.78 9.96
N ARG A 253 -12.43 34.69 9.04
CA ARG A 253 -13.82 34.51 9.47
C ARG A 253 -14.01 33.15 10.16
N THR A 254 -15.10 33.07 10.91
CA THR A 254 -15.61 31.85 11.48
C THR A 254 -16.07 30.97 10.32
N ILE A 255 -15.45 29.80 10.22
CA ILE A 255 -15.80 28.81 9.22
C ILE A 255 -16.83 27.84 9.79
N ILE A 256 -17.99 27.80 9.17
CA ILE A 256 -18.99 26.79 9.37
C ILE A 256 -18.71 25.61 8.42
N SER A 257 -18.54 24.37 8.91
CA SER A 257 -18.60 23.16 8.06
C SER A 257 -20.04 22.82 8.00
N LEU A 258 -20.66 22.98 6.84
CA LEU A 258 -22.08 22.75 6.69
C LEU A 258 -22.24 21.31 6.17
N ASP A 259 -22.54 20.43 7.09
CA ASP A 259 -22.56 18.99 6.84
C ASP A 259 -23.96 18.68 6.43
N THR A 260 -24.09 18.14 5.21
CA THR A 260 -25.38 17.79 4.66
C THR A 260 -25.85 16.37 4.96
N SER A 261 -25.15 15.59 5.79
CA SER A 261 -25.44 14.15 5.90
C SER A 261 -26.81 13.86 6.42
N GLN A 262 -27.37 14.77 7.21
CA GLN A 262 -28.69 14.54 7.83
C GLN A 262 -29.83 15.01 6.93
N MET A 263 -29.47 15.54 5.78
CA MET A 263 -30.41 16.01 4.75
C MET A 263 -30.47 14.97 3.62
N ASN A 264 -31.26 13.93 3.81
CA ASN A 264 -31.03 12.72 3.09
C ASN A 264 -32.23 11.91 2.73
N ARG A 265 -33.39 12.52 2.56
CA ARG A 265 -34.60 11.77 2.24
C ARG A 265 -34.88 11.72 0.76
N ILE A 266 -35.47 10.62 0.29
CA ILE A 266 -36.13 10.61 -0.99
C ILE A 266 -37.47 11.29 -0.79
N LEU A 267 -37.69 12.44 -1.41
CA LEU A 267 -38.89 13.21 -1.17
C LEU A 267 -40.05 12.75 -2.03
N TRP A 268 -39.76 12.32 -3.25
CA TRP A 268 -40.73 11.59 -4.04
C TRP A 268 -40.08 10.80 -5.17
N VAL A 269 -40.74 9.73 -5.56
CA VAL A 269 -40.39 8.94 -6.68
C VAL A 269 -41.55 9.05 -7.69
N ASP A 270 -41.31 9.71 -8.82
CA ASP A 270 -42.29 9.79 -9.89
C ASP A 270 -42.11 8.61 -10.86
N GLU A 271 -43.04 7.68 -10.79
CA GLU A 271 -42.98 6.47 -11.59
C GLU A 271 -43.46 6.69 -13.01
N ASN A 272 -44.23 7.75 -13.23
CA ASN A 272 -44.70 8.08 -14.57
C ASN A 272 -43.59 8.66 -15.43
N ASN A 273 -42.81 9.57 -14.86
CA ASN A 273 -41.78 10.27 -15.60
C ASN A 273 -40.40 9.69 -15.34
N LEU A 274 -40.30 8.66 -14.49
CA LEU A 274 -39.02 8.04 -14.08
C LEU A 274 -37.97 9.05 -13.56
N THR A 275 -38.36 9.73 -12.51
CA THR A 275 -37.51 10.62 -11.78
C THR A 275 -37.72 10.46 -10.25
N ALA A 276 -36.69 10.79 -9.51
CA ALA A 276 -36.74 10.80 -8.06
C ALA A 276 -36.18 12.10 -7.58
N HIS A 277 -36.94 12.78 -6.75
CA HIS A 277 -36.52 14.02 -6.11
C HIS A 277 -36.00 13.70 -4.73
N VAL A 278 -34.76 14.06 -4.46
CA VAL A 278 -34.11 13.70 -3.23
C VAL A 278 -33.40 14.89 -2.62
N GLU A 279 -33.05 14.75 -1.35
CA GLU A 279 -32.25 15.72 -0.64
C GLU A 279 -30.80 15.37 -0.91
N ALA A 280 -30.00 16.40 -0.95
CA ALA A 280 -28.69 16.35 -1.53
C ALA A 280 -27.66 15.62 -0.71
N GLY A 281 -27.93 15.43 0.57
CA GLY A 281 -27.05 14.73 1.46
C GLY A 281 -27.16 13.21 1.34
N ILE A 282 -28.11 12.68 0.58
CA ILE A 282 -28.23 11.20 0.55
C ILE A 282 -27.01 10.59 -0.15
N THR A 283 -26.46 9.54 0.44
CA THR A 283 -25.28 8.87 -0.12
C THR A 283 -25.75 8.00 -1.25
N GLY A 284 -24.83 7.65 -2.12
CA GLY A 284 -25.13 6.78 -3.23
C GLY A 284 -25.63 5.44 -2.76
N GLN A 285 -24.96 4.84 -1.80
CA GLN A 285 -25.41 3.54 -1.23
C GLN A 285 -26.85 3.55 -0.74
N GLU A 286 -27.18 4.59 0.01
CA GLU A 286 -28.48 4.72 0.62
C GLU A 286 -29.55 5.07 -0.42
N LEU A 287 -29.17 5.90 -1.37
CA LEU A 287 -30.04 6.18 -2.53
C LEU A 287 -30.42 4.91 -3.30
N GLU A 288 -29.45 4.08 -3.62
CA GLU A 288 -29.77 2.88 -4.45
C GLU A 288 -30.63 1.88 -3.66
N ARG A 289 -30.25 1.69 -2.39
CA ARG A 289 -30.95 0.77 -1.46
C ARG A 289 -32.44 1.08 -1.37
N GLN A 290 -32.77 2.32 -1.04
CA GLN A 290 -34.12 2.78 -0.95
C GLN A 290 -34.85 2.70 -2.27
N LEU A 291 -34.27 3.19 -3.35
CA LEU A 291 -34.88 3.07 -4.68
C LEU A 291 -35.15 1.60 -5.09
N LYS A 292 -34.26 0.72 -4.70
CA LYS A 292 -34.40 -0.68 -5.03
C LYS A 292 -35.65 -1.31 -4.41
N GLU A 293 -35.99 -0.87 -3.22
CA GLU A 293 -37.21 -1.33 -2.58
C GLU A 293 -38.47 -0.99 -3.38
N SER A 294 -38.41 0.04 -4.24
CA SER A 294 -39.53 0.32 -5.16
C SER A 294 -39.40 -0.31 -6.56
N GLY A 295 -38.30 -1.01 -6.83
CA GLY A 295 -38.02 -1.55 -8.18
C GLY A 295 -37.10 -0.68 -9.05
N TYR A 296 -36.46 0.34 -8.49
CA TYR A 296 -35.75 1.36 -9.28
C TYR A 296 -34.31 1.51 -8.87
N CYS A 297 -33.49 2.08 -9.77
CA CYS A 297 -32.12 2.49 -9.45
C CYS A 297 -31.72 3.76 -10.25
N THR A 298 -30.67 4.43 -9.81
CA THR A 298 -30.07 5.53 -10.60
CA THR A 298 -30.09 5.52 -10.59
C THR A 298 -29.04 4.98 -11.55
N GLY A 299 -28.33 3.95 -11.09
CA GLY A 299 -27.17 3.37 -11.77
C GLY A 299 -25.92 4.20 -11.78
N HIS A 300 -25.92 5.25 -10.96
CA HIS A 300 -24.83 6.11 -10.79
C HIS A 300 -23.91 5.56 -9.72
N GLU A 301 -22.83 4.93 -10.14
CA GLU A 301 -21.96 4.22 -9.25
C GLU A 301 -20.53 4.69 -9.29
N PRO A 302 -20.24 5.79 -8.62
CA PRO A 302 -18.84 6.15 -8.44
C PRO A 302 -18.21 5.22 -7.42
N ASP A 303 -16.89 5.09 -7.45
CA ASP A 303 -16.18 4.23 -6.46
C ASP A 303 -16.36 4.67 -5.01
N SER A 304 -16.65 5.97 -4.77
CA SER A 304 -16.92 6.51 -3.44
C SER A 304 -18.37 6.44 -2.99
N LEU A 305 -19.22 5.73 -3.71
CA LEU A 305 -20.68 5.75 -3.47
C LEU A 305 -21.13 5.36 -2.08
N GLU A 306 -20.29 4.63 -1.35
CA GLU A 306 -20.61 4.42 0.07
C GLU A 306 -20.75 5.72 0.85
N PHE A 307 -20.00 6.75 0.50
CA PHE A 307 -20.06 7.98 1.28
C PHE A 307 -20.38 9.22 0.45
N SER A 308 -20.15 9.20 -0.86
CA SER A 308 -20.33 10.43 -1.66
C SER A 308 -21.83 10.62 -1.79
N THR A 309 -22.19 11.89 -1.96
CA THR A 309 -23.57 12.35 -1.89
C THR A 309 -24.03 12.94 -3.18
N VAL A 310 -25.34 12.97 -3.38
CA VAL A 310 -25.94 13.64 -4.53
C VAL A 310 -25.41 15.09 -4.74
N GLY A 311 -25.35 15.88 -3.67
CA GLY A 311 -24.86 17.24 -3.82
C GLY A 311 -23.41 17.36 -4.13
N GLY A 312 -22.60 16.46 -3.60
CA GLY A 312 -21.18 16.42 -3.99
C GLY A 312 -20.99 16.02 -5.45
N TRP A 313 -21.77 15.06 -5.93
CA TRP A 313 -21.67 14.62 -7.36
C TRP A 313 -21.93 15.77 -8.35
N ILE A 314 -22.98 16.50 -8.06
CA ILE A 314 -23.32 17.70 -8.79
C ILE A 314 -22.21 18.74 -8.67
N SER A 315 -21.74 18.99 -7.47
CA SER A 315 -20.65 19.95 -7.24
C SER A 315 -19.35 19.66 -7.94
N THR A 316 -19.04 18.39 -8.19
CA THR A 316 -17.78 18.00 -8.77
C THR A 316 -17.89 17.37 -10.11
N ARG A 317 -19.06 17.39 -10.72
CA ARG A 317 -19.26 16.69 -12.02
C ARG A 317 -18.76 15.25 -11.96
N ALA A 318 -19.31 14.50 -10.99
CA ALA A 318 -18.99 13.09 -10.76
C ALA A 318 -19.36 12.20 -11.92
N SER A 319 -18.53 11.18 -12.11
CA SER A 319 -18.76 10.16 -13.11
C SER A 319 -18.89 8.82 -12.43
N GLY A 320 -19.73 7.94 -12.97
CA GLY A 320 -19.90 6.61 -12.41
C GLY A 320 -19.55 5.51 -13.37
N MET A 321 -19.37 4.33 -12.81
CA MET A 321 -18.87 3.16 -13.53
C MET A 321 -19.76 2.77 -14.71
N LYS A 322 -21.05 3.00 -14.59
CA LYS A 322 -22.01 2.57 -15.54
C LYS A 322 -22.64 3.72 -16.32
N LYS A 323 -21.86 4.77 -16.46
CA LYS A 323 -22.12 5.93 -17.24
C LYS A 323 -22.64 5.56 -18.63
N ASN A 324 -22.10 4.52 -19.27
CA ASN A 324 -22.55 4.16 -20.64
C ASN A 324 -24.03 3.89 -20.74
N ILE A 325 -24.63 3.33 -19.69
CA ILE A 325 -26.10 3.15 -19.70
C ILE A 325 -26.80 4.30 -19.06
N TYR A 326 -26.28 4.82 -17.96
CA TYR A 326 -27.09 5.71 -17.15
C TYR A 326 -26.76 7.17 -17.35
N GLY A 327 -25.65 7.48 -18.00
CA GLY A 327 -25.17 8.84 -18.05
C GLY A 327 -24.27 9.16 -16.86
N ASN A 328 -23.46 10.20 -17.03
CA ASN A 328 -22.77 10.86 -15.94
C ASN A 328 -23.77 11.82 -15.25
N ILE A 329 -23.33 12.47 -14.18
CA ILE A 329 -24.25 13.25 -13.35
C ILE A 329 -25.00 14.34 -14.15
N GLU A 330 -24.35 14.92 -15.16
CA GLU A 330 -24.97 15.95 -15.99
C GLU A 330 -26.07 15.46 -16.92
N ASP A 331 -26.06 14.19 -17.24
CA ASP A 331 -27.12 13.53 -18.00
C ASP A 331 -28.27 13.11 -17.05
N LEU A 332 -27.93 12.85 -15.79
CA LEU A 332 -28.84 12.27 -14.79
C LEU A 332 -29.65 13.31 -14.10
N VAL A 333 -29.05 14.46 -13.79
CA VAL A 333 -29.75 15.51 -13.00
C VAL A 333 -30.63 16.37 -13.88
N VAL A 334 -31.91 16.42 -13.57
CA VAL A 334 -32.96 17.03 -14.36
C VAL A 334 -33.56 18.30 -13.67
N HIS A 335 -33.22 18.55 -12.40
CA HIS A 335 -33.75 19.66 -11.65
C HIS A 335 -32.94 19.81 -10.42
N MET A 336 -32.81 21.03 -9.91
CA MET A 336 -32.11 21.23 -8.64
C MET A 336 -32.51 22.51 -7.96
N LYS A 337 -32.33 22.53 -6.64
CA LYS A 337 -32.59 23.68 -5.82
C LYS A 337 -31.32 24.00 -5.13
N VAL A 338 -30.93 25.27 -5.18
CA VAL A 338 -29.67 25.72 -4.67
C VAL A 338 -29.91 27.00 -3.85
N VAL A 339 -29.38 27.03 -2.64
CA VAL A 339 -29.45 28.22 -1.79
C VAL A 339 -28.19 28.99 -1.98
N THR A 340 -28.31 30.25 -2.43
CA THR A 340 -27.11 31.13 -2.50
C THR A 340 -27.33 32.34 -1.61
N PRO A 341 -26.25 33.06 -1.25
CA PRO A 341 -26.42 34.34 -0.54
C PRO A 341 -27.44 35.25 -1.23
N ARG A 342 -27.48 35.25 -2.56
CA ARG A 342 -28.45 36.07 -3.28
C ARG A 342 -29.88 35.60 -3.36
N GLY A 343 -30.11 34.33 -3.04
CA GLY A 343 -31.44 33.75 -3.12
C GLY A 343 -31.36 32.31 -3.55
N VAL A 344 -32.53 31.75 -3.74
CA VAL A 344 -32.70 30.38 -4.15
C VAL A 344 -32.73 30.35 -5.65
N ILE A 345 -32.06 29.36 -6.23
CA ILE A 345 -32.10 29.10 -7.65
C ILE A 345 -32.93 27.85 -7.83
N GLU A 346 -33.95 27.96 -8.66
CA GLU A 346 -34.76 26.80 -8.99
C GLU A 346 -35.53 27.11 -10.25
N LYS A 347 -35.46 26.20 -11.22
CA LYS A 347 -36.27 26.32 -12.40
C LYS A 347 -37.74 26.01 -12.04
N SER A 348 -38.68 26.51 -12.83
CA SER A 348 -40.12 26.31 -12.54
C SER A 348 -40.53 24.91 -12.95
N CYS A 349 -40.43 24.60 -14.23
CA CYS A 349 -40.93 23.31 -14.75
C CYS A 349 -39.82 22.25 -15.01
N GLN A 350 -40.28 20.98 -15.06
CA GLN A 350 -39.47 19.80 -15.37
C GLN A 350 -39.85 19.21 -16.75
N GLY A 351 -39.99 20.10 -17.75
CA GLY A 351 -39.92 19.71 -19.16
C GLY A 351 -38.58 19.00 -19.40
N PRO A 352 -38.57 17.91 -20.19
CA PRO A 352 -37.37 17.11 -20.29
C PRO A 352 -36.17 17.76 -21.03
N ARG A 353 -36.44 18.67 -21.96
CA ARG A 353 -35.37 19.37 -22.69
C ARG A 353 -35.92 20.74 -23.03
N MET A 354 -35.10 21.77 -22.81
CA MET A 354 -35.47 23.17 -23.03
C MET A 354 -34.53 23.97 -23.92
N SER A 355 -35.10 25.01 -24.53
CA SER A 355 -34.37 26.09 -25.15
C SER A 355 -34.85 27.40 -24.54
N THR A 356 -34.31 27.75 -23.38
CA THR A 356 -34.65 28.96 -22.68
C THR A 356 -33.37 29.57 -22.18
N GLY A 357 -32.46 29.89 -23.10
CA GLY A 357 -31.25 30.61 -22.79
C GLY A 357 -30.20 29.64 -22.29
N PRO A 358 -29.02 30.15 -21.94
CA PRO A 358 -28.00 29.25 -21.37
C PRO A 358 -28.53 28.44 -20.18
N ASP A 359 -28.15 27.17 -20.09
CA ASP A 359 -28.75 26.23 -19.10
C ASP A 359 -28.09 26.48 -17.74
N ILE A 360 -28.87 27.00 -16.80
CA ILE A 360 -28.28 27.46 -15.54
C ILE A 360 -27.85 26.29 -14.62
N HIS A 361 -28.44 25.12 -14.83
CA HIS A 361 -27.93 23.90 -14.19
C HIS A 361 -26.44 23.67 -14.38
N HIS A 362 -25.94 23.92 -15.58
CA HIS A 362 -24.50 23.86 -15.80
C HIS A 362 -23.64 24.98 -15.21
N PHE A 363 -24.25 26.02 -14.66
CA PHE A 363 -23.48 27.05 -13.94
C PHE A 363 -23.15 26.52 -12.58
N ILE A 364 -24.01 25.63 -12.10
CA ILE A 364 -23.95 25.07 -10.75
C ILE A 364 -23.17 23.76 -10.73
N MET A 365 -23.43 22.90 -11.73
CA MET A 365 -22.72 21.67 -11.91
C MET A 365 -21.24 21.97 -12.12
N GLY A 366 -20.42 21.35 -11.30
CA GLY A 366 -19.02 21.60 -11.31
C GLY A 366 -18.67 22.80 -10.47
N SER A 367 -19.60 23.42 -9.74
CA SER A 367 -19.24 24.66 -8.97
C SER A 367 -18.40 24.45 -7.70
N GLU A 368 -18.27 23.19 -7.23
CA GLU A 368 -17.33 22.82 -6.13
C GLU A 368 -17.47 23.64 -4.80
N GLY A 369 -18.71 23.81 -4.39
CA GLY A 369 -19.02 24.55 -3.15
C GLY A 369 -18.70 26.04 -3.11
N THR A 370 -18.51 26.69 -4.23
CA THR A 370 -18.11 28.10 -4.22
C THR A 370 -19.28 29.04 -4.34
N LEU A 371 -20.47 28.49 -4.51
CA LEU A 371 -21.64 29.29 -4.89
C LEU A 371 -22.83 29.21 -3.93
N GLY A 372 -22.98 28.08 -3.27
CA GLY A 372 -24.10 27.89 -2.39
C GLY A 372 -24.21 26.41 -2.17
N VAL A 373 -25.26 26.06 -1.45
CA VAL A 373 -25.59 24.69 -1.13
C VAL A 373 -26.69 24.18 -2.04
N ILE A 374 -26.38 23.07 -2.70
CA ILE A 374 -27.40 22.33 -3.44
C ILE A 374 -28.11 21.60 -2.35
N THR A 375 -29.43 21.75 -2.30
CA THR A 375 -30.23 21.18 -1.23
C THR A 375 -31.08 20.03 -1.66
N GLU A 376 -31.56 20.06 -2.90
CA GLU A 376 -32.42 19.03 -3.41
C GLU A 376 -32.14 18.91 -4.89
N ALA A 377 -32.38 17.73 -5.44
CA ALA A 377 -32.13 17.48 -6.85
C ALA A 377 -33.06 16.42 -7.33
N THR A 378 -33.45 16.48 -8.60
CA THR A 378 -34.28 15.48 -9.23
C THR A 378 -33.38 14.77 -10.21
N ILE A 379 -33.43 13.45 -10.16
CA ILE A 379 -32.53 12.59 -10.84
C ILE A 379 -33.30 11.50 -11.54
N LYS A 380 -32.85 11.17 -12.74
CA LYS A 380 -33.50 10.15 -13.56
C LYS A 380 -33.31 8.80 -12.92
N ILE A 381 -34.33 7.95 -13.00
CA ILE A 381 -34.21 6.59 -12.48
C ILE A 381 -34.64 5.61 -13.50
N ARG A 382 -34.30 4.35 -13.27
CA ARG A 382 -34.57 3.26 -14.20
C ARG A 382 -35.09 2.05 -13.48
N PRO A 383 -35.91 1.20 -14.14
CA PRO A 383 -36.19 -0.12 -13.55
C PRO A 383 -34.88 -0.81 -13.17
N THR A 384 -34.80 -1.41 -12.01
CA THR A 384 -33.63 -2.21 -11.66
C THR A 384 -33.35 -3.26 -12.78
N PRO A 385 -32.06 -3.47 -13.15
CA PRO A 385 -31.83 -4.42 -14.25
C PRO A 385 -32.23 -5.84 -13.84
N GLU A 386 -32.84 -6.57 -14.77
CA GLU A 386 -33.28 -7.97 -14.56
C GLU A 386 -32.08 -8.90 -14.38
N TYR A 387 -31.00 -8.67 -15.11
CA TYR A 387 -29.86 -9.59 -15.19
C TYR A 387 -28.56 -8.83 -15.37
N GLN A 388 -27.48 -9.27 -14.73
CA GLN A 388 -26.15 -8.74 -14.92
C GLN A 388 -25.22 -9.87 -15.33
N LYS A 389 -24.18 -9.53 -16.08
CA LYS A 389 -23.25 -10.53 -16.57
C LYS A 389 -21.89 -9.93 -16.63
N TYR A 390 -20.93 -10.60 -16.01
CA TYR A 390 -19.54 -10.18 -16.03
C TYR A 390 -18.81 -10.91 -17.10
N GLY A 391 -17.71 -10.30 -17.54
CA GLY A 391 -16.83 -10.90 -18.51
C GLY A 391 -15.46 -10.29 -18.48
N SER A 392 -14.57 -10.84 -19.28
CA SER A 392 -13.21 -10.34 -19.41
C SER A 392 -12.61 -10.86 -20.67
N VAL A 393 -11.74 -10.04 -21.28
CA VAL A 393 -11.05 -10.33 -22.54
C VAL A 393 -9.59 -9.95 -22.41
N ALA A 394 -8.70 -10.80 -22.96
CA ALA A 394 -7.28 -10.51 -22.97
C ALA A 394 -6.86 -10.23 -24.36
N PHE A 395 -5.97 -9.25 -24.49
CA PHE A 395 -5.40 -8.81 -25.76
C PHE A 395 -3.88 -8.98 -25.65
N PRO A 396 -3.22 -9.19 -26.81
CA PRO A 396 -1.74 -9.29 -26.83
C PRO A 396 -1.00 -8.16 -26.13
N ASN A 397 -1.56 -6.95 -26.22
CA ASN A 397 -0.95 -5.79 -25.60
C ASN A 397 -1.96 -4.66 -25.41
N PHE A 398 -1.52 -3.67 -24.69
CA PHE A 398 -2.34 -2.53 -24.36
C PHE A 398 -2.89 -1.76 -25.57
N GLU A 399 -2.03 -1.59 -26.56
CA GLU A 399 -2.33 -0.89 -27.82
C GLU A 399 -3.48 -1.59 -28.60
N GLN A 400 -3.46 -2.90 -28.59
CA GLN A 400 -4.46 -3.69 -29.24
C GLN A 400 -5.81 -3.54 -28.48
N GLY A 401 -5.69 -3.53 -27.16
CA GLY A 401 -6.85 -3.31 -26.32
C GLY A 401 -7.49 -1.95 -26.60
N VAL A 402 -6.64 -0.94 -26.69
CA VAL A 402 -7.16 0.42 -26.87
C VAL A 402 -7.91 0.49 -28.19
N ALA A 403 -7.34 -0.13 -29.23
CA ALA A 403 -7.96 -0.14 -30.53
C ALA A 403 -9.28 -0.88 -30.51
N CYS A 404 -9.37 -1.97 -29.76
CA CYS A 404 -10.66 -2.65 -29.61
C CYS A 404 -11.73 -1.73 -28.93
N LEU A 405 -11.40 -1.15 -27.78
CA LEU A 405 -12.29 -0.18 -27.12
C LEU A 405 -12.72 0.97 -28.07
N ARG A 406 -11.77 1.49 -28.83
CA ARG A 406 -12.06 2.49 -29.84
C ARG A 406 -13.13 2.01 -30.83
N GLU A 407 -13.03 0.77 -31.25
CA GLU A 407 -13.93 0.23 -32.23
C GLU A 407 -15.30 -0.02 -31.60
N ILE A 408 -15.30 -0.40 -30.32
CA ILE A 408 -16.54 -0.59 -29.59
C ILE A 408 -17.25 0.75 -29.45
N ALA A 409 -16.49 1.77 -29.10
CA ALA A 409 -17.00 3.15 -29.06
C ALA A 409 -17.59 3.56 -30.43
N LYS A 410 -16.86 3.25 -31.50
CA LYS A 410 -17.23 3.59 -32.85
C LYS A 410 -18.52 2.95 -33.33
N GLN A 411 -18.74 1.70 -32.91
CA GLN A 411 -20.01 1.05 -33.20
C GLN A 411 -21.09 1.39 -32.16
N ARG A 412 -20.77 2.20 -31.15
CA ARG A 412 -21.68 2.59 -30.10
C ARG A 412 -22.32 1.39 -29.44
N CYS A 413 -21.52 0.41 -29.05
CA CYS A 413 -22.12 -0.70 -28.33
C CYS A 413 -21.31 -1.02 -27.09
N ALA A 414 -20.79 0.01 -26.43
CA ALA A 414 -20.09 -0.22 -25.19
C ALA A 414 -21.05 -0.90 -24.16
N PRO A 415 -20.53 -1.78 -23.28
CA PRO A 415 -21.40 -2.36 -22.29
C PRO A 415 -21.57 -1.35 -21.18
N ALA A 416 -22.35 -1.71 -20.16
CA ALA A 416 -22.56 -0.86 -19.01
C ALA A 416 -21.22 -0.39 -18.46
N SER A 417 -20.26 -1.30 -18.38
CA SER A 417 -18.93 -0.90 -18.08
C SER A 417 -17.90 -1.74 -18.82
N ILE A 418 -16.88 -1.04 -19.34
CA ILE A 418 -15.72 -1.66 -19.91
C ILE A 418 -14.48 -0.89 -19.51
N ARG A 419 -13.52 -1.64 -19.01
CA ARG A 419 -12.25 -1.09 -18.54
C ARG A 419 -11.10 -1.94 -19.00
N LEU A 420 -10.06 -1.28 -19.48
CA LEU A 420 -8.90 -1.96 -20.02
C LEU A 420 -7.74 -1.67 -19.09
N MET A 421 -7.22 -2.69 -18.46
CA MET A 421 -6.05 -2.52 -17.60
C MET A 421 -4.71 -2.89 -18.26
N ASP A 422 -3.67 -2.17 -17.91
CA ASP A 422 -2.37 -2.51 -18.48
C ASP A 422 -1.84 -3.82 -17.88
N ASN A 423 -0.64 -4.20 -18.27
CA ASN A 423 -0.07 -5.46 -17.78
C ASN A 423 0.15 -5.49 -16.26
N GLN A 424 0.71 -4.42 -15.68
CA GLN A 424 0.94 -4.41 -14.24
C GLN A 424 -0.34 -4.69 -13.46
N GLN A 425 -1.45 -4.05 -13.84
CA GLN A 425 -2.74 -4.27 -13.16
C GLN A 425 -3.23 -5.71 -13.39
N PHE A 426 -3.01 -6.24 -14.57
CA PHE A 426 -3.35 -7.65 -14.78
C PHE A 426 -2.58 -8.55 -13.78
N GLN A 427 -1.30 -8.25 -13.55
CA GLN A 427 -0.46 -9.03 -12.65
C GLN A 427 -0.85 -8.88 -11.20
N PHE A 428 -1.17 -7.65 -10.83
CA PHE A 428 -1.69 -7.34 -9.51
C PHE A 428 -2.95 -8.14 -9.20
N GLY A 429 -3.83 -8.23 -10.19
CA GLY A 429 -5.05 -8.98 -10.05
C GLY A 429 -4.72 -10.45 -9.86
N HIS A 430 -3.72 -10.93 -10.61
CA HIS A 430 -3.30 -12.32 -10.42
C HIS A 430 -2.80 -12.51 -8.98
N ALA A 431 -2.10 -11.51 -8.44
CA ALA A 431 -1.54 -11.57 -7.09
C ALA A 431 -2.54 -11.56 -5.96
N LEU A 432 -3.84 -11.41 -6.24
CA LEU A 432 -4.92 -11.55 -5.25
C LEU A 432 -5.69 -12.88 -5.30
N LYS A 433 -5.27 -13.83 -6.11
CA LYS A 433 -5.98 -15.10 -6.24
C LYS A 433 -5.70 -16.01 -5.03
N PRO A 434 -6.54 -17.04 -4.79
CA PRO A 434 -6.33 -17.80 -3.54
C PRO A 434 -5.28 -18.91 -3.59
N GLN A 435 -4.71 -19.22 -4.78
CA GLN A 435 -3.78 -20.37 -4.93
C GLN A 435 -2.46 -20.06 -4.22
N VAL A 436 -2.01 -20.95 -3.33
CA VAL A 436 -0.79 -20.67 -2.56
C VAL A 436 0.43 -21.17 -3.31
N SER A 437 1.34 -20.25 -3.60
CA SER A 437 2.54 -20.58 -4.36
C SER A 437 3.55 -21.30 -3.48
N SER A 438 4.33 -22.17 -4.13
CA SER A 438 5.59 -22.66 -3.57
C SER A 438 6.51 -21.45 -3.31
N ILE A 439 7.21 -21.45 -2.18
CA ILE A 439 8.17 -20.38 -1.91
C ILE A 439 9.42 -20.45 -2.81
N PHE A 440 9.56 -21.53 -3.59
CA PHE A 440 10.69 -21.74 -4.51
C PHE A 440 10.38 -21.50 -6.00
N THR A 441 9.17 -21.06 -6.32
CA THR A 441 8.85 -20.64 -7.68
C THR A 441 8.39 -19.18 -7.62
N SER A 442 9.07 -18.32 -8.39
CA SER A 442 8.76 -16.88 -8.45
C SER A 442 7.29 -16.55 -8.80
N PHE A 443 6.85 -15.36 -8.43
CA PHE A 443 5.57 -14.84 -8.90
C PHE A 443 5.37 -15.11 -10.41
N LEU A 444 6.31 -14.61 -11.21
CA LEU A 444 6.26 -14.63 -12.69
C LEU A 444 6.20 -16.04 -13.33
N ASP A 445 6.91 -16.99 -12.75
CA ASP A 445 6.84 -18.37 -13.25
C ASP A 445 5.51 -19.08 -13.00
N GLY A 446 4.88 -18.87 -11.84
CA GLY A 446 3.51 -19.35 -11.62
C GLY A 446 2.52 -18.70 -12.61
N LEU A 447 2.77 -17.43 -12.91
CA LEU A 447 1.94 -16.66 -13.84
C LEU A 447 2.02 -17.22 -15.28
N LYS A 448 3.25 -17.32 -15.80
CA LYS A 448 3.57 -17.95 -17.09
C LYS A 448 2.90 -19.29 -17.29
N LYS A 449 3.16 -20.23 -16.39
CA LYS A 449 2.51 -21.54 -16.41
C LYS A 449 0.99 -21.48 -16.27
N PHE A 450 0.49 -20.60 -15.42
CA PHE A 450 -0.96 -20.49 -15.25
C PHE A 450 -1.64 -20.20 -16.60
N TYR A 451 -1.05 -19.32 -17.40
CA TYR A 451 -1.67 -18.79 -18.62
C TYR A 451 -1.03 -19.34 -19.90
N ILE A 452 -0.29 -20.45 -19.79
CA ILE A 452 0.42 -21.03 -20.92
C ILE A 452 -0.56 -21.77 -21.83
N THR A 453 -1.39 -22.64 -21.29
CA THR A 453 -2.43 -23.33 -22.08
C THR A 453 -3.51 -22.30 -22.43
N LYS A 454 -3.94 -21.52 -21.43
CA LYS A 454 -5.07 -20.59 -21.56
C LYS A 454 -4.86 -19.52 -22.64
N PHE A 455 -3.77 -18.62 -22.46
CA PHE A 455 -3.49 -17.56 -23.42
C PHE A 455 -2.32 -17.81 -24.34
N LYS A 456 -2.54 -18.66 -25.30
CA LYS A 456 -1.49 -19.00 -26.24
C LYS A 456 -0.95 -17.90 -27.17
N GLY A 457 0.38 -17.92 -27.14
CA GLY A 457 1.21 -17.04 -27.89
C GLY A 457 1.22 -15.68 -27.30
N PHE A 458 0.39 -15.57 -26.17
CA PHE A 458 0.39 -14.24 -25.56
C PHE A 458 1.60 -14.12 -24.65
N ASP A 459 2.33 -13.02 -24.79
CA ASP A 459 3.38 -12.66 -23.87
C ASP A 459 2.73 -12.24 -22.52
N PRO A 460 3.10 -12.95 -21.44
CA PRO A 460 2.47 -12.63 -20.15
C PRO A 460 2.89 -11.30 -19.52
N ASN A 461 3.99 -10.68 -19.98
CA ASN A 461 4.41 -9.38 -19.42
C ASN A 461 4.07 -8.19 -20.38
N GLN A 462 3.38 -8.51 -21.47
CA GLN A 462 2.80 -7.56 -22.40
C GLN A 462 1.25 -7.53 -22.44
N LEU A 463 0.58 -8.61 -22.07
CA LEU A 463 -0.85 -8.69 -22.32
C LEU A 463 -1.67 -7.73 -21.45
N SER A 464 -2.87 -7.44 -21.93
CA SER A 464 -3.77 -6.54 -21.21
C SER A 464 -5.12 -7.18 -21.23
N VAL A 465 -5.97 -6.77 -20.29
CA VAL A 465 -7.22 -7.41 -20.02
C VAL A 465 -8.30 -6.35 -19.91
N ALA A 466 -9.37 -6.53 -20.66
CA ALA A 466 -10.60 -5.74 -20.45
C ALA A 466 -11.53 -6.49 -19.54
N THR A 467 -12.08 -5.83 -18.52
CA THR A 467 -13.13 -6.39 -17.68
C THR A 467 -14.42 -5.80 -18.19
N LEU A 468 -15.52 -6.50 -18.03
CA LEU A 468 -16.78 -6.08 -18.64
C LEU A 468 -17.93 -6.39 -17.74
N LEU A 469 -18.87 -5.47 -17.71
CA LEU A 469 -20.16 -5.70 -17.06
C LEU A 469 -21.32 -5.28 -17.97
N PHE A 470 -22.30 -6.18 -18.11
CA PHE A 470 -23.48 -5.98 -18.91
C PHE A 470 -24.65 -6.11 -17.99
N GLU A 471 -25.68 -5.27 -18.20
CA GLU A 471 -26.94 -5.38 -17.47
C GLU A 471 -28.13 -4.86 -18.24
N GLY A 472 -29.33 -5.27 -17.84
CA GLY A 472 -30.56 -5.07 -18.60
C GLY A 472 -31.30 -6.40 -18.60
N ASP A 473 -32.18 -6.58 -19.59
CA ASP A 473 -32.93 -7.81 -19.79
C ASP A 473 -32.03 -8.93 -20.27
N ARG A 474 -32.17 -10.10 -19.65
CA ARG A 474 -31.30 -11.23 -19.93
C ARG A 474 -31.01 -11.43 -21.41
N GLU A 475 -32.06 -11.44 -22.24
CA GLU A 475 -31.94 -11.76 -23.68
C GLU A 475 -31.12 -10.70 -24.40
N LYS A 476 -31.45 -9.44 -24.14
CA LYS A 476 -30.66 -8.29 -24.63
C LYS A 476 -29.22 -8.37 -24.19
N VAL A 477 -28.99 -8.63 -22.91
CA VAL A 477 -27.62 -8.63 -22.38
C VAL A 477 -26.74 -9.67 -23.11
N LEU A 478 -27.31 -10.87 -23.29
CA LEU A 478 -26.57 -11.96 -23.90
C LEU A 478 -26.32 -11.71 -25.36
N GLN A 479 -27.27 -11.12 -26.08
CA GLN A 479 -27.03 -10.65 -27.45
C GLN A 479 -25.83 -9.69 -27.52
N HIS A 480 -25.85 -8.68 -26.66
CA HIS A 480 -24.86 -7.63 -26.65
C HIS A 480 -23.51 -8.17 -26.27
N GLU A 481 -23.48 -9.13 -25.36
CA GLU A 481 -22.22 -9.77 -24.99
C GLU A 481 -21.50 -10.41 -26.19
N LYS A 482 -22.26 -11.15 -26.99
CA LYS A 482 -21.73 -11.82 -28.19
C LYS A 482 -21.20 -10.80 -29.17
N GLN A 483 -22.00 -9.76 -29.42
CA GLN A 483 -21.54 -8.66 -30.26
C GLN A 483 -20.17 -8.12 -29.81
N VAL A 484 -20.03 -7.83 -28.53
CA VAL A 484 -18.80 -7.26 -28.01
C VAL A 484 -17.64 -8.26 -28.07
N TYR A 485 -17.87 -9.50 -27.67
CA TYR A 485 -16.83 -10.56 -27.83
C TYR A 485 -16.43 -10.77 -29.30
N ASP A 486 -17.39 -10.70 -30.23
CA ASP A 486 -17.03 -10.78 -31.66
C ASP A 486 -16.19 -9.62 -32.18
N ILE A 487 -16.45 -8.38 -31.76
CA ILE A 487 -15.57 -7.26 -32.14
C ILE A 487 -14.15 -7.46 -31.57
N ALA A 488 -14.07 -7.77 -30.28
CA ALA A 488 -12.77 -7.95 -29.61
C ALA A 488 -11.94 -9.05 -30.26
N ALA A 489 -12.60 -10.13 -30.71
CA ALA A 489 -11.89 -11.21 -31.43
C ALA A 489 -11.04 -10.69 -32.61
N LYS A 490 -11.57 -9.70 -33.34
CA LYS A 490 -10.86 -9.05 -34.44
C LYS A 490 -9.58 -8.28 -34.04
N PHE A 491 -9.38 -8.00 -32.76
CA PHE A 491 -8.16 -7.35 -32.31
C PHE A 491 -7.25 -8.29 -31.54
N GLY A 492 -7.44 -9.59 -31.74
CA GLY A 492 -6.61 -10.57 -31.06
C GLY A 492 -7.22 -10.94 -29.74
N GLY A 493 -8.40 -10.43 -29.40
CA GLY A 493 -8.95 -10.63 -28.06
C GLY A 493 -9.38 -12.07 -27.84
N LEU A 494 -9.11 -12.61 -26.66
CA LEU A 494 -9.49 -13.98 -26.28
C LEU A 494 -10.25 -13.89 -24.95
N ALA A 495 -11.35 -14.64 -24.87
CA ALA A 495 -12.27 -14.56 -23.75
C ALA A 495 -11.56 -15.15 -22.55
N ALA A 496 -11.44 -14.35 -21.47
CA ALA A 496 -10.60 -14.66 -20.29
C ALA A 496 -11.40 -15.00 -19.03
N GLY A 497 -12.72 -15.21 -19.16
CA GLY A 497 -13.57 -15.70 -18.08
C GLY A 497 -14.36 -14.69 -17.24
N GLU A 498 -15.60 -15.05 -16.92
CA GLU A 498 -16.43 -14.17 -16.12
C GLU A 498 -15.85 -13.90 -14.72
N ASP A 499 -15.05 -14.84 -14.23
CA ASP A 499 -14.40 -14.75 -12.91
C ASP A 499 -13.46 -13.59 -12.79
N ASN A 500 -12.50 -13.45 -13.70
CA ASN A 500 -11.71 -12.22 -13.75
C ASN A 500 -12.64 -10.99 -13.72
N GLY A 501 -13.69 -11.03 -14.53
CA GLY A 501 -14.62 -9.94 -14.64
C GLY A 501 -15.21 -9.56 -13.32
N GLN A 502 -15.86 -10.51 -12.69
CA GLN A 502 -16.54 -10.26 -11.44
C GLN A 502 -15.54 -9.77 -10.40
N ARG A 503 -14.38 -10.42 -10.34
CA ARG A 503 -13.28 -10.03 -9.42
C ARG A 503 -12.84 -8.57 -9.55
N GLY A 504 -12.63 -8.10 -10.77
CA GLY A 504 -12.21 -6.72 -11.00
C GLY A 504 -13.23 -5.77 -10.44
N TYR A 505 -14.50 -6.07 -10.68
CA TYR A 505 -15.58 -5.23 -10.22
C TYR A 505 -15.77 -5.12 -8.70
N LEU A 506 -15.62 -6.19 -7.97
CA LEU A 506 -15.67 -6.16 -6.50
C LEU A 506 -14.47 -5.43 -5.88
N LEU A 507 -13.30 -5.72 -6.42
CA LEU A 507 -12.07 -5.10 -5.98
C LEU A 507 -12.10 -3.55 -5.98
N THR A 508 -12.98 -2.96 -6.79
CA THR A 508 -13.03 -1.53 -6.96
C THR A 508 -13.28 -0.81 -5.64
N TYR A 509 -14.11 -1.40 -4.78
CA TYR A 509 -14.46 -0.78 -3.49
C TYR A 509 -13.43 -1.01 -2.36
N VAL A 510 -12.43 -1.85 -2.61
CA VAL A 510 -11.44 -2.26 -1.59
C VAL A 510 -10.09 -1.62 -1.79
N ILE A 511 -9.82 -1.23 -3.01
CA ILE A 511 -8.54 -0.65 -3.37
C ILE A 511 -8.20 0.58 -2.52
N ALA A 512 -9.22 1.38 -2.20
CA ALA A 512 -8.99 2.61 -1.44
C ALA A 512 -8.46 2.34 -0.03
N TYR A 513 -8.68 1.11 0.49
CA TYR A 513 -8.14 0.66 1.78
C TYR A 513 -6.66 0.35 1.75
N MET A 514 -6.10 0.23 0.55
CA MET A 514 -4.70 -0.11 0.38
C MET A 514 -3.75 1.02 0.68
N ARG A 515 -4.24 2.26 0.70
CA ARG A 515 -3.42 3.39 1.09
C ARG A 515 -2.92 3.23 2.49
N ASP A 516 -3.85 2.95 3.39
CA ASP A 516 -3.54 2.75 4.79
C ASP A 516 -2.55 1.60 4.99
N LEU A 517 -2.76 0.50 4.27
CA LEU A 517 -1.81 -0.58 4.27
C LEU A 517 -0.44 -0.09 3.84
N GLY A 518 -0.41 0.57 2.69
CA GLY A 518 0.83 1.12 2.16
C GLY A 518 1.52 2.04 3.14
N LEU A 519 0.76 2.87 3.82
CA LEU A 519 1.33 3.86 4.74
C LEU A 519 2.10 3.28 5.93
N GLU A 520 1.60 2.16 6.46
CA GLU A 520 2.29 1.44 7.52
C GLU A 520 3.62 0.86 7.09
N TYR A 521 3.81 0.67 5.78
CA TYR A 521 5.04 0.09 5.23
C TYR A 521 5.80 1.02 4.32
N TYR A 522 5.81 2.31 4.65
CA TYR A 522 6.61 3.31 3.92
C TYR A 522 6.34 3.41 2.43
N ILE A 523 5.09 3.17 2.03
CA ILE A 523 4.65 3.25 0.63
C ILE A 523 3.58 4.32 0.53
N ILE A 524 3.87 5.39 -0.23
CA ILE A 524 2.87 6.43 -0.49
C ILE A 524 2.46 6.41 -1.96
N GLY A 525 1.30 6.98 -2.24
CA GLY A 525 0.83 7.12 -3.62
C GLY A 525 -0.54 7.74 -3.71
N GLU A 526 -1.08 7.74 -4.93
CA GLU A 526 -2.35 8.37 -5.23
C GLU A 526 -2.76 8.00 -6.64
N SER A 527 -4.06 7.92 -6.86
CA SER A 527 -4.60 7.80 -8.19
C SER A 527 -4.80 9.19 -8.79
N PHE A 528 -4.70 9.28 -10.12
CA PHE A 528 -5.12 10.50 -10.87
C PHE A 528 -5.62 10.13 -12.27
N GLU A 529 -6.25 11.10 -12.90
CA GLU A 529 -6.93 10.87 -14.12
C GLU A 529 -6.98 12.07 -15.06
N THR A 530 -7.23 11.72 -16.33
CA THR A 530 -7.50 12.67 -17.38
C THR A 530 -8.50 12.04 -18.37
N SER A 531 -8.97 12.88 -19.28
CA SER A 531 -9.63 12.40 -20.49
C SER A 531 -8.86 12.92 -21.68
N ALA A 532 -8.82 12.11 -22.73
CA ALA A 532 -8.11 12.49 -23.94
C ALA A 532 -8.77 11.99 -25.19
N PRO A 533 -8.54 12.70 -26.32
CA PRO A 533 -9.03 12.17 -27.61
C PRO A 533 -8.47 10.79 -27.92
N TRP A 534 -9.21 10.00 -28.66
CA TRP A 534 -8.80 8.62 -29.01
C TRP A 534 -7.41 8.58 -29.55
N ASP A 535 -7.08 9.55 -30.42
CA ASP A 535 -5.76 9.55 -31.09
C ASP A 535 -4.53 9.87 -30.19
N ARG A 536 -4.74 10.34 -28.96
CA ARG A 536 -3.67 10.63 -28.00
C ARG A 536 -3.46 9.61 -26.88
N VAL A 537 -4.40 8.67 -26.72
CA VAL A 537 -4.43 7.78 -25.52
C VAL A 537 -3.14 6.95 -25.32
N VAL A 538 -2.72 6.25 -26.35
CA VAL A 538 -1.58 5.36 -26.21
C VAL A 538 -0.29 6.12 -25.92
N ASP A 539 -0.03 7.19 -26.66
CA ASP A 539 1.17 7.99 -26.40
C ASP A 539 1.10 8.64 -25.02
N LEU A 540 -0.10 9.12 -24.67
CA LEU A 540 -0.29 9.80 -23.39
C LEU A 540 0.06 8.86 -22.24
N CYS A 541 -0.49 7.64 -22.26
CA CYS A 541 -0.24 6.66 -21.18
C CYS A 541 1.24 6.36 -21.09
N ARG A 542 1.86 6.03 -22.23
CA ARG A 542 3.29 5.72 -22.30
C ARG A 542 4.15 6.87 -21.80
N ASN A 543 3.90 8.08 -22.28
CA ASN A 543 4.75 9.20 -21.84
C ASN A 543 4.52 9.65 -20.41
N VAL A 544 3.30 9.45 -19.94
CA VAL A 544 2.99 9.83 -18.56
C VAL A 544 3.70 8.88 -17.57
N LYS A 545 3.60 7.59 -17.86
CA LYS A 545 4.32 6.54 -17.12
C LYS A 545 5.82 6.75 -17.09
N GLU A 546 6.39 7.06 -18.24
CA GLU A 546 7.82 7.33 -18.35
C GLU A 546 8.22 8.65 -17.70
N ARG A 547 7.34 9.65 -17.72
CA ARG A 547 7.64 10.90 -17.01
C ARG A 547 7.75 10.63 -15.51
N ILE A 548 6.82 9.83 -14.99
CA ILE A 548 6.87 9.42 -13.59
C ILE A 548 8.19 8.70 -13.21
N ARG A 549 8.65 7.77 -14.05
CA ARG A 549 9.97 7.12 -13.83
C ARG A 549 11.12 8.11 -13.74
N ARG A 550 11.26 8.88 -14.80
CA ARG A 550 12.33 9.86 -14.88
C ARG A 550 12.37 10.79 -13.65
N GLU A 551 11.22 11.30 -13.24
CA GLU A 551 11.15 12.26 -12.14
C GLU A 551 11.41 11.64 -10.78
N CYS A 552 11.08 10.36 -10.63
CA CYS A 552 11.34 9.64 -9.38
C CYS A 552 12.84 9.33 -9.27
N LYS A 553 13.43 8.89 -10.38
CA LYS A 553 14.86 8.63 -10.44
C LYS A 553 15.64 9.88 -10.10
N GLU A 554 15.27 10.99 -10.72
CA GLU A 554 15.93 12.28 -10.51
C GLU A 554 15.77 12.85 -9.10
N LYS A 555 14.68 12.53 -8.41
CA LYS A 555 14.48 13.02 -7.04
C LYS A 555 15.09 12.12 -5.95
N GLY A 556 15.67 10.99 -6.32
CA GLY A 556 16.33 10.08 -5.37
C GLY A 556 15.60 8.80 -4.96
N VAL A 557 14.36 8.63 -5.41
CA VAL A 557 13.60 7.40 -5.14
C VAL A 557 14.45 6.22 -5.61
N GLN A 558 14.69 5.26 -4.73
CA GLN A 558 15.63 4.17 -5.02
C GLN A 558 15.07 3.11 -5.95
N PHE A 559 13.76 2.92 -5.95
CA PHE A 559 13.18 1.90 -6.81
C PHE A 559 12.26 2.54 -7.84
N PRO A 560 12.24 1.96 -9.07
CA PRO A 560 11.33 2.53 -10.06
C PRO A 560 9.89 2.44 -9.54
N PRO A 561 9.15 3.54 -9.57
CA PRO A 561 7.80 3.57 -8.98
C PRO A 561 6.81 2.64 -9.65
N LEU A 562 5.81 2.18 -8.89
CA LEU A 562 4.63 1.60 -9.54
C LEU A 562 3.95 2.74 -10.30
N SER A 563 3.62 2.46 -11.55
CA SER A 563 3.19 3.48 -12.49
C SER A 563 2.36 2.75 -13.51
N THR A 564 1.06 2.71 -13.27
CA THR A 564 0.17 1.86 -14.04
C THR A 564 -1.09 2.62 -14.43
N CYS A 565 -1.77 2.16 -15.46
CA CYS A 565 -2.93 2.86 -15.93
C CYS A 565 -3.97 1.93 -16.49
N ARG A 566 -5.18 2.47 -16.52
CA ARG A 566 -6.25 1.85 -17.20
C ARG A 566 -7.24 2.83 -17.77
N VAL A 567 -7.95 2.35 -18.77
CA VAL A 567 -8.96 3.09 -19.49
C VAL A 567 -10.25 2.71 -18.81
N THR A 568 -10.90 3.69 -18.18
CA THR A 568 -12.09 3.47 -17.39
C THR A 568 -13.40 3.85 -18.07
N GLN A 569 -13.34 4.73 -19.05
CA GLN A 569 -14.55 5.13 -19.78
C GLN A 569 -14.19 5.43 -21.23
N THR A 570 -15.15 5.14 -22.10
CA THR A 570 -15.08 5.41 -23.51
C THR A 570 -16.18 6.36 -23.81
N TYR A 571 -15.87 7.26 -24.74
CA TYR A 571 -16.79 8.17 -25.36
C TYR A 571 -16.61 8.14 -26.87
N ASP A 572 -17.51 8.82 -27.56
CA ASP A 572 -17.36 9.04 -28.98
C ASP A 572 -16.02 9.68 -29.24
N ALA A 573 -15.68 10.76 -28.54
CA ALA A 573 -14.49 11.54 -28.91
C ALA A 573 -13.18 11.12 -28.20
N GLY A 574 -13.26 10.16 -27.28
CA GLY A 574 -12.09 9.71 -26.58
C GLY A 574 -12.33 8.81 -25.37
N ALA A 575 -11.49 8.98 -24.35
CA ALA A 575 -11.47 8.08 -23.23
C ALA A 575 -11.04 8.75 -21.94
N CYS A 576 -11.47 8.16 -20.82
CA CYS A 576 -10.92 8.44 -19.50
C CYS A 576 -9.77 7.49 -19.22
N ILE A 577 -8.61 8.05 -18.90
CA ILE A 577 -7.46 7.25 -18.48
C ILE A 577 -7.23 7.57 -17.02
N TYR A 578 -7.07 6.49 -16.27
CA TYR A 578 -6.94 6.55 -14.84
C TYR A 578 -5.61 5.84 -14.44
N PHE A 579 -4.80 6.54 -13.66
CA PHE A 579 -3.40 6.13 -13.34
C PHE A 579 -3.26 5.92 -11.85
N TYR A 580 -2.36 5.02 -11.50
CA TYR A 580 -1.90 4.87 -10.11
C TYR A 580 -0.42 5.10 -10.12
N PHE A 581 0.04 5.72 -9.07
CA PHE A 581 1.39 6.11 -8.91
C PHE A 581 1.70 5.78 -7.46
N ALA A 582 2.80 5.06 -7.22
CA ALA A 582 3.16 4.67 -5.86
C ALA A 582 4.67 4.41 -5.74
N PHE A 583 5.24 4.73 -4.58
CA PHE A 583 6.63 4.41 -4.31
C PHE A 583 6.98 4.27 -2.82
N ASN A 584 8.11 3.60 -2.64
CA ASN A 584 8.76 3.46 -1.34
C ASN A 584 9.51 4.72 -1.10
N TYR A 585 9.16 5.44 -0.03
CA TYR A 585 9.91 6.68 0.28
C TYR A 585 11.17 6.57 1.17
N ARG A 586 11.63 5.33 1.40
CA ARG A 586 12.88 5.08 2.12
C ARG A 586 14.10 5.73 1.45
N GLY A 587 14.89 6.42 2.25
CA GLY A 587 16.02 7.18 1.76
C GLY A 587 15.72 8.65 1.52
N ILE A 588 14.43 9.04 1.38
CA ILE A 588 14.05 10.38 0.89
C ILE A 588 13.97 11.42 2.01
N SER A 589 14.65 12.53 1.80
CA SER A 589 14.62 13.71 2.69
C SER A 589 13.18 14.09 3.01
N ASP A 590 12.44 14.42 1.97
CA ASP A 590 11.12 15.01 2.10
C ASP A 590 10.16 14.28 1.15
N PRO A 591 9.57 13.18 1.63
CA PRO A 591 8.76 12.33 0.76
C PRO A 591 7.44 12.96 0.23
N LEU A 592 6.74 13.78 1.02
CA LEU A 592 5.53 14.46 0.52
C LEU A 592 5.86 15.44 -0.60
N ALA A 593 6.96 16.18 -0.44
CA ALA A 593 7.44 17.07 -1.48
C ALA A 593 7.72 16.34 -2.79
N VAL A 594 8.41 15.21 -2.69
CA VAL A 594 8.73 14.41 -3.84
C VAL A 594 7.44 13.93 -4.51
N PHE A 595 6.48 13.46 -3.73
CA PHE A 595 5.18 13.05 -4.26
C PHE A 595 4.49 14.21 -4.99
N GLU A 596 4.35 15.32 -4.27
CA GLU A 596 3.88 16.60 -4.79
C GLU A 596 4.46 16.93 -6.16
N GLN A 597 5.79 17.02 -6.24
CA GLN A 597 6.43 17.48 -7.45
C GLN A 597 6.20 16.50 -8.60
N THR A 598 6.31 15.21 -8.30
CA THR A 598 6.12 14.17 -9.30
C THR A 598 4.64 14.18 -9.82
N GLU A 599 3.66 14.36 -8.93
CA GLU A 599 2.25 14.43 -9.36
C GLU A 599 2.01 15.67 -10.24
N ALA A 600 2.60 16.82 -9.89
CA ALA A 600 2.57 18.01 -10.78
C ALA A 600 3.21 17.70 -12.13
N ALA A 601 4.41 17.15 -12.14
CA ALA A 601 5.10 16.81 -13.39
C ALA A 601 4.24 15.93 -14.32
N ALA A 602 3.55 14.97 -13.71
CA ALA A 602 2.64 14.09 -14.41
C ALA A 602 1.51 14.86 -15.09
N ARG A 603 0.91 15.79 -14.34
CA ARG A 603 -0.16 16.63 -14.86
C ARG A 603 0.34 17.46 -16.04
N GLU A 604 1.54 18.04 -15.91
CA GLU A 604 2.22 18.76 -17.03
C GLU A 604 2.32 17.86 -18.25
N GLU A 605 2.83 16.66 -18.06
CA GLU A 605 2.94 15.65 -19.14
C GLU A 605 1.58 15.27 -19.75
N ILE A 606 0.59 15.06 -18.89
CA ILE A 606 -0.76 14.77 -19.36
C ILE A 606 -1.21 15.81 -20.35
N LEU A 607 -1.15 17.09 -19.93
CA LEU A 607 -1.66 18.23 -20.74
C LEU A 607 -0.89 18.41 -22.04
N ALA A 608 0.43 18.32 -21.93
CA ALA A 608 1.31 18.28 -23.08
C ALA A 608 1.01 17.15 -24.11
N ASN A 609 0.36 16.06 -23.70
CA ASN A 609 0.01 14.99 -24.64
C ASN A 609 -1.48 15.05 -25.06
N GLY A 610 -2.07 16.23 -24.89
CA GLY A 610 -3.46 16.48 -25.30
C GLY A 610 -4.53 15.98 -24.32
N GLY A 611 -4.15 15.76 -23.05
CA GLY A 611 -5.10 15.33 -22.03
C GLY A 611 -5.71 16.51 -21.31
N SER A 612 -6.81 16.23 -20.61
CA SER A 612 -7.52 17.25 -19.89
C SER A 612 -6.95 17.36 -18.46
N LEU A 613 -7.20 18.52 -17.88
CA LEU A 613 -6.89 18.84 -16.50
C LEU A 613 -7.55 17.89 -15.51
N SER A 614 -8.81 17.55 -15.77
CA SER A 614 -9.49 16.49 -15.03
C SER A 614 -10.66 15.95 -15.84
N HIS A 615 -10.86 14.63 -15.77
CA HIS A 615 -12.10 14.01 -16.26
C HIS A 615 -13.24 14.07 -15.26
N HIS A 616 -12.99 13.77 -13.99
CA HIS A 616 -14.05 13.71 -12.92
C HIS A 616 -13.62 14.19 -11.53
N HIS A 617 -12.34 14.07 -11.18
CA HIS A 617 -11.89 14.57 -9.86
C HIS A 617 -12.18 16.07 -9.58
N GLY A 618 -12.16 16.90 -10.61
CA GLY A 618 -12.32 18.31 -10.41
C GLY A 618 -11.00 19.03 -10.18
N VAL A 619 -11.14 20.31 -9.89
CA VAL A 619 -10.05 21.26 -9.77
C VAL A 619 -9.73 21.54 -8.31
N GLY A 620 -10.77 21.74 -7.48
CA GLY A 620 -10.59 22.06 -6.04
C GLY A 620 -9.52 23.13 -5.88
N LYS A 621 -8.62 22.95 -4.92
CA LYS A 621 -7.40 23.80 -4.82
C LYS A 621 -6.13 23.13 -5.34
N LEU A 622 -6.24 21.89 -5.82
CA LEU A 622 -5.13 21.13 -6.40
C LEU A 622 -4.70 21.57 -7.79
N ARG A 623 -5.67 21.87 -8.67
CA ARG A 623 -5.37 22.20 -10.07
C ARG A 623 -5.74 23.64 -10.51
N LYS A 624 -5.90 24.54 -9.55
CA LYS A 624 -6.23 25.92 -9.88
C LYS A 624 -5.23 26.53 -10.85
N GLN A 625 -3.93 26.23 -10.73
CA GLN A 625 -2.91 26.95 -11.49
C GLN A 625 -2.98 26.73 -13.02
N TRP A 626 -3.59 25.62 -13.46
CA TRP A 626 -3.85 25.38 -14.87
C TRP A 626 -5.24 25.87 -15.35
N LEU A 627 -6.14 26.27 -14.46
CA LEU A 627 -7.51 26.48 -14.90
C LEU A 627 -7.63 27.46 -16.04
N LYS A 628 -7.11 28.68 -15.82
CA LYS A 628 -7.13 29.78 -16.81
C LYS A 628 -6.73 29.37 -18.20
N GLU A 629 -5.60 28.71 -18.31
CA GLU A 629 -5.18 28.12 -19.59
C GLU A 629 -6.19 27.10 -20.18
N SER A 630 -6.83 26.29 -19.35
CA SER A 630 -7.73 25.27 -19.87
C SER A 630 -9.10 25.84 -20.36
N ILE A 631 -9.62 26.88 -19.68
CA ILE A 631 -10.92 27.46 -20.08
C ILE A 631 -10.88 28.83 -20.74
N SER A 632 -9.68 29.42 -20.84
CA SER A 632 -9.40 30.76 -21.39
C SER A 632 -9.67 31.88 -20.35
N ASP A 633 -8.88 32.95 -20.38
CA ASP A 633 -9.04 34.16 -19.53
C ASP A 633 -10.46 34.62 -19.51
N VAL A 634 -11.10 34.74 -20.68
CA VAL A 634 -12.51 35.15 -20.73
C VAL A 634 -13.42 34.12 -20.09
N GLY A 635 -13.15 32.82 -20.29
CA GLY A 635 -13.99 31.81 -19.63
C GLY A 635 -13.87 31.85 -18.12
N PHE A 636 -12.61 31.92 -17.67
CA PHE A 636 -12.29 32.14 -16.26
C PHE A 636 -13.03 33.36 -15.74
N GLY A 637 -12.89 34.52 -16.38
CA GLY A 637 -13.63 35.70 -15.94
C GLY A 637 -15.17 35.54 -15.91
N MET A 638 -15.75 34.71 -16.78
CA MET A 638 -17.20 34.47 -16.76
C MET A 638 -17.59 33.65 -15.54
N LEU A 639 -16.73 32.70 -15.17
CA LEU A 639 -16.92 32.00 -13.90
C LEU A 639 -16.89 33.01 -12.73
N LYS A 640 -15.92 33.91 -12.75
CA LYS A 640 -15.84 34.91 -11.68
C LYS A 640 -17.06 35.84 -11.61
N SER A 641 -17.64 36.19 -12.74
CA SER A 641 -18.80 37.05 -12.76
C SER A 641 -20.00 36.40 -12.12
N VAL A 642 -20.20 35.10 -12.41
CA VAL A 642 -21.29 34.37 -11.74
C VAL A 642 -21.01 34.29 -10.23
N LYS A 643 -19.79 33.97 -9.82
CA LYS A 643 -19.40 33.94 -8.39
C LYS A 643 -19.61 35.31 -7.69
N ASP A 644 -19.13 36.39 -8.31
CA ASP A 644 -19.29 37.72 -7.68
C ASP A 644 -20.77 38.13 -7.61
N TYR A 645 -21.61 37.71 -8.56
CA TYR A 645 -23.04 37.98 -8.48
C TYR A 645 -23.72 37.18 -7.36
N VAL A 646 -23.68 35.83 -7.41
CA VAL A 646 -24.47 35.06 -6.41
C VAL A 646 -23.87 35.03 -5.04
N ASP A 647 -22.57 35.26 -4.93
CA ASP A 647 -21.90 35.20 -3.62
C ASP A 647 -20.91 36.40 -3.48
N PRO A 648 -21.46 37.64 -3.45
CA PRO A 648 -20.59 38.83 -3.53
C PRO A 648 -19.60 38.98 -2.38
N THR A 649 -19.94 38.58 -1.16
CA THR A 649 -19.03 38.70 -0.01
C THR A 649 -18.21 37.41 0.22
N ASN A 650 -18.22 36.49 -0.74
CA ASN A 650 -17.45 35.26 -0.68
C ASN A 650 -17.75 34.39 0.55
N ILE A 651 -19.01 34.25 0.89
CA ILE A 651 -19.42 33.40 1.98
C ILE A 651 -18.97 31.94 1.76
N PHE A 652 -19.15 31.47 0.54
CA PHE A 652 -18.75 30.10 0.18
C PHE A 652 -17.31 30.17 -0.22
N GLY A 653 -16.49 30.22 0.84
CA GLY A 653 -15.11 30.62 0.78
C GLY A 653 -14.07 29.53 0.72
N ASN A 654 -14.44 28.32 0.27
CA ASN A 654 -13.41 27.26 0.11
C ASN A 654 -12.26 27.61 -0.82
N ARG A 655 -12.45 28.63 -1.66
CA ARG A 655 -11.48 29.13 -2.67
C ARG A 655 -11.17 28.14 -3.77
N ASN A 656 -12.06 27.17 -4.00
CA ASN A 656 -11.87 26.16 -5.09
C ASN A 656 -12.01 26.91 -6.40
N LEU A 657 -11.44 26.36 -7.46
CA LEU A 657 -11.57 26.84 -8.82
C LEU A 657 -10.84 28.16 -9.11
N LEU A 658 -11.30 29.26 -8.54
CA LEU A 658 -10.80 30.63 -8.82
C LEU A 658 -9.90 31.15 -7.69
N GLY B 81 -24.75 25.74 -52.69
CA GLY B 81 -24.70 25.34 -51.23
C GLY B 81 -24.30 26.46 -50.28
N ILE B 82 -23.39 27.31 -50.74
CA ILE B 82 -23.09 28.55 -50.10
C ILE B 82 -24.24 29.52 -50.39
N ILE B 83 -24.66 30.24 -49.35
CA ILE B 83 -25.63 31.30 -49.50
C ILE B 83 -24.90 32.51 -50.15
N PRO B 84 -25.45 33.06 -51.25
CA PRO B 84 -24.86 34.26 -51.89
C PRO B 84 -25.10 35.54 -51.08
N LYS B 85 -24.22 36.53 -51.20
CA LYS B 85 -24.38 37.80 -50.46
C LYS B 85 -25.68 38.50 -50.75
N LYS B 86 -26.02 38.60 -52.03
CA LYS B 86 -27.36 39.05 -52.47
C LYS B 86 -28.20 37.81 -52.40
N ARG B 87 -28.85 37.61 -51.27
CA ARG B 87 -29.59 36.38 -50.99
C ARG B 87 -30.83 36.31 -51.84
N GLN B 88 -31.43 37.47 -52.10
CA GLN B 88 -32.63 37.54 -52.97
C GLN B 88 -32.41 37.07 -54.41
N GLU B 89 -31.16 36.93 -54.83
CA GLU B 89 -30.85 36.20 -56.06
C GLU B 89 -31.41 34.78 -56.04
N LEU B 90 -31.37 34.13 -54.89
CA LEU B 90 -31.75 32.73 -54.77
C LEU B 90 -32.99 32.43 -53.88
N MET B 91 -33.21 33.29 -52.89
CA MET B 91 -34.23 33.08 -51.87
C MET B 91 -35.28 34.13 -51.97
N LYS B 92 -36.48 33.81 -51.52
CA LYS B 92 -37.60 34.74 -51.61
C LYS B 92 -37.38 35.96 -50.70
N TRP B 93 -37.49 37.16 -51.25
CA TRP B 93 -37.34 38.36 -50.45
C TRP B 93 -38.48 38.47 -49.42
N ASN B 94 -39.66 37.95 -49.76
CA ASN B 94 -40.89 38.16 -48.97
C ASN B 94 -41.41 36.95 -48.24
N GLY B 95 -40.59 35.90 -48.12
CA GLY B 95 -41.04 34.70 -47.45
C GLY B 95 -40.02 33.61 -47.37
N TRP B 96 -40.49 32.44 -46.97
CA TRP B 96 -39.61 31.28 -46.80
C TRP B 96 -39.05 30.71 -48.09
N GLY B 97 -37.76 30.39 -48.08
CA GLY B 97 -37.18 29.40 -48.96
C GLY B 97 -36.71 29.99 -50.28
N TYR B 98 -36.69 29.14 -51.30
CA TYR B 98 -36.09 29.45 -52.60
C TYR B 98 -37.09 30.05 -53.55
N ASN B 99 -36.63 30.98 -54.38
CA ASN B 99 -37.47 31.56 -55.43
C ASN B 99 -38.11 30.53 -56.32
N ASP B 100 -37.33 29.51 -56.68
CA ASP B 100 -37.83 28.44 -57.55
C ASP B 100 -38.91 27.54 -56.93
N SER B 101 -39.27 27.74 -55.65
CA SER B 101 -40.20 26.84 -54.97
C SER B 101 -41.40 27.60 -54.36
N LYS B 102 -42.56 27.40 -54.96
CA LYS B 102 -43.78 28.02 -54.54
C LYS B 102 -44.86 27.07 -54.96
N PHE B 103 -45.92 27.05 -54.20
CA PHE B 103 -47.05 26.20 -54.54
C PHE B 103 -47.79 26.92 -55.63
N PHE B 104 -48.40 26.17 -56.52
CA PHE B 104 -49.28 26.72 -57.56
C PHE B 104 -50.34 25.69 -57.97
N LEU B 105 -51.33 26.21 -58.70
CA LEU B 105 -52.32 25.42 -59.39
C LEU B 105 -51.74 24.97 -60.71
N ASN B 106 -51.60 23.66 -60.91
CA ASN B 106 -51.12 23.14 -62.18
C ASN B 106 -52.22 23.08 -63.28
N LYS B 107 -51.84 22.61 -64.46
CA LYS B 107 -52.75 22.49 -65.61
C LYS B 107 -54.02 21.67 -65.43
N LYS B 108 -54.08 20.82 -64.39
CA LYS B 108 -55.30 20.10 -64.03
C LYS B 108 -55.97 20.67 -62.78
N GLY B 109 -55.65 21.91 -62.43
CA GLY B 109 -56.24 22.54 -61.26
C GLY B 109 -55.89 21.94 -59.91
N GLN B 110 -54.72 21.30 -59.83
CA GLN B 110 -54.26 20.70 -58.59
C GLN B 110 -53.09 21.49 -58.06
N LEU B 111 -53.01 21.60 -56.74
CA LEU B 111 -51.82 22.21 -56.16
C LEU B 111 -50.55 21.35 -56.40
N GLU B 112 -49.44 22.05 -56.55
CA GLU B 112 -48.18 21.44 -56.84
C GLU B 112 -47.14 22.47 -56.53
N LEU B 113 -45.93 22.00 -56.25
CA LEU B 113 -44.78 22.85 -56.01
C LEU B 113 -43.96 22.98 -57.28
N THR B 114 -43.64 24.22 -57.64
CA THR B 114 -42.66 24.60 -58.68
C THR B 114 -41.27 24.01 -58.46
N GLY B 115 -40.45 24.01 -59.50
CA GLY B 115 -39.02 23.66 -59.35
C GLY B 115 -38.77 22.15 -59.32
N LYS B 116 -37.53 21.79 -58.98
CA LYS B 116 -37.12 20.36 -58.90
C LYS B 116 -36.25 20.09 -57.65
N ARG B 117 -36.32 20.99 -56.65
CA ARG B 117 -35.43 20.98 -55.48
C ARG B 117 -35.77 19.91 -54.44
N TYR B 118 -37.06 19.66 -54.23
CA TYR B 118 -37.56 18.65 -53.29
C TYR B 118 -38.08 17.44 -54.05
N PRO B 119 -38.14 16.29 -53.37
CA PRO B 119 -38.80 15.16 -54.06
C PRO B 119 -40.32 15.37 -54.39
N LEU B 120 -41.02 16.29 -53.74
CA LEU B 120 -42.41 16.60 -54.13
C LEU B 120 -42.50 17.75 -55.11
N SER B 121 -41.37 18.28 -55.56
CA SER B 121 -41.38 19.32 -56.57
C SER B 121 -41.89 18.66 -57.82
N GLY B 122 -42.87 19.28 -58.46
CA GLY B 122 -43.41 18.75 -59.71
C GLY B 122 -44.37 17.59 -59.50
N VAL B 123 -44.73 17.30 -58.27
CA VAL B 123 -45.64 16.21 -57.96
C VAL B 123 -47.02 16.78 -57.61
N ALA B 124 -48.02 16.44 -58.41
CA ALA B 124 -49.38 16.96 -58.23
C ALA B 124 -49.96 16.45 -56.95
N LEU B 125 -50.67 17.29 -56.23
CA LEU B 125 -51.32 16.89 -54.98
C LEU B 125 -52.84 17.01 -55.14
N PRO B 126 -53.52 15.97 -55.69
CA PRO B 126 -54.92 16.15 -56.16
C PRO B 126 -55.94 16.55 -55.10
N THR B 127 -55.70 16.12 -53.86
CA THR B 127 -56.68 16.19 -52.80
C THR B 127 -56.44 17.36 -51.84
N PHE B 128 -55.34 18.09 -51.99
CA PHE B 128 -54.92 19.20 -51.09
C PHE B 128 -55.80 20.46 -51.17
N LYS B 129 -56.33 20.73 -52.35
CA LYS B 129 -57.30 21.84 -52.58
C LYS B 129 -58.59 21.59 -51.83
N ASP B 130 -59.15 20.38 -51.98
CA ASP B 130 -60.29 19.90 -51.19
C ASP B 130 -60.07 20.10 -49.70
N TRP B 131 -58.92 19.63 -49.20
CA TRP B 131 -58.59 19.82 -47.82
C TRP B 131 -58.58 21.31 -47.39
N ILE B 132 -57.90 22.15 -48.15
CA ILE B 132 -57.89 23.58 -47.79
C ILE B 132 -59.33 24.12 -47.71
N GLN B 133 -60.17 23.74 -48.69
CA GLN B 133 -61.58 24.18 -48.79
C GLN B 133 -62.46 23.73 -47.61
N ASN B 134 -62.49 22.43 -47.36
CA ASN B 134 -63.18 21.90 -46.17
C ASN B 134 -62.71 22.52 -44.85
N THR B 135 -61.43 22.87 -44.75
CA THR B 135 -60.82 23.26 -43.49
C THR B 135 -60.97 24.77 -43.20
N PHE B 136 -60.82 25.65 -44.19
CA PHE B 136 -60.85 27.10 -43.92
C PHE B 136 -62.04 27.87 -44.51
N GLY B 137 -62.93 27.14 -45.19
CA GLY B 137 -64.13 27.70 -45.84
C GLY B 137 -63.91 28.69 -46.96
N ILE B 138 -62.73 28.65 -47.61
CA ILE B 138 -62.38 29.50 -48.81
C ILE B 138 -62.32 28.65 -50.08
N ASN B 139 -62.64 29.26 -51.21
CA ASN B 139 -62.93 28.49 -52.41
C ASN B 139 -61.69 28.32 -53.31
N LEU B 140 -60.79 29.29 -53.33
CA LEU B 140 -59.48 29.14 -54.02
C LEU B 140 -59.58 29.32 -55.55
N THR B 155 -38.63 52.85 -46.81
CA THR B 155 -37.39 52.31 -46.28
C THR B 155 -36.42 53.37 -45.69
N PRO B 156 -36.10 53.27 -44.38
CA PRO B 156 -35.28 54.35 -43.78
C PRO B 156 -33.82 54.34 -44.24
N PRO B 157 -33.11 55.45 -44.03
CA PRO B 157 -31.75 55.58 -44.57
C PRO B 157 -30.74 54.86 -43.71
N SER B 158 -29.59 54.53 -44.30
CA SER B 158 -28.53 53.85 -43.58
C SER B 158 -27.81 54.94 -42.81
N ILE B 159 -27.98 54.98 -41.49
CA ILE B 159 -27.20 55.90 -40.61
C ILE B 159 -25.86 55.25 -40.20
N VAL B 160 -24.72 55.81 -40.68
CA VAL B 160 -23.39 55.24 -40.40
C VAL B 160 -22.28 56.28 -40.39
N ASN B 161 -21.39 56.18 -39.40
CA ASN B 161 -20.22 57.05 -39.23
C ASN B 161 -19.15 56.84 -40.28
N GLU B 162 -18.54 57.93 -40.74
CA GLU B 162 -17.53 57.90 -41.81
C GLU B 162 -16.10 57.54 -41.36
N ASP B 163 -15.78 57.74 -40.07
CA ASP B 163 -14.47 57.30 -39.53
C ASP B 163 -14.44 55.75 -39.41
N PHE B 164 -15.55 55.19 -38.93
CA PHE B 164 -15.83 53.74 -38.99
C PHE B 164 -15.71 53.24 -40.41
N LEU B 165 -16.45 53.86 -41.30
CA LEU B 165 -16.52 53.45 -42.69
C LEU B 165 -15.16 53.58 -43.36
N HIS B 166 -14.42 54.64 -43.06
CA HIS B 166 -13.03 54.79 -43.51
C HIS B 166 -12.15 53.62 -43.12
N GLU B 167 -12.34 53.12 -41.89
CA GLU B 167 -11.55 51.99 -41.37
C GLU B 167 -12.05 50.63 -41.87
N LEU B 168 -13.35 50.49 -42.07
CA LEU B 168 -13.87 49.28 -42.67
C LEU B 168 -13.24 49.02 -44.05
N LYS B 169 -13.02 50.09 -44.81
CA LYS B 169 -12.42 49.95 -46.15
C LYS B 169 -10.99 49.41 -46.12
N LYS B 170 -10.25 49.64 -45.05
CA LYS B 170 -8.89 49.10 -44.90
C LYS B 170 -8.85 47.59 -44.68
N THR B 171 -9.93 47.04 -44.09
CA THR B 171 -9.96 45.60 -43.76
C THR B 171 -10.13 44.74 -44.99
N ASN B 172 -10.74 45.31 -46.04
CA ASN B 172 -11.26 44.55 -47.19
C ASN B 172 -12.38 43.60 -46.91
N ILE B 173 -13.10 43.80 -45.81
CA ILE B 173 -14.28 42.99 -45.51
C ILE B 173 -15.42 43.53 -46.33
N SER B 174 -16.09 42.60 -47.00
CA SER B 174 -17.14 42.95 -47.89
C SER B 174 -18.30 43.49 -47.07
N TYR B 175 -18.94 44.56 -47.56
CA TYR B 175 -20.09 45.15 -46.87
C TYR B 175 -21.05 45.83 -47.82
N SER B 176 -22.28 46.07 -47.35
CA SER B 176 -23.33 46.81 -48.08
C SER B 176 -24.17 47.71 -47.16
N GLN B 177 -24.59 48.88 -47.68
CA GLN B 177 -25.62 49.73 -47.05
C GLN B 177 -26.89 49.74 -47.84
N GLU B 178 -27.05 48.80 -48.75
CA GLU B 178 -28.18 48.78 -49.66
C GLU B 178 -29.38 48.29 -48.94
N ALA B 179 -30.48 48.95 -49.22
CA ALA B 179 -31.73 48.72 -48.56
C ALA B 179 -32.16 47.28 -48.64
N ASP B 180 -32.08 46.67 -49.82
CA ASP B 180 -32.62 45.30 -49.91
C ASP B 180 -31.74 44.28 -49.14
N ASP B 181 -30.42 44.52 -49.03
CA ASP B 181 -29.53 43.68 -48.21
C ASP B 181 -29.83 43.82 -46.71
N ARG B 182 -30.13 45.05 -46.25
CA ARG B 182 -30.51 45.34 -44.87
C ARG B 182 -31.90 44.84 -44.49
N VAL B 183 -32.86 44.97 -45.39
CA VAL B 183 -34.23 44.50 -45.14
C VAL B 183 -34.30 42.97 -45.10
N PHE B 184 -33.51 42.29 -45.93
CA PHE B 184 -33.52 40.79 -45.88
C PHE B 184 -33.09 40.30 -44.48
N ARG B 185 -32.16 41.02 -43.87
CA ARG B 185 -31.60 40.62 -42.59
C ARG B 185 -32.30 41.25 -41.40
N ALA B 186 -33.51 41.77 -41.58
CA ALA B 186 -34.14 42.51 -40.49
C ALA B 186 -35.14 41.69 -39.77
N HIS B 187 -35.22 40.40 -40.08
CA HIS B 187 -36.30 39.58 -39.66
C HIS B 187 -35.93 38.11 -39.77
N GLY B 188 -36.61 37.25 -39.01
CA GLY B 188 -36.74 35.82 -39.29
C GLY B 188 -38.16 35.48 -39.72
N HIS B 189 -38.72 34.41 -39.18
CA HIS B 189 -39.91 33.79 -39.76
C HIS B 189 -41.13 33.62 -38.90
N CYS B 190 -41.37 34.63 -38.07
CA CYS B 190 -42.60 34.75 -37.31
C CYS B 190 -43.59 35.50 -38.18
N LEU B 191 -44.87 35.24 -37.96
CA LEU B 191 -45.93 35.77 -38.80
C LEU B 191 -45.88 37.31 -38.95
N HIS B 192 -45.88 38.06 -37.85
CA HIS B 192 -45.88 39.53 -37.93
C HIS B 192 -44.69 40.10 -38.74
N GLU B 193 -43.55 39.42 -38.65
CA GLU B 193 -42.40 39.78 -39.47
C GLU B 193 -42.66 39.55 -40.95
N ILE B 194 -43.31 38.45 -41.29
CA ILE B 194 -43.62 38.13 -42.68
C ILE B 194 -44.59 39.21 -43.26
N PHE B 195 -45.48 39.75 -42.42
CA PHE B 195 -46.31 40.91 -42.83
C PHE B 195 -45.58 42.24 -43.04
N LEU B 196 -44.75 42.66 -42.10
CA LEU B 196 -44.00 43.92 -42.28
C LEU B 196 -43.08 43.88 -43.50
N LEU B 197 -42.55 42.68 -43.74
CA LEU B 197 -41.71 42.40 -44.89
C LEU B 197 -42.50 42.60 -46.18
N ARG B 198 -43.68 41.98 -46.30
CA ARG B 198 -44.54 42.13 -47.48
C ARG B 198 -45.19 43.51 -47.55
N GLU B 199 -46.04 43.78 -46.56
CA GLU B 199 -47.09 44.80 -46.67
C GLU B 199 -46.68 46.21 -46.26
N GLY B 200 -45.50 46.36 -45.67
CA GLY B 200 -45.16 47.64 -45.06
C GLY B 200 -43.70 47.71 -44.70
N MET B 201 -43.41 48.16 -43.49
CA MET B 201 -42.03 48.24 -43.10
C MET B 201 -41.78 48.02 -41.61
N PHE B 202 -40.56 47.58 -41.34
CA PHE B 202 -40.00 47.39 -40.02
C PHE B 202 -39.66 48.75 -39.42
N GLU B 203 -39.94 48.89 -38.13
CA GLU B 203 -39.60 50.11 -37.41
C GLU B 203 -38.11 50.40 -37.53
N ARG B 204 -37.31 49.36 -37.49
CA ARG B 204 -35.87 49.48 -37.45
C ARG B 204 -35.27 48.33 -38.25
N ILE B 205 -34.23 48.63 -39.02
CA ILE B 205 -33.48 47.64 -39.73
C ILE B 205 -31.97 47.91 -39.63
N PRO B 206 -31.14 46.90 -39.97
CA PRO B 206 -29.70 47.15 -39.87
C PRO B 206 -29.23 48.28 -40.78
N ASP B 207 -28.22 49.00 -40.32
CA ASP B 207 -27.70 50.15 -41.07
C ASP B 207 -26.64 49.73 -42.11
N ILE B 208 -25.91 48.67 -41.81
CA ILE B 208 -24.90 48.12 -42.68
C ILE B 208 -24.88 46.56 -42.47
N VAL B 209 -24.60 45.83 -43.54
CA VAL B 209 -24.42 44.39 -43.52
C VAL B 209 -22.93 44.16 -43.80
N LEU B 210 -22.27 43.40 -42.93
CA LEU B 210 -20.90 42.96 -43.17
C LEU B 210 -20.88 41.43 -43.36
N TRP B 211 -19.98 40.95 -44.20
CA TRP B 211 -19.84 39.51 -44.49
C TRP B 211 -18.43 39.08 -44.19
N PRO B 212 -18.07 38.87 -42.92
CA PRO B 212 -16.77 38.27 -42.65
C PRO B 212 -16.64 36.82 -43.18
N THR B 213 -15.40 36.43 -43.46
CA THR B 213 -15.10 35.13 -44.08
C THR B 213 -14.36 34.23 -43.11
N CYS B 214 -14.00 34.72 -41.95
CA CYS B 214 -13.21 33.93 -41.05
C CYS B 214 -13.21 34.55 -39.69
N HIS B 215 -12.79 33.74 -38.74
CA HIS B 215 -12.59 34.16 -37.40
C HIS B 215 -11.86 35.51 -37.22
N ASP B 216 -10.73 35.74 -37.90
CA ASP B 216 -9.99 37.01 -37.75
C ASP B 216 -10.76 38.27 -38.24
N ASP B 217 -11.57 38.11 -39.29
CA ASP B 217 -12.46 39.18 -39.75
C ASP B 217 -13.38 39.58 -38.67
N VAL B 218 -13.99 38.58 -38.01
CA VAL B 218 -14.95 38.82 -36.95
C VAL B 218 -14.27 39.53 -35.78
N VAL B 219 -13.05 39.12 -35.45
CA VAL B 219 -12.28 39.81 -34.41
C VAL B 219 -12.16 41.32 -34.72
N LYS B 220 -11.94 41.66 -35.99
CA LYS B 220 -11.79 43.08 -36.39
C LYS B 220 -13.11 43.77 -36.34
N ILE B 221 -14.17 43.11 -36.77
CA ILE B 221 -15.47 43.75 -36.64
C ILE B 221 -15.74 44.13 -35.17
N VAL B 222 -15.41 43.26 -34.25
CA VAL B 222 -15.80 43.47 -32.86
C VAL B 222 -14.97 44.56 -32.19
N ASN B 223 -13.66 44.60 -32.46
CA ASN B 223 -12.82 45.73 -32.12
C ASN B 223 -13.30 47.06 -32.72
N LEU B 224 -13.72 47.05 -33.98
CA LEU B 224 -14.28 48.26 -34.60
C LEU B 224 -15.55 48.69 -33.90
N ALA B 225 -16.41 47.75 -33.58
CA ALA B 225 -17.62 48.09 -32.85
C ALA B 225 -17.34 48.64 -31.42
N CYS B 226 -16.30 48.15 -30.75
CA CYS B 226 -15.85 48.71 -29.47
C CYS B 226 -15.35 50.16 -29.66
N LYS B 227 -14.64 50.40 -30.75
CA LYS B 227 -13.99 51.67 -30.98
C LYS B 227 -15.03 52.71 -31.33
N TYR B 228 -15.89 52.41 -32.29
CA TYR B 228 -16.90 53.33 -32.74
C TYR B 228 -18.25 53.11 -32.10
N ASN B 229 -18.32 52.35 -31.01
CA ASN B 229 -19.56 52.20 -30.26
C ASN B 229 -20.81 51.77 -31.13
N LEU B 230 -20.66 50.67 -31.85
CA LEU B 230 -21.73 50.15 -32.72
C LEU B 230 -22.44 48.96 -32.07
N CYS B 231 -23.60 48.61 -32.58
CA CYS B 231 -24.36 47.44 -32.16
C CYS B 231 -24.10 46.34 -33.23
N ILE B 232 -24.03 45.06 -32.82
CA ILE B 232 -23.92 43.91 -33.74
C ILE B 232 -25.05 42.94 -33.45
N ILE B 233 -25.76 42.58 -34.49
CA ILE B 233 -26.72 41.52 -34.44
C ILE B 233 -26.26 40.46 -35.42
N PRO B 234 -25.67 39.36 -34.93
CA PRO B 234 -25.29 38.27 -35.85
C PRO B 234 -26.51 37.72 -36.54
N ILE B 235 -26.33 37.28 -37.78
CA ILE B 235 -27.33 36.51 -38.51
C ILE B 235 -26.66 35.37 -39.31
N GLY B 236 -27.29 34.21 -39.31
CA GLY B 236 -26.82 33.08 -40.10
C GLY B 236 -27.84 32.83 -41.18
N GLY B 237 -28.66 31.83 -41.00
CA GLY B 237 -29.71 31.49 -41.92
C GLY B 237 -30.92 32.38 -41.95
N GLY B 238 -31.02 33.33 -41.01
CA GLY B 238 -32.22 34.13 -40.83
C GLY B 238 -33.48 33.39 -40.45
N THR B 239 -33.40 32.21 -39.82
CA THR B 239 -34.56 31.36 -39.62
C THR B 239 -35.23 31.46 -38.28
N SER B 240 -34.69 32.31 -37.40
CA SER B 240 -35.28 32.58 -36.10
C SER B 240 -36.80 32.62 -36.18
N VAL B 241 -37.46 31.88 -35.31
CA VAL B 241 -38.88 32.06 -35.11
C VAL B 241 -39.17 32.54 -33.67
N SER B 242 -38.30 33.40 -33.15
CA SER B 242 -38.48 33.97 -31.83
C SER B 242 -38.22 35.49 -31.75
N TYR B 243 -38.25 36.25 -32.85
CA TYR B 243 -37.83 37.67 -32.89
C TYR B 243 -36.38 37.87 -32.42
N GLY B 244 -35.53 36.87 -32.62
CA GLY B 244 -34.11 36.93 -32.20
C GLY B 244 -33.27 37.83 -33.10
N LEU B 245 -33.77 38.09 -34.29
CA LEU B 245 -33.12 38.98 -35.25
C LEU B 245 -33.67 40.42 -35.32
N MET B 246 -34.88 40.66 -34.80
CA MET B 246 -35.50 41.98 -34.88
C MET B 246 -34.62 43.06 -34.24
N CYS B 247 -34.33 44.11 -34.99
CA CYS B 247 -33.62 45.26 -34.45
C CYS B 247 -34.53 46.03 -33.45
N PRO B 248 -34.11 46.20 -32.19
CA PRO B 248 -34.94 46.97 -31.27
C PRO B 248 -35.16 48.43 -31.76
N ALA B 249 -36.41 48.88 -31.66
CA ALA B 249 -36.86 50.12 -32.27
C ALA B 249 -36.13 51.33 -31.73
N ASP B 250 -35.94 51.38 -30.42
CA ASP B 250 -35.27 52.53 -29.81
C ASP B 250 -33.75 52.45 -29.86
N GLU B 251 -33.17 51.56 -30.65
CA GLU B 251 -31.71 51.46 -30.67
C GLU B 251 -31.14 52.44 -31.69
N THR B 252 -30.42 53.44 -31.21
CA THR B 252 -29.92 54.53 -32.02
C THR B 252 -28.45 54.42 -32.43
N ARG B 253 -27.74 53.39 -32.01
CA ARG B 253 -26.39 53.18 -32.56
C ARG B 253 -26.59 52.54 -33.93
N THR B 254 -25.58 52.72 -34.78
CA THR B 254 -25.44 51.96 -36.02
C THR B 254 -25.59 50.47 -35.70
N ILE B 255 -26.49 49.79 -36.40
CA ILE B 255 -26.63 48.35 -36.30
C ILE B 255 -25.89 47.68 -37.48
N ILE B 256 -24.86 46.91 -37.16
CA ILE B 256 -24.22 46.01 -38.10
C ILE B 256 -24.95 44.69 -38.10
N SER B 257 -25.48 44.25 -39.26
CA SER B 257 -25.89 42.87 -39.44
C SER B 257 -24.62 42.09 -39.76
N LEU B 258 -24.18 41.27 -38.81
CA LEU B 258 -22.98 40.51 -39.01
C LEU B 258 -23.42 39.16 -39.58
N ASP B 259 -23.29 39.06 -40.87
CA ASP B 259 -23.75 37.92 -41.64
C ASP B 259 -22.62 36.90 -41.72
N THR B 260 -22.88 35.69 -41.25
CA THR B 260 -21.85 34.64 -41.16
C THR B 260 -21.77 33.73 -42.40
N SER B 261 -22.63 33.93 -43.40
CA SER B 261 -22.75 33.02 -44.52
C SER B 261 -21.52 32.80 -45.41
N GLN B 262 -20.59 33.75 -45.44
CA GLN B 262 -19.34 33.58 -46.15
C GLN B 262 -18.25 32.98 -45.25
N MET B 263 -18.59 32.66 -44.00
CA MET B 263 -17.68 32.02 -43.04
C MET B 263 -18.14 30.58 -42.92
N ASN B 264 -17.84 29.76 -43.90
CA ASN B 264 -18.63 28.56 -44.13
C ASN B 264 -17.92 27.29 -44.60
N ARG B 265 -16.66 27.11 -44.26
CA ARG B 265 -15.95 25.90 -44.67
C ARG B 265 -15.83 24.92 -43.53
N ILE B 266 -15.57 23.67 -43.91
CA ILE B 266 -15.07 22.68 -43.02
C ILE B 266 -13.56 22.92 -42.93
N LEU B 267 -13.03 23.08 -41.72
CA LEU B 267 -11.62 23.33 -41.53
C LEU B 267 -10.77 22.01 -41.52
N TRP B 268 -11.26 20.98 -40.82
CA TRP B 268 -10.65 19.66 -40.79
C TRP B 268 -11.67 18.64 -40.31
N VAL B 269 -11.44 17.41 -40.76
CA VAL B 269 -12.22 16.27 -40.43
C VAL B 269 -11.22 15.30 -39.82
N ASP B 270 -11.45 14.93 -38.57
CA ASP B 270 -10.56 14.09 -37.83
C ASP B 270 -11.21 12.74 -37.81
N GLU B 271 -10.70 11.86 -38.63
CA GLU B 271 -11.32 10.54 -38.77
C GLU B 271 -10.97 9.64 -37.56
N ASN B 272 -9.92 9.96 -36.82
CA ASN B 272 -9.57 9.19 -35.67
C ASN B 272 -10.55 9.38 -34.53
N ASN B 273 -10.90 10.64 -34.29
CA ASN B 273 -11.77 11.02 -33.21
C ASN B 273 -13.24 11.18 -33.64
N LEU B 274 -13.55 10.98 -34.93
CA LEU B 274 -14.86 11.31 -35.52
C LEU B 274 -15.39 12.70 -35.08
N THR B 275 -14.63 13.72 -35.40
CA THR B 275 -15.05 15.13 -35.20
C THR B 275 -14.77 15.95 -36.49
N ALA B 276 -15.48 17.07 -36.59
CA ALA B 276 -15.42 17.93 -37.72
C ALA B 276 -15.41 19.36 -37.18
N HIS B 277 -14.35 20.09 -37.54
CA HIS B 277 -14.17 21.44 -37.06
C HIS B 277 -14.54 22.34 -38.19
N VAL B 278 -15.59 23.12 -37.99
CA VAL B 278 -16.22 23.90 -39.02
C VAL B 278 -16.29 25.38 -38.65
N GLU B 279 -16.34 26.25 -39.67
CA GLU B 279 -16.68 27.66 -39.46
C GLU B 279 -18.22 27.69 -39.27
N ALA B 280 -18.65 28.67 -38.47
CA ALA B 280 -19.97 28.62 -37.90
C ALA B 280 -21.10 29.05 -38.87
N GLY B 281 -20.78 29.55 -40.05
CA GLY B 281 -21.81 29.99 -40.99
C GLY B 281 -22.21 28.92 -42.00
N ILE B 282 -21.50 27.78 -41.96
CA ILE B 282 -21.87 26.69 -42.84
C ILE B 282 -23.32 26.26 -42.56
N THR B 283 -24.11 26.05 -43.60
CA THR B 283 -25.46 25.63 -43.43
C THR B 283 -25.51 24.12 -43.15
N GLY B 284 -26.64 23.64 -42.67
CA GLY B 284 -26.80 22.25 -42.42
C GLY B 284 -26.71 21.43 -43.69
N GLN B 285 -27.46 21.80 -44.70
CA GLN B 285 -27.42 21.14 -46.01
C GLN B 285 -25.97 21.04 -46.56
N GLU B 286 -25.19 22.12 -46.47
CA GLU B 286 -23.86 22.16 -47.08
C GLU B 286 -22.85 21.36 -46.25
N LEU B 287 -23.05 21.37 -44.95
CA LEU B 287 -22.25 20.59 -44.04
C LEU B 287 -22.49 19.08 -44.27
N GLU B 288 -23.74 18.67 -44.39
CA GLU B 288 -24.09 17.27 -44.65
C GLU B 288 -23.65 16.82 -46.05
N ARG B 289 -23.80 17.70 -47.04
CA ARG B 289 -23.27 17.41 -48.39
C ARG B 289 -21.76 17.10 -48.41
N GLN B 290 -20.96 17.96 -47.82
CA GLN B 290 -19.50 17.82 -47.88
C GLN B 290 -18.99 16.60 -47.11
N LEU B 291 -19.51 16.41 -45.90
CA LEU B 291 -19.24 15.26 -45.05
C LEU B 291 -19.61 13.92 -45.67
N LYS B 292 -20.65 13.89 -46.48
CA LYS B 292 -21.14 12.65 -47.09
C LYS B 292 -20.21 12.17 -48.18
N GLU B 293 -19.52 13.10 -48.84
CA GLU B 293 -18.48 12.78 -49.81
C GLU B 293 -17.36 12.02 -49.12
N SER B 294 -17.16 12.26 -47.83
CA SER B 294 -16.15 11.53 -47.07
C SER B 294 -16.67 10.27 -46.42
N GLY B 295 -17.96 9.98 -46.53
CA GLY B 295 -18.57 8.84 -45.84
C GLY B 295 -19.18 9.11 -44.48
N TYR B 296 -19.32 10.39 -44.10
CA TYR B 296 -19.76 10.81 -42.76
C TYR B 296 -21.03 11.66 -42.79
N CYS B 297 -21.64 11.83 -41.62
CA CYS B 297 -22.75 12.73 -41.37
C CYS B 297 -22.67 13.25 -39.91
N THR B 298 -23.35 14.36 -39.60
CA THR B 298 -23.68 14.72 -38.20
C THR B 298 -24.99 14.13 -37.75
N GLY B 299 -25.89 13.91 -38.69
CA GLY B 299 -27.22 13.46 -38.41
C GLY B 299 -28.08 14.49 -37.72
N HIS B 300 -27.63 15.74 -37.64
CA HIS B 300 -28.39 16.80 -37.03
C HIS B 300 -29.28 17.44 -38.11
N GLU B 301 -30.58 17.24 -38.00
CA GLU B 301 -31.51 17.57 -39.10
C GLU B 301 -32.65 18.45 -38.64
N PRO B 302 -32.38 19.75 -38.40
CA PRO B 302 -33.51 20.62 -38.14
C PRO B 302 -34.27 20.82 -39.45
N ASP B 303 -35.58 21.02 -39.36
CA ASP B 303 -36.41 21.35 -40.55
C ASP B 303 -35.90 22.57 -41.32
N SER B 304 -35.16 23.45 -40.66
CA SER B 304 -34.54 24.62 -41.29
C SER B 304 -33.14 24.40 -41.94
N LEU B 305 -32.72 23.15 -42.06
CA LEU B 305 -31.31 22.79 -42.32
C LEU B 305 -30.69 23.32 -43.62
N GLU B 306 -31.54 23.55 -44.61
CA GLU B 306 -31.13 24.24 -45.82
C GLU B 306 -30.51 25.59 -45.54
N PHE B 307 -31.03 26.34 -44.59
CA PHE B 307 -30.49 27.69 -44.31
C PHE B 307 -29.82 27.91 -42.95
N SER B 308 -30.21 27.14 -41.94
CA SER B 308 -29.74 27.37 -40.60
C SER B 308 -28.32 26.81 -40.49
N THR B 309 -27.58 27.33 -39.53
CA THR B 309 -26.14 27.25 -39.50
C THR B 309 -25.73 26.69 -38.19
N VAL B 310 -24.52 26.15 -38.17
CA VAL B 310 -23.87 25.68 -36.97
C VAL B 310 -23.96 26.75 -35.87
N GLY B 311 -23.59 27.99 -36.18
CA GLY B 311 -23.65 29.03 -35.17
C GLY B 311 -25.03 29.36 -34.66
N GLY B 312 -26.04 29.27 -35.54
CA GLY B 312 -27.40 29.56 -35.16
C GLY B 312 -27.85 28.47 -34.24
N TRP B 313 -27.58 27.22 -34.63
CA TRP B 313 -27.90 26.05 -33.79
C TRP B 313 -27.38 26.14 -32.38
N ILE B 314 -26.10 26.45 -32.24
CA ILE B 314 -25.54 26.54 -30.93
C ILE B 314 -26.23 27.69 -30.15
N SER B 315 -26.43 28.83 -30.80
CA SER B 315 -27.06 30.01 -30.17
C SER B 315 -28.50 29.76 -29.78
N THR B 316 -29.18 28.85 -30.45
CA THR B 316 -30.59 28.63 -30.12
C THR B 316 -30.89 27.29 -29.47
N ARG B 317 -29.88 26.50 -29.10
CA ARG B 317 -30.11 25.13 -28.57
C ARG B 317 -31.06 24.34 -29.49
N ALA B 318 -30.69 24.31 -30.74
CA ALA B 318 -31.46 23.62 -31.77
C ALA B 318 -31.54 22.10 -31.58
N SER B 319 -32.72 21.57 -31.92
CA SER B 319 -33.05 20.17 -31.93
C SER B 319 -33.32 19.70 -33.37
N GLY B 320 -32.95 18.47 -33.66
CA GLY B 320 -33.02 17.88 -34.96
C GLY B 320 -33.79 16.59 -34.92
N MET B 321 -34.23 16.21 -36.11
CA MET B 321 -35.26 15.20 -36.22
C MET B 321 -34.80 13.83 -35.78
N LYS B 322 -33.51 13.54 -35.90
CA LYS B 322 -32.92 12.24 -35.52
C LYS B 322 -32.05 12.37 -34.27
N LYS B 323 -32.53 13.20 -33.36
CA LYS B 323 -31.80 13.44 -32.10
C LYS B 323 -31.69 12.16 -31.31
N ASN B 324 -32.68 11.28 -31.41
CA ASN B 324 -32.56 9.94 -30.76
C ASN B 324 -31.29 9.18 -31.02
N ILE B 325 -30.70 9.32 -32.20
CA ILE B 325 -29.45 8.68 -32.52
C ILE B 325 -28.28 9.59 -32.34
N TYR B 326 -28.37 10.82 -32.75
CA TYR B 326 -27.18 11.64 -32.80
C TYR B 326 -27.09 12.63 -31.69
N GLY B 327 -28.19 12.86 -30.98
CA GLY B 327 -28.29 13.94 -30.03
C GLY B 327 -28.74 15.26 -30.61
N ASN B 328 -29.10 16.17 -29.72
CA ASN B 328 -29.29 17.57 -30.01
C ASN B 328 -27.98 18.29 -29.93
N ILE B 329 -28.01 19.59 -30.22
CA ILE B 329 -26.82 20.31 -30.48
C ILE B 329 -25.85 20.24 -29.31
N GLU B 330 -26.36 20.30 -28.07
CA GLU B 330 -25.53 20.23 -26.85
C GLU B 330 -24.83 18.85 -26.61
N ASP B 331 -25.38 17.81 -27.22
CA ASP B 331 -24.70 16.52 -27.31
C ASP B 331 -23.65 16.51 -28.41
N LEU B 332 -23.84 17.30 -29.47
CA LEU B 332 -23.06 17.17 -30.67
C LEU B 332 -21.80 17.98 -30.66
N VAL B 333 -21.85 19.11 -29.98
CA VAL B 333 -20.78 20.03 -29.99
C VAL B 333 -19.78 19.66 -28.95
N VAL B 334 -18.53 19.61 -29.36
CA VAL B 334 -17.44 19.28 -28.47
C VAL B 334 -16.51 20.47 -28.25
N HIS B 335 -16.54 21.48 -29.10
CA HIS B 335 -15.64 22.63 -28.97
C HIS B 335 -16.17 23.80 -29.74
N MET B 336 -15.79 24.98 -29.30
CA MET B 336 -16.24 26.18 -29.97
C MET B 336 -15.30 27.31 -29.71
N LYS B 337 -15.33 28.27 -30.60
CA LYS B 337 -14.53 29.47 -30.49
C LYS B 337 -15.45 30.64 -30.62
N VAL B 338 -15.34 31.60 -29.71
CA VAL B 338 -16.34 32.65 -29.58
C VAL B 338 -15.66 34.00 -29.40
N VAL B 339 -16.10 34.97 -30.18
CA VAL B 339 -15.52 36.29 -30.15
C VAL B 339 -16.49 37.11 -29.36
N THR B 340 -16.01 37.56 -28.21
CA THR B 340 -16.74 38.53 -27.40
C THR B 340 -15.93 39.80 -27.30
N PRO B 341 -16.58 40.90 -26.91
CA PRO B 341 -15.84 42.21 -26.76
C PRO B 341 -14.69 42.15 -25.74
N ARG B 342 -14.83 41.29 -24.76
CA ARG B 342 -13.79 41.04 -23.78
C ARG B 342 -12.62 40.21 -24.35
N GLY B 343 -12.89 39.43 -25.40
CA GLY B 343 -11.90 38.60 -26.00
C GLY B 343 -12.44 37.25 -26.49
N VAL B 344 -11.52 36.34 -26.81
CA VAL B 344 -11.88 35.08 -27.46
C VAL B 344 -12.07 33.97 -26.43
N ILE B 345 -13.25 33.36 -26.40
CA ILE B 345 -13.50 32.17 -25.56
C ILE B 345 -13.17 30.86 -26.29
N GLU B 346 -12.25 30.07 -25.74
CA GLU B 346 -11.89 28.81 -26.32
C GLU B 346 -11.22 27.90 -25.30
N LYS B 347 -11.80 26.73 -25.04
CA LYS B 347 -11.12 25.73 -24.23
C LYS B 347 -9.84 25.23 -24.92
N SER B 348 -8.81 24.92 -24.15
CA SER B 348 -7.53 24.51 -24.75
C SER B 348 -7.31 23.00 -24.78
N CYS B 349 -8.35 22.20 -24.92
CA CYS B 349 -8.16 20.79 -25.27
C CYS B 349 -9.50 20.13 -25.57
N GLN B 350 -9.42 19.14 -26.47
CA GLN B 350 -10.59 18.38 -26.93
C GLN B 350 -10.79 17.03 -26.20
N GLY B 351 -10.49 16.96 -24.90
CA GLY B 351 -10.96 15.82 -24.07
C GLY B 351 -12.46 15.60 -24.22
N PRO B 352 -12.94 14.33 -24.25
CA PRO B 352 -14.37 14.13 -24.51
C PRO B 352 -15.29 14.59 -23.39
N ARG B 353 -14.77 14.56 -22.16
CA ARG B 353 -15.59 14.86 -20.97
C ARG B 353 -14.65 15.38 -19.91
N MET B 354 -14.99 16.52 -19.31
CA MET B 354 -14.15 17.19 -18.30
C MET B 354 -14.84 17.45 -16.98
N SER B 355 -14.03 17.61 -15.95
CA SER B 355 -14.50 18.22 -14.72
C SER B 355 -13.55 19.33 -14.39
N THR B 356 -13.82 20.51 -14.98
CA THR B 356 -12.98 21.69 -14.77
C THR B 356 -13.82 22.92 -14.49
N GLY B 357 -14.76 22.73 -13.56
CA GLY B 357 -15.70 23.72 -13.18
C GLY B 357 -17.00 23.67 -13.97
N PRO B 358 -17.85 24.67 -13.72
CA PRO B 358 -19.07 24.83 -14.54
C PRO B 358 -18.68 24.90 -16.02
N ASP B 359 -19.45 24.23 -16.86
CA ASP B 359 -19.10 24.05 -18.27
C ASP B 359 -19.42 25.32 -19.06
N ILE B 360 -18.37 26.01 -19.53
CA ILE B 360 -18.52 27.32 -20.24
C ILE B 360 -19.20 27.25 -21.60
N HIS B 361 -19.18 26.09 -22.27
CA HIS B 361 -19.99 25.92 -23.47
C HIS B 361 -21.47 26.18 -23.23
N HIS B 362 -21.96 25.81 -22.05
CA HIS B 362 -23.35 26.07 -21.71
C HIS B 362 -23.70 27.52 -21.36
N PHE B 363 -22.70 28.35 -21.12
CA PHE B 363 -22.88 29.79 -20.95
C PHE B 363 -23.20 30.39 -22.32
N ILE B 364 -22.72 29.79 -23.43
CA ILE B 364 -22.83 30.34 -24.81
C ILE B 364 -23.94 29.66 -25.61
N MET B 365 -24.05 28.35 -25.40
CA MET B 365 -25.12 27.60 -25.96
C MET B 365 -26.44 28.08 -25.37
N GLY B 366 -27.34 28.43 -26.24
CA GLY B 366 -28.54 29.15 -25.88
C GLY B 366 -28.35 30.67 -25.70
N SER B 367 -27.22 31.28 -26.05
CA SER B 367 -27.07 32.76 -25.74
C SER B 367 -27.71 33.71 -26.73
N GLU B 368 -28.18 33.17 -27.85
CA GLU B 368 -29.02 33.86 -28.84
C GLU B 368 -28.45 35.21 -29.41
N GLY B 369 -27.15 35.23 -29.65
CA GLY B 369 -26.49 36.37 -30.23
C GLY B 369 -26.29 37.54 -29.28
N THR B 370 -26.44 37.34 -27.96
CA THR B 370 -26.36 38.41 -26.96
C THR B 370 -25.00 38.54 -26.31
N LEU B 371 -24.04 37.71 -26.68
CA LEU B 371 -22.74 37.74 -25.97
C LEU B 371 -21.46 37.88 -26.80
N GLY B 372 -21.55 37.58 -28.09
CA GLY B 372 -20.39 37.45 -28.94
C GLY B 372 -20.77 36.64 -30.18
N VAL B 373 -19.80 36.42 -31.06
CA VAL B 373 -20.05 35.62 -32.27
C VAL B 373 -19.37 34.27 -32.16
N ILE B 374 -20.12 33.22 -32.34
CA ILE B 374 -19.56 31.83 -32.44
C ILE B 374 -18.99 31.78 -33.83
N THR B 375 -17.65 31.67 -33.93
CA THR B 375 -16.99 31.67 -35.23
C THR B 375 -16.63 30.25 -35.78
N GLU B 376 -16.31 29.31 -34.89
CA GLU B 376 -15.90 27.93 -35.24
C GLU B 376 -16.45 26.99 -34.17
N ALA B 377 -16.65 25.72 -34.52
CA ALA B 377 -17.20 24.73 -33.67
C ALA B 377 -16.72 23.36 -34.10
N THR B 378 -16.50 22.48 -33.15
CA THR B 378 -16.23 21.07 -33.46
C THR B 378 -17.44 20.26 -33.09
N ILE B 379 -17.80 19.40 -34.02
CA ILE B 379 -19.00 18.65 -34.00
C ILE B 379 -18.68 17.19 -34.22
N LYS B 380 -19.33 16.32 -33.48
CA LYS B 380 -19.20 14.91 -33.64
C LYS B 380 -19.76 14.50 -34.97
N ILE B 381 -19.10 13.56 -35.62
CA ILE B 381 -19.61 12.97 -36.88
C ILE B 381 -19.69 11.49 -36.74
N ARG B 382 -20.43 10.84 -37.62
CA ARG B 382 -20.64 9.43 -37.58
C ARG B 382 -20.54 8.94 -38.98
N PRO B 383 -20.25 7.62 -39.22
CA PRO B 383 -20.33 7.10 -40.58
C PRO B 383 -21.75 7.24 -41.08
N THR B 384 -21.90 7.42 -42.37
CA THR B 384 -23.24 7.53 -42.90
C THR B 384 -23.96 6.18 -42.67
N PRO B 385 -25.24 6.22 -42.23
CA PRO B 385 -25.88 4.95 -41.98
C PRO B 385 -26.13 4.22 -43.28
N GLU B 386 -26.19 2.91 -43.19
CA GLU B 386 -26.19 2.08 -44.38
C GLU B 386 -27.58 2.00 -45.01
N TYR B 387 -28.60 2.00 -44.16
CA TYR B 387 -29.93 1.74 -44.59
C TYR B 387 -30.97 2.57 -43.80
N GLN B 388 -32.06 2.90 -44.47
CA GLN B 388 -33.17 3.57 -43.83
C GLN B 388 -34.46 2.92 -44.23
N LYS B 389 -35.41 2.95 -43.33
CA LYS B 389 -36.73 2.44 -43.59
C LYS B 389 -37.70 3.33 -42.86
N TYR B 390 -38.84 3.57 -43.49
CA TYR B 390 -39.97 4.28 -42.86
C TYR B 390 -40.98 3.28 -42.38
N GLY B 391 -41.86 3.72 -41.49
CA GLY B 391 -42.97 2.92 -41.00
C GLY B 391 -44.06 3.86 -40.54
N SER B 392 -45.21 3.29 -40.22
CA SER B 392 -46.30 4.02 -39.57
C SER B 392 -47.20 3.06 -38.81
N VAL B 393 -47.81 3.55 -37.76
CA VAL B 393 -48.72 2.76 -36.93
C VAL B 393 -49.98 3.57 -36.67
N ALA B 394 -51.14 2.94 -36.82
CA ALA B 394 -52.42 3.58 -36.50
C ALA B 394 -52.76 3.15 -35.11
N PHE B 395 -53.37 4.05 -34.31
CA PHE B 395 -53.84 3.73 -32.93
C PHE B 395 -55.34 4.09 -32.79
N PRO B 396 -56.08 3.39 -31.92
CA PRO B 396 -57.50 3.72 -31.73
C PRO B 396 -57.76 5.17 -31.36
N ASN B 397 -56.92 5.75 -30.50
CA ASN B 397 -56.91 7.20 -30.22
C ASN B 397 -55.51 7.74 -29.87
N PHE B 398 -55.44 9.06 -29.73
CA PHE B 398 -54.22 9.76 -29.41
C PHE B 398 -53.58 9.31 -28.10
N GLU B 399 -54.44 9.05 -27.11
CA GLU B 399 -54.02 8.63 -25.77
C GLU B 399 -53.26 7.32 -25.77
N GLN B 400 -53.75 6.36 -26.56
CA GLN B 400 -53.09 5.09 -26.74
C GLN B 400 -51.75 5.27 -27.42
N GLY B 401 -51.76 6.15 -28.41
CA GLY B 401 -50.57 6.59 -29.09
C GLY B 401 -49.53 7.09 -28.09
N VAL B 402 -49.96 8.00 -27.22
CA VAL B 402 -49.04 8.61 -26.30
C VAL B 402 -48.47 7.57 -25.35
N ALA B 403 -49.29 6.64 -24.89
CA ALA B 403 -48.82 5.57 -24.03
C ALA B 403 -47.80 4.63 -24.68
N CYS B 404 -48.03 4.32 -25.94
CA CYS B 404 -47.13 3.50 -26.68
C CYS B 404 -45.73 4.19 -26.74
N LEU B 405 -45.70 5.44 -27.17
CA LEU B 405 -44.48 6.21 -27.19
C LEU B 405 -43.82 6.35 -25.81
N ARG B 406 -44.64 6.52 -24.77
CA ARG B 406 -44.10 6.47 -23.41
C ARG B 406 -43.40 5.12 -23.19
N GLU B 407 -44.05 4.04 -23.58
CA GLU B 407 -43.48 2.70 -23.38
C GLU B 407 -42.16 2.52 -24.17
N ILE B 408 -42.18 2.95 -25.41
CA ILE B 408 -41.00 2.90 -26.23
C ILE B 408 -39.85 3.72 -25.60
N ALA B 409 -40.17 4.88 -25.02
CA ALA B 409 -39.17 5.70 -24.35
C ALA B 409 -38.58 4.97 -23.12
N LYS B 410 -39.50 4.44 -22.32
CA LYS B 410 -39.23 3.63 -21.11
C LYS B 410 -38.29 2.46 -21.30
N GLN B 411 -38.49 1.76 -22.40
CA GLN B 411 -37.57 0.72 -22.80
C GLN B 411 -36.36 1.24 -23.57
N ARG B 412 -36.22 2.57 -23.75
CA ARG B 412 -35.09 3.17 -24.46
C ARG B 412 -34.82 2.54 -25.79
N CYS B 413 -35.86 2.32 -26.57
CA CYS B 413 -35.73 1.68 -27.91
C CYS B 413 -36.42 2.51 -28.99
N ALA B 414 -36.30 3.83 -28.85
CA ALA B 414 -36.80 4.71 -29.87
C ALA B 414 -35.93 4.60 -31.12
N PRO B 415 -36.57 4.58 -32.33
CA PRO B 415 -35.78 4.66 -33.53
C PRO B 415 -35.38 6.10 -33.83
N ALA B 416 -34.61 6.27 -34.91
CA ALA B 416 -34.09 7.53 -35.36
C ALA B 416 -35.13 8.63 -35.19
N SER B 417 -36.31 8.45 -35.76
CA SER B 417 -37.41 9.39 -35.51
C SER B 417 -38.72 8.68 -35.30
N ILE B 418 -39.47 9.18 -34.34
CA ILE B 418 -40.81 8.73 -34.14
C ILE B 418 -41.68 9.92 -33.76
N ARG B 419 -42.80 10.02 -34.46
CA ARG B 419 -43.69 11.15 -34.32
C ARG B 419 -45.08 10.65 -34.25
N LEU B 420 -45.88 11.21 -33.36
CA LEU B 420 -47.27 10.82 -33.24
C LEU B 420 -48.17 11.98 -33.58
N MET B 421 -49.03 11.78 -34.57
CA MET B 421 -49.94 12.83 -35.11
C MET B 421 -51.37 12.65 -34.65
N ASP B 422 -52.00 13.71 -34.15
CA ASP B 422 -53.47 13.67 -33.87
C ASP B 422 -54.28 13.46 -35.13
N ASN B 423 -55.57 13.13 -34.96
CA ASN B 423 -56.46 12.80 -36.09
C ASN B 423 -56.42 13.82 -37.25
N GLN B 424 -56.47 15.09 -36.91
CA GLN B 424 -56.47 16.18 -37.89
C GLN B 424 -55.20 16.24 -38.71
N GLN B 425 -54.02 16.03 -38.11
CA GLN B 425 -52.79 15.85 -38.91
C GLN B 425 -52.84 14.53 -39.72
N PHE B 426 -53.39 13.45 -39.18
CA PHE B 426 -53.57 12.20 -39.97
C PHE B 426 -54.40 12.42 -41.24
N GLN B 427 -55.50 13.17 -41.12
CA GLN B 427 -56.32 13.52 -42.29
C GLN B 427 -55.61 14.49 -43.24
N PHE B 428 -54.87 15.45 -42.71
CA PHE B 428 -54.01 16.30 -43.55
C PHE B 428 -53.06 15.48 -44.42
N GLY B 429 -52.38 14.49 -43.84
CA GLY B 429 -51.46 13.64 -44.59
C GLY B 429 -52.17 12.89 -45.69
N HIS B 430 -53.26 12.22 -45.36
CA HIS B 430 -54.13 11.51 -46.31
C HIS B 430 -54.52 12.38 -47.51
N ALA B 431 -54.77 13.66 -47.23
CA ALA B 431 -55.10 14.61 -48.28
C ALA B 431 -53.93 15.00 -49.19
N LEU B 432 -52.69 14.79 -48.74
CA LEU B 432 -51.49 15.19 -49.51
C LEU B 432 -50.74 14.05 -50.21
N LYS B 433 -51.30 12.84 -50.26
CA LYS B 433 -50.75 11.78 -51.15
C LYS B 433 -50.82 12.11 -52.66
N PRO B 434 -49.83 11.64 -53.43
CA PRO B 434 -49.83 11.83 -54.90
C PRO B 434 -50.87 11.01 -55.70
N GLY B 457 -62.21 -2.33 -36.47
CA GLY B 457 -63.00 -1.25 -37.01
C GLY B 457 -62.23 0.07 -37.07
N PHE B 458 -61.96 0.64 -35.88
CA PHE B 458 -61.27 1.96 -35.67
C PHE B 458 -62.08 3.21 -36.08
N ASP B 459 -62.27 4.16 -35.13
CA ASP B 459 -63.09 5.39 -35.32
C ASP B 459 -62.43 6.40 -36.28
N PRO B 460 -63.18 6.88 -37.30
CA PRO B 460 -62.58 7.85 -38.24
C PRO B 460 -62.01 9.14 -37.61
N ASN B 461 -62.76 9.76 -36.70
CA ASN B 461 -62.43 11.08 -36.14
C ASN B 461 -61.45 11.03 -34.98
N GLN B 462 -61.21 9.84 -34.47
CA GLN B 462 -60.34 9.67 -33.33
C GLN B 462 -59.01 9.02 -33.66
N LEU B 463 -58.99 8.16 -34.68
CA LEU B 463 -57.80 7.38 -35.03
C LEU B 463 -56.53 8.27 -35.15
N SER B 464 -55.41 7.88 -34.52
CA SER B 464 -54.16 8.68 -34.61
C SER B 464 -53.04 7.87 -35.19
N VAL B 465 -51.97 8.54 -35.62
CA VAL B 465 -50.89 7.88 -36.37
C VAL B 465 -49.48 8.36 -36.03
N ALA B 466 -48.61 7.37 -35.89
CA ALA B 466 -47.19 7.56 -35.67
C ALA B 466 -46.47 7.19 -36.92
N THR B 467 -45.57 8.08 -37.34
CA THR B 467 -44.63 7.80 -38.39
C THR B 467 -43.26 7.51 -37.75
N LEU B 468 -42.50 6.64 -38.43
CA LEU B 468 -41.25 6.10 -37.94
C LEU B 468 -40.18 6.19 -39.00
N LEU B 469 -38.97 6.44 -38.55
CA LEU B 469 -37.80 6.40 -39.39
C LEU B 469 -36.76 5.66 -38.57
N PHE B 470 -36.28 4.55 -39.15
CA PHE B 470 -35.22 3.73 -38.63
C PHE B 470 -34.01 3.87 -39.51
N GLU B 471 -32.83 3.95 -38.91
CA GLU B 471 -31.61 3.97 -39.70
C GLU B 471 -30.43 3.43 -38.96
N GLY B 472 -29.46 2.94 -39.73
CA GLY B 472 -28.30 2.14 -39.25
C GLY B 472 -28.11 0.96 -40.19
N ASP B 473 -27.61 -0.16 -39.69
CA ASP B 473 -27.40 -1.37 -40.52
C ASP B 473 -28.71 -2.09 -40.79
N ARG B 474 -28.84 -2.55 -42.03
CA ARG B 474 -30.07 -3.22 -42.50
C ARG B 474 -30.67 -4.27 -41.53
N GLU B 475 -29.90 -5.25 -41.06
CA GLU B 475 -30.48 -6.36 -40.23
C GLU B 475 -30.84 -5.87 -38.82
N LYS B 476 -30.03 -4.96 -38.28
CA LYS B 476 -30.35 -4.29 -37.01
C LYS B 476 -31.66 -3.49 -37.11
N VAL B 477 -31.79 -2.77 -38.23
CA VAL B 477 -33.02 -2.01 -38.52
C VAL B 477 -34.28 -2.90 -38.44
N LEU B 478 -34.20 -4.08 -39.04
CA LEU B 478 -35.35 -4.99 -39.15
C LEU B 478 -35.73 -5.62 -37.82
N GLN B 479 -34.72 -5.92 -36.99
CA GLN B 479 -34.97 -6.37 -35.61
C GLN B 479 -35.60 -5.28 -34.76
N HIS B 480 -35.07 -4.06 -34.92
CA HIS B 480 -35.59 -2.93 -34.17
C HIS B 480 -37.03 -2.73 -34.57
N GLU B 481 -37.28 -2.74 -35.87
CA GLU B 481 -38.59 -2.50 -36.42
C GLU B 481 -39.64 -3.48 -35.89
N LYS B 482 -39.27 -4.74 -35.80
CA LYS B 482 -40.10 -5.79 -35.20
C LYS B 482 -40.38 -5.51 -33.73
N GLN B 483 -39.35 -5.16 -32.96
CA GLN B 483 -39.52 -4.80 -31.54
C GLN B 483 -40.51 -3.65 -31.33
N VAL B 484 -40.41 -2.64 -32.20
CA VAL B 484 -41.26 -1.45 -32.07
C VAL B 484 -42.73 -1.77 -32.37
N TYR B 485 -42.98 -2.48 -33.47
CA TYR B 485 -44.37 -2.84 -33.83
C TYR B 485 -44.99 -3.80 -32.80
N ASP B 486 -44.17 -4.72 -32.29
CA ASP B 486 -44.54 -5.54 -31.12
C ASP B 486 -44.97 -4.72 -29.89
N ILE B 487 -44.17 -3.72 -29.48
CA ILE B 487 -44.55 -2.88 -28.36
C ILE B 487 -45.86 -2.19 -28.69
N ALA B 488 -45.99 -1.75 -29.93
CA ALA B 488 -47.17 -0.97 -30.33
C ALA B 488 -48.47 -1.78 -30.28
N ALA B 489 -48.42 -3.05 -30.70
CA ALA B 489 -49.60 -3.95 -30.73
C ALA B 489 -50.32 -4.05 -29.36
N LYS B 490 -49.52 -3.95 -28.30
CA LYS B 490 -49.98 -3.91 -26.94
C LYS B 490 -50.87 -2.69 -26.63
N PHE B 491 -50.71 -1.58 -27.36
CA PHE B 491 -51.61 -0.42 -27.16
C PHE B 491 -52.68 -0.28 -28.26
N GLY B 492 -52.97 -1.38 -28.97
CA GLY B 492 -53.94 -1.38 -30.05
C GLY B 492 -53.37 -0.90 -31.38
N GLY B 493 -52.07 -0.62 -31.45
CA GLY B 493 -51.45 -0.10 -32.68
C GLY B 493 -51.37 -1.13 -33.81
N LEU B 494 -51.67 -0.70 -35.04
CA LEU B 494 -51.64 -1.60 -36.21
C LEU B 494 -50.64 -1.00 -37.19
N ALA B 495 -49.79 -1.85 -37.78
CA ALA B 495 -48.86 -1.37 -38.81
C ALA B 495 -49.69 -0.82 -39.94
N ALA B 496 -49.36 0.38 -40.42
CA ALA B 496 -50.14 1.09 -41.43
C ALA B 496 -49.36 1.43 -42.69
N GLY B 497 -48.20 0.79 -42.91
CA GLY B 497 -47.47 0.90 -44.16
C GLY B 497 -46.23 1.77 -44.08
N GLU B 498 -45.29 1.53 -44.98
CA GLU B 498 -44.06 2.32 -45.09
C GLU B 498 -44.26 3.58 -45.96
N ASP B 499 -45.04 3.44 -47.03
CA ASP B 499 -45.39 4.57 -47.92
C ASP B 499 -45.89 5.76 -47.11
N ASN B 500 -46.83 5.48 -46.20
CA ASN B 500 -47.32 6.44 -45.18
C ASN B 500 -46.22 7.14 -44.40
N GLY B 501 -45.34 6.30 -43.85
CA GLY B 501 -44.16 6.74 -43.15
C GLY B 501 -43.41 7.70 -44.01
N GLN B 502 -43.11 7.28 -45.23
CA GLN B 502 -42.29 8.11 -46.10
C GLN B 502 -42.92 9.47 -46.41
N ARG B 503 -44.21 9.47 -46.73
CA ARG B 503 -44.84 10.71 -47.21
C ARG B 503 -44.73 11.80 -46.16
N GLY B 504 -44.96 11.44 -44.91
CA GLY B 504 -44.80 12.36 -43.80
C GLY B 504 -43.41 12.96 -43.69
N TYR B 505 -42.37 12.13 -43.88
CA TYR B 505 -41.01 12.63 -43.83
C TYR B 505 -40.62 13.42 -45.07
N LEU B 506 -41.19 13.10 -46.22
CA LEU B 506 -40.96 13.91 -47.43
C LEU B 506 -41.49 15.34 -47.19
N LEU B 507 -42.73 15.41 -46.73
CA LEU B 507 -43.41 16.67 -46.39
C LEU B 507 -42.67 17.58 -45.46
N THR B 508 -41.88 17.03 -44.57
CA THR B 508 -41.12 17.82 -43.60
C THR B 508 -40.63 19.15 -44.15
N TYR B 509 -39.99 19.15 -45.31
CA TYR B 509 -39.37 20.41 -45.79
C TYR B 509 -40.25 21.28 -46.69
N VAL B 510 -41.43 20.79 -47.05
CA VAL B 510 -42.36 21.60 -47.84
C VAL B 510 -43.32 22.42 -46.99
N ILE B 511 -43.62 22.01 -45.77
CA ILE B 511 -44.67 22.67 -45.00
C ILE B 511 -44.42 24.15 -44.86
N ALA B 512 -43.18 24.56 -44.61
CA ALA B 512 -42.82 25.99 -44.55
C ALA B 512 -43.27 26.80 -45.78
N TYR B 513 -43.30 26.18 -46.94
CA TYR B 513 -43.82 26.83 -48.15
C TYR B 513 -45.34 27.05 -48.12
N MET B 514 -46.08 26.43 -47.19
CA MET B 514 -47.52 26.58 -47.17
C MET B 514 -47.96 27.91 -46.59
N ARG B 515 -47.04 28.62 -45.93
CA ARG B 515 -47.40 29.91 -45.33
C ARG B 515 -47.77 30.82 -46.43
N ASP B 516 -46.82 31.06 -47.34
CA ASP B 516 -47.06 31.94 -48.46
C ASP B 516 -48.25 31.48 -49.33
N LEU B 517 -48.50 30.18 -49.44
CA LEU B 517 -49.74 29.72 -50.02
C LEU B 517 -50.93 30.28 -49.24
N GLY B 518 -50.99 29.99 -47.96
CA GLY B 518 -52.06 30.46 -47.08
C GLY B 518 -52.32 31.95 -47.14
N LEU B 519 -51.27 32.75 -47.13
CA LEU B 519 -51.42 34.19 -47.16
C LEU B 519 -52.15 34.70 -48.40
N GLU B 520 -52.06 33.96 -49.52
CA GLU B 520 -52.86 34.26 -50.71
C GLU B 520 -54.37 34.04 -50.52
N TYR B 521 -54.77 33.21 -49.57
CA TYR B 521 -56.18 32.89 -49.39
C TYR B 521 -56.67 33.25 -48.01
N TYR B 522 -56.15 34.36 -47.48
CA TYR B 522 -56.55 34.92 -46.16
C TYR B 522 -56.48 33.93 -44.98
N ILE B 523 -55.53 33.00 -45.04
CA ILE B 523 -55.31 32.00 -43.98
C ILE B 523 -53.98 32.37 -43.35
N ILE B 524 -53.98 32.51 -42.02
CA ILE B 524 -52.76 32.79 -41.30
C ILE B 524 -52.61 31.82 -40.16
N GLY B 525 -51.37 31.74 -39.69
CA GLY B 525 -51.03 30.77 -38.65
C GLY B 525 -49.57 30.68 -38.36
N GLU B 526 -49.27 29.84 -37.38
CA GLU B 526 -47.91 29.61 -36.96
C GLU B 526 -47.90 28.27 -36.23
N SER B 527 -46.72 27.64 -36.22
CA SER B 527 -46.49 26.51 -35.35
C SER B 527 -45.75 26.99 -34.09
N PHE B 528 -45.91 26.21 -33.01
CA PHE B 528 -45.27 26.48 -31.72
C PHE B 528 -45.14 25.18 -30.94
N GLU B 529 -44.27 25.22 -29.95
CA GLU B 529 -43.87 23.99 -29.29
C GLU B 529 -43.61 24.15 -27.80
N THR B 530 -43.57 23.00 -27.18
CA THR B 530 -43.25 22.90 -25.77
C THR B 530 -42.68 21.50 -25.54
N SER B 531 -42.04 21.34 -24.36
CA SER B 531 -41.68 20.05 -23.82
C SER B 531 -42.42 19.95 -22.52
N ALA B 532 -42.78 18.74 -22.13
CA ALA B 532 -43.60 18.52 -20.95
C ALA B 532 -43.35 17.10 -20.38
N PRO B 533 -43.52 16.90 -19.06
CA PRO B 533 -43.43 15.54 -18.56
C PRO B 533 -44.45 14.59 -19.19
N TRP B 534 -44.10 13.31 -19.26
CA TRP B 534 -44.97 12.27 -19.83
C TRP B 534 -46.45 12.31 -19.35
N ASP B 535 -46.65 12.55 -18.07
CA ASP B 535 -47.98 12.48 -17.51
C ASP B 535 -48.76 13.77 -17.64
N ARG B 536 -48.19 14.79 -18.27
CA ARG B 536 -48.93 16.00 -18.65
C ARG B 536 -49.32 16.06 -20.13
N VAL B 537 -48.74 15.17 -20.94
CA VAL B 537 -48.79 15.30 -22.40
C VAL B 537 -50.24 15.34 -22.85
N VAL B 538 -51.04 14.36 -22.46
CA VAL B 538 -52.40 14.22 -23.02
C VAL B 538 -53.30 15.43 -22.69
N ASP B 539 -53.19 15.93 -21.47
CA ASP B 539 -54.07 17.02 -21.00
C ASP B 539 -53.63 18.36 -21.55
N LEU B 540 -52.31 18.55 -21.60
CA LEU B 540 -51.73 19.73 -22.24
C LEU B 540 -52.19 19.84 -23.69
N CYS B 541 -52.23 18.74 -24.42
CA CYS B 541 -52.61 18.77 -25.83
C CYS B 541 -54.10 19.15 -25.98
N ARG B 542 -54.98 18.41 -25.28
CA ARG B 542 -56.42 18.70 -25.28
C ARG B 542 -56.71 20.13 -24.83
N ASN B 543 -56.11 20.55 -23.71
CA ASN B 543 -56.39 21.89 -23.16
C ASN B 543 -55.85 23.03 -24.01
N VAL B 544 -54.64 22.85 -24.55
CA VAL B 544 -54.10 23.87 -25.44
C VAL B 544 -54.95 23.98 -26.71
N LYS B 545 -55.39 22.84 -27.24
CA LYS B 545 -56.23 22.86 -28.44
C LYS B 545 -57.51 23.59 -28.18
N GLU B 546 -58.21 23.16 -27.13
CA GLU B 546 -59.49 23.77 -26.78
C GLU B 546 -59.35 25.25 -26.45
N ARG B 547 -58.25 25.64 -25.81
CA ARG B 547 -57.98 27.05 -25.50
C ARG B 547 -57.86 27.95 -26.76
N ILE B 548 -57.31 27.38 -27.84
CA ILE B 548 -57.23 28.11 -29.10
C ILE B 548 -58.60 28.31 -29.75
N ARG B 549 -59.40 27.23 -29.85
CA ARG B 549 -60.80 27.34 -30.35
C ARG B 549 -61.56 28.41 -29.63
N ARG B 550 -61.55 28.32 -28.29
CA ARG B 550 -62.21 29.28 -27.40
C ARG B 550 -61.79 30.75 -27.68
N GLU B 551 -60.48 30.98 -27.74
CA GLU B 551 -59.96 32.30 -28.05
C GLU B 551 -60.42 32.73 -29.44
N CYS B 552 -60.40 31.82 -30.42
CA CYS B 552 -60.82 32.20 -31.77
C CYS B 552 -62.32 32.55 -31.88
N LYS B 553 -63.21 31.74 -31.30
CA LYS B 553 -64.62 32.15 -31.23
C LYS B 553 -64.82 33.51 -30.52
N GLU B 554 -64.30 33.66 -29.29
CA GLU B 554 -64.36 34.94 -28.57
C GLU B 554 -63.87 36.15 -29.36
N LYS B 555 -62.84 36.00 -30.21
CA LYS B 555 -62.34 37.14 -30.99
C LYS B 555 -63.03 37.41 -32.33
N GLY B 556 -64.01 36.58 -32.74
CA GLY B 556 -64.79 36.83 -33.97
C GLY B 556 -64.33 36.10 -35.23
N VAL B 557 -63.64 34.97 -35.04
CA VAL B 557 -63.20 34.16 -36.19
C VAL B 557 -64.39 33.33 -36.67
N GLN B 558 -64.76 33.52 -37.94
CA GLN B 558 -65.96 32.94 -38.54
C GLN B 558 -65.98 31.45 -38.35
N PHE B 559 -64.88 30.79 -38.72
CA PHE B 559 -64.81 29.34 -38.73
C PHE B 559 -63.86 28.86 -37.64
N PRO B 560 -64.16 27.69 -37.04
CA PRO B 560 -63.26 27.17 -35.98
C PRO B 560 -61.85 26.93 -36.55
N PRO B 561 -60.82 27.48 -35.89
CA PRO B 561 -59.46 27.45 -36.44
C PRO B 561 -58.94 26.04 -36.58
N LEU B 562 -57.97 25.83 -37.47
CA LEU B 562 -57.20 24.60 -37.45
C LEU B 562 -56.32 24.59 -36.18
N SER B 563 -56.37 23.49 -35.46
CA SER B 563 -55.73 23.37 -34.16
C SER B 563 -55.34 21.90 -34.03
N THR B 564 -54.11 21.60 -34.44
CA THR B 564 -53.52 20.26 -34.36
C THR B 564 -52.20 20.24 -33.58
N CYS B 565 -51.85 19.05 -33.14
CA CYS B 565 -50.61 18.78 -32.46
C CYS B 565 -50.04 17.46 -32.91
N ARG B 566 -48.72 17.35 -32.75
CA ARG B 566 -48.08 16.06 -32.73
C ARG B 566 -46.93 16.02 -31.72
N VAL B 567 -46.64 14.82 -31.24
CA VAL B 567 -45.49 14.55 -30.42
C VAL B 567 -44.32 14.25 -31.34
N THR B 568 -43.33 15.12 -31.35
CA THR B 568 -42.15 15.04 -32.25
C THR B 568 -40.81 14.52 -31.63
N GLN B 569 -40.61 14.66 -30.34
CA GLN B 569 -39.43 14.07 -29.72
C GLN B 569 -39.91 13.41 -28.46
N THR B 570 -39.31 12.25 -28.15
CA THR B 570 -39.48 11.59 -26.85
C THR B 570 -38.16 11.59 -26.12
N TYR B 571 -38.28 11.54 -24.82
CA TYR B 571 -37.18 11.55 -23.89
C TYR B 571 -37.57 10.66 -22.68
N ASP B 572 -36.54 10.41 -21.86
CA ASP B 572 -36.68 9.78 -20.61
C ASP B 572 -37.84 10.41 -19.80
N ALA B 573 -37.74 11.73 -19.56
CA ALA B 573 -38.67 12.40 -18.65
C ALA B 573 -39.84 13.06 -19.32
N GLY B 574 -40.01 12.90 -20.63
CA GLY B 574 -41.15 13.45 -21.34
C GLY B 574 -40.97 13.62 -22.83
N ALA B 575 -41.77 14.52 -23.38
CA ALA B 575 -41.88 14.69 -24.82
C ALA B 575 -41.95 16.14 -25.27
N CYS B 576 -41.61 16.30 -26.54
CA CYS B 576 -41.79 17.52 -27.29
C CYS B 576 -43.12 17.45 -28.04
N ILE B 577 -43.92 18.49 -27.86
CA ILE B 577 -45.26 18.59 -28.45
C ILE B 577 -45.23 19.79 -29.36
N TYR B 578 -45.64 19.55 -30.60
CA TYR B 578 -45.52 20.53 -31.63
C TYR B 578 -46.94 20.80 -32.14
N PHE B 579 -47.32 22.08 -32.16
CA PHE B 579 -48.69 22.54 -32.48
C PHE B 579 -48.72 23.36 -33.77
N TYR B 580 -49.80 23.18 -34.56
CA TYR B 580 -50.23 24.11 -35.64
C TYR B 580 -51.62 24.74 -35.35
N PHE B 581 -51.67 26.05 -35.54
CA PHE B 581 -52.83 26.89 -35.31
C PHE B 581 -52.96 27.70 -36.61
N ALA B 582 -54.13 27.63 -37.25
CA ALA B 582 -54.37 28.45 -38.46
C ALA B 582 -55.86 28.78 -38.62
N PHE B 583 -56.13 29.95 -39.17
CA PHE B 583 -57.50 30.38 -39.41
C PHE B 583 -57.61 31.36 -40.57
N ASN B 584 -58.78 31.30 -41.20
CA ASN B 584 -59.24 32.23 -42.19
C ASN B 584 -59.64 33.50 -41.44
N TYR B 585 -59.04 34.61 -41.80
CA TYR B 585 -59.34 35.88 -41.19
C TYR B 585 -60.32 36.79 -42.00
N ARG B 586 -61.03 36.22 -42.99
CA ARG B 586 -62.02 36.97 -43.79
C ARG B 586 -63.07 37.53 -42.84
N GLY B 587 -63.03 38.85 -42.66
CA GLY B 587 -64.02 39.59 -41.90
C GLY B 587 -63.52 40.24 -40.62
N ILE B 588 -62.23 40.11 -40.31
CA ILE B 588 -61.74 40.46 -38.97
C ILE B 588 -61.10 41.81 -39.01
N SER B 589 -61.40 42.64 -38.02
CA SER B 589 -60.87 43.99 -37.99
C SER B 589 -59.32 44.03 -37.99
N ASP B 590 -58.70 43.34 -37.01
CA ASP B 590 -57.23 43.39 -36.82
C ASP B 590 -56.68 41.96 -36.65
N PRO B 591 -56.56 41.21 -37.76
CA PRO B 591 -56.30 39.75 -37.70
C PRO B 591 -54.90 39.35 -37.15
N LEU B 592 -53.89 40.16 -37.39
CA LEU B 592 -52.58 40.01 -36.71
C LEU B 592 -52.60 40.20 -35.19
N ALA B 593 -53.46 41.07 -34.69
CA ALA B 593 -53.55 41.30 -33.25
C ALA B 593 -54.26 40.13 -32.59
N VAL B 594 -55.19 39.52 -33.32
CA VAL B 594 -55.96 38.37 -32.84
C VAL B 594 -55.07 37.12 -32.78
N PHE B 595 -54.21 36.96 -33.77
CA PHE B 595 -53.28 35.85 -33.83
C PHE B 595 -52.29 35.98 -32.66
N GLU B 596 -51.72 37.18 -32.52
CA GLU B 596 -50.76 37.54 -31.48
C GLU B 596 -51.35 37.22 -30.13
N GLN B 597 -52.56 37.70 -29.92
CA GLN B 597 -53.29 37.40 -28.70
C GLN B 597 -53.52 35.92 -28.51
N THR B 598 -53.95 35.22 -29.55
CA THR B 598 -54.26 33.77 -29.42
C THR B 598 -52.99 32.91 -29.20
N GLU B 599 -51.87 33.26 -29.85
CA GLU B 599 -50.54 32.66 -29.56
C GLU B 599 -50.17 32.80 -28.09
N ALA B 600 -50.22 34.04 -27.59
CA ALA B 600 -49.90 34.40 -26.21
C ALA B 600 -50.70 33.59 -25.22
N ALA B 601 -51.99 33.43 -25.52
CA ALA B 601 -52.92 32.65 -24.69
C ALA B 601 -52.60 31.14 -24.69
N ALA B 602 -52.22 30.62 -25.84
CA ALA B 602 -51.86 29.19 -25.94
C ALA B 602 -50.57 28.91 -25.14
N ARG B 603 -49.66 29.87 -25.11
CA ARG B 603 -48.44 29.80 -24.26
C ARG B 603 -48.77 29.87 -22.78
N GLU B 604 -49.74 30.70 -22.41
CA GLU B 604 -50.22 30.69 -21.03
C GLU B 604 -50.82 29.32 -20.68
N GLU B 605 -51.62 28.77 -21.57
CA GLU B 605 -52.22 27.44 -21.36
C GLU B 605 -51.18 26.31 -21.32
N ILE B 606 -50.16 26.42 -22.16
CA ILE B 606 -49.00 25.53 -22.13
C ILE B 606 -48.34 25.55 -20.74
N LEU B 607 -47.98 26.75 -20.27
CA LEU B 607 -47.30 26.90 -18.97
C LEU B 607 -48.15 26.44 -17.81
N ALA B 608 -49.45 26.68 -17.89
CA ALA B 608 -50.39 26.24 -16.85
C ALA B 608 -50.60 24.73 -16.79
N ASN B 609 -50.40 24.01 -17.90
CA ASN B 609 -50.52 22.53 -17.98
C ASN B 609 -49.19 21.73 -17.87
N GLY B 610 -48.16 22.36 -17.31
CA GLY B 610 -46.86 21.68 -17.07
C GLY B 610 -45.79 21.76 -18.16
N GLY B 611 -46.09 22.51 -19.21
CA GLY B 611 -45.20 22.68 -20.32
C GLY B 611 -44.16 23.71 -20.08
N SER B 612 -43.04 23.53 -20.80
CA SER B 612 -41.95 24.45 -20.82
C SER B 612 -42.25 25.62 -21.78
N LEU B 613 -41.49 26.70 -21.59
CA LEU B 613 -41.55 27.92 -22.42
C LEU B 613 -41.16 27.63 -23.90
N SER B 614 -40.16 26.76 -24.05
CA SER B 614 -39.69 26.32 -25.39
C SER B 614 -38.86 25.04 -25.28
N HIS B 615 -39.17 24.09 -26.13
CA HIS B 615 -38.29 22.96 -26.33
C HIS B 615 -37.03 23.32 -27.18
N HIS B 616 -37.23 23.97 -28.32
CA HIS B 616 -36.14 24.27 -29.26
C HIS B 616 -36.12 25.64 -29.95
N HIS B 617 -37.29 26.25 -30.17
CA HIS B 617 -37.38 27.55 -30.81
C HIS B 617 -36.64 28.62 -30.06
N GLY B 618 -36.62 28.54 -28.74
CA GLY B 618 -35.96 29.56 -27.95
C GLY B 618 -36.86 30.68 -27.49
N VAL B 619 -36.22 31.72 -27.00
CA VAL B 619 -36.89 32.84 -26.32
C VAL B 619 -36.90 34.11 -27.17
N GLY B 620 -35.74 34.49 -27.69
CA GLY B 620 -35.54 35.74 -28.42
C GLY B 620 -36.16 36.91 -27.67
N LYS B 621 -37.10 37.58 -28.33
CA LYS B 621 -37.91 38.67 -27.76
C LYS B 621 -39.37 38.33 -27.63
N LEU B 622 -39.79 37.17 -28.12
CA LEU B 622 -41.18 36.76 -28.10
C LEU B 622 -41.60 36.17 -26.74
N ARG B 623 -40.69 35.49 -26.04
CA ARG B 623 -41.04 34.81 -24.78
C ARG B 623 -40.27 35.37 -23.57
N LYS B 624 -39.66 36.54 -23.76
CA LYS B 624 -38.89 37.25 -22.74
C LYS B 624 -39.56 37.53 -21.42
N GLN B 625 -40.86 37.84 -21.49
CA GLN B 625 -41.68 38.16 -20.32
C GLN B 625 -41.91 36.97 -19.35
N TRP B 626 -41.68 35.75 -19.80
CA TRP B 626 -41.81 34.55 -18.98
C TRP B 626 -40.46 33.99 -18.47
N LEU B 627 -39.33 34.47 -18.94
CA LEU B 627 -38.07 33.82 -18.64
C LEU B 627 -37.78 33.79 -17.14
N LYS B 628 -38.00 34.93 -16.49
CA LYS B 628 -37.63 35.11 -15.11
C LYS B 628 -38.36 34.09 -14.22
N GLU B 629 -39.64 33.86 -14.47
CA GLU B 629 -40.40 32.80 -13.77
C GLU B 629 -39.80 31.44 -14.03
N SER B 630 -39.52 31.17 -15.29
CA SER B 630 -38.93 29.90 -15.70
C SER B 630 -37.58 29.57 -15.09
N ILE B 631 -36.67 30.52 -14.97
CA ILE B 631 -35.30 30.20 -14.48
C ILE B 631 -34.98 30.75 -13.08
N SER B 632 -35.94 31.47 -12.49
CA SER B 632 -35.77 32.13 -11.17
C SER B 632 -34.98 33.42 -11.28
N ASP B 633 -35.24 34.32 -10.34
CA ASP B 633 -34.58 35.62 -10.30
C ASP B 633 -33.07 35.51 -10.18
N VAL B 634 -32.60 34.59 -9.33
CA VAL B 634 -31.16 34.43 -9.22
C VAL B 634 -30.60 33.87 -10.54
N GLY B 635 -31.37 33.02 -11.22
CA GLY B 635 -30.96 32.47 -12.50
C GLY B 635 -30.82 33.51 -13.59
N PHE B 636 -31.91 34.21 -13.84
CA PHE B 636 -31.87 35.45 -14.62
C PHE B 636 -30.60 36.29 -14.31
N GLY B 637 -30.37 36.53 -13.01
CA GLY B 637 -29.32 37.45 -12.61
C GLY B 637 -27.97 36.90 -12.93
N MET B 638 -27.83 35.58 -12.82
CA MET B 638 -26.58 34.93 -13.24
C MET B 638 -26.27 35.20 -14.71
N LEU B 639 -27.29 35.08 -15.57
CA LEU B 639 -27.15 35.38 -16.98
C LEU B 639 -26.75 36.84 -17.22
N LYS B 640 -27.35 37.76 -16.48
CA LYS B 640 -27.01 39.17 -16.62
C LYS B 640 -25.60 39.45 -16.17
N SER B 641 -25.10 38.75 -15.15
CA SER B 641 -23.73 38.96 -14.72
C SER B 641 -22.78 38.50 -15.79
N VAL B 642 -23.11 37.42 -16.50
CA VAL B 642 -22.24 36.96 -17.59
C VAL B 642 -22.21 37.99 -18.75
N LYS B 643 -23.40 38.40 -19.19
CA LYS B 643 -23.59 39.46 -20.18
C LYS B 643 -22.78 40.72 -19.83
N ASP B 644 -22.91 41.21 -18.59
CA ASP B 644 -22.26 42.48 -18.22
C ASP B 644 -20.74 42.34 -18.14
N TYR B 645 -20.22 41.13 -17.89
CA TYR B 645 -18.77 40.91 -17.88
C TYR B 645 -18.22 40.82 -19.31
N VAL B 646 -18.93 40.06 -20.12
CA VAL B 646 -18.48 39.73 -21.47
C VAL B 646 -18.67 40.92 -22.43
N ASP B 647 -19.81 41.60 -22.26
CA ASP B 647 -20.26 42.67 -23.16
C ASP B 647 -20.71 43.91 -22.34
N PRO B 648 -19.80 44.53 -21.59
CA PRO B 648 -20.20 45.64 -20.71
C PRO B 648 -20.96 46.83 -21.37
N THR B 649 -20.67 47.12 -22.63
CA THR B 649 -21.35 48.20 -23.38
C THR B 649 -22.41 47.68 -24.34
N ASN B 650 -22.77 46.40 -24.20
CA ASN B 650 -23.91 45.88 -24.92
C ASN B 650 -23.83 46.05 -26.43
N ILE B 651 -22.62 45.85 -26.94
CA ILE B 651 -22.40 45.74 -28.38
C ILE B 651 -23.27 44.69 -29.01
N PHE B 652 -23.57 43.60 -28.30
CA PHE B 652 -24.41 42.55 -28.87
C PHE B 652 -25.79 42.80 -28.43
N GLY B 653 -26.38 43.79 -29.09
CA GLY B 653 -27.55 44.48 -28.56
C GLY B 653 -28.87 44.03 -29.09
N ASN B 654 -29.01 42.77 -29.51
CA ASN B 654 -30.30 42.36 -30.01
C ASN B 654 -31.42 42.32 -28.96
N ARG B 655 -31.06 42.37 -27.69
CA ARG B 655 -32.02 42.34 -26.58
C ARG B 655 -32.82 41.05 -26.46
N ASN B 656 -32.26 39.96 -26.93
CA ASN B 656 -32.93 38.65 -26.71
C ASN B 656 -32.76 38.24 -25.27
N LEU B 657 -33.67 37.40 -24.77
CA LEU B 657 -33.56 36.84 -23.43
C LEU B 657 -33.75 37.80 -22.26
N LEU B 658 -32.82 38.76 -22.12
CA LEU B 658 -32.72 39.58 -20.91
C LEU B 658 -33.37 40.99 -21.08
N GLY C 81 -5.06 -21.27 29.30
CA GLY C 81 -3.63 -20.76 29.36
C GLY C 81 -3.42 -19.26 29.53
N ILE C 82 -4.48 -18.46 29.29
CA ILE C 82 -4.45 -17.02 29.60
C ILE C 82 -4.48 -16.85 31.12
N ILE C 83 -3.49 -16.12 31.65
CA ILE C 83 -3.46 -15.68 33.04
C ILE C 83 -4.56 -14.60 33.12
N PRO C 84 -5.62 -14.80 33.94
CA PRO C 84 -6.64 -13.73 34.03
C PRO C 84 -6.09 -12.56 34.86
N LYS C 85 -6.72 -11.39 34.77
CA LYS C 85 -6.22 -10.21 35.47
C LYS C 85 -6.16 -10.38 36.97
N LYS C 86 -7.25 -10.90 37.54
CA LYS C 86 -7.36 -11.18 38.97
C LYS C 86 -6.80 -12.59 39.22
N ARG C 87 -5.48 -12.66 39.40
CA ARG C 87 -4.77 -13.93 39.37
C ARG C 87 -5.24 -14.86 40.46
N GLN C 88 -5.37 -14.27 41.65
CA GLN C 88 -5.82 -14.95 42.85
C GLN C 88 -7.11 -15.74 42.74
N GLU C 89 -7.98 -15.41 41.79
CA GLU C 89 -9.16 -16.23 41.51
C GLU C 89 -8.79 -17.65 41.13
N LEU C 90 -7.79 -17.84 40.28
CA LEU C 90 -7.29 -19.18 39.96
C LEU C 90 -5.97 -19.64 40.63
N MET C 91 -5.13 -18.71 41.07
CA MET C 91 -3.80 -19.02 41.62
C MET C 91 -3.64 -18.66 43.08
N LYS C 92 -2.77 -19.39 43.78
CA LYS C 92 -2.55 -19.14 45.20
C LYS C 92 -1.98 -17.77 45.42
N TRP C 93 -2.55 -17.02 46.36
CA TRP C 93 -2.08 -15.67 46.69
C TRP C 93 -0.78 -15.69 47.52
N ASN C 94 -0.47 -16.85 48.10
CA ASN C 94 0.59 -16.96 49.10
C ASN C 94 1.58 -18.08 48.81
N GLY C 95 1.47 -18.68 47.64
CA GLY C 95 2.51 -19.57 47.18
C GLY C 95 2.37 -19.99 45.76
N TRP C 96 2.97 -21.12 45.46
CA TRP C 96 3.07 -21.56 44.09
C TRP C 96 1.76 -22.13 43.56
N GLY C 97 1.45 -21.78 42.34
CA GLY C 97 0.60 -22.63 41.53
C GLY C 97 -0.86 -22.37 41.70
N TYR C 98 -1.64 -23.33 41.27
CA TYR C 98 -3.11 -23.17 41.21
C TYR C 98 -3.80 -23.45 42.55
N ASN C 99 -4.82 -22.66 42.85
CA ASN C 99 -5.67 -22.89 44.05
C ASN C 99 -6.16 -24.32 44.21
N ASP C 100 -6.38 -25.03 43.12
CA ASP C 100 -6.96 -26.36 43.15
C ASP C 100 -6.00 -27.48 43.49
N SER C 101 -4.71 -27.14 43.60
CA SER C 101 -3.65 -28.10 43.77
C SER C 101 -2.81 -27.84 45.04
N LYS C 102 -3.11 -28.61 46.08
CA LYS C 102 -2.35 -28.56 47.31
C LYS C 102 -2.23 -29.97 47.91
N PHE C 103 -1.15 -30.17 48.65
CA PHE C 103 -0.92 -31.37 49.43
C PHE C 103 -1.69 -31.28 50.73
N PHE C 104 -2.22 -32.42 51.18
CA PHE C 104 -2.99 -32.50 52.41
C PHE C 104 -3.03 -33.93 52.95
N LEU C 105 -3.58 -34.09 54.15
CA LEU C 105 -3.75 -35.45 54.75
C LEU C 105 -5.11 -36.02 54.49
N ASN C 106 -5.13 -37.14 53.77
CA ASN C 106 -6.26 -38.08 53.67
C ASN C 106 -7.09 -38.38 54.90
N LYS C 107 -8.31 -38.82 54.63
CA LYS C 107 -9.12 -39.60 55.56
C LYS C 107 -8.34 -40.78 56.13
N LYS C 108 -7.58 -41.50 55.30
CA LYS C 108 -6.66 -42.54 55.77
C LYS C 108 -5.32 -42.04 56.39
N GLY C 109 -5.16 -40.75 56.68
CA GLY C 109 -3.91 -40.22 57.21
C GLY C 109 -2.70 -40.23 56.26
N GLN C 110 -2.95 -40.35 54.95
CA GLN C 110 -1.90 -40.28 53.93
C GLN C 110 -1.77 -38.93 53.21
N LEU C 111 -0.53 -38.53 52.88
CA LEU C 111 -0.35 -37.38 51.97
C LEU C 111 -0.85 -37.62 50.53
N GLU C 112 -1.45 -36.55 50.03
CA GLU C 112 -2.13 -36.53 48.74
C GLU C 112 -2.24 -35.09 48.20
N LEU C 113 -2.25 -35.00 46.86
CA LEU C 113 -2.48 -33.78 46.12
C LEU C 113 -3.96 -33.64 45.71
N THR C 114 -4.56 -32.51 46.09
CA THR C 114 -5.96 -32.21 45.76
C THR C 114 -6.12 -31.98 44.26
N GLY C 115 -7.36 -31.96 43.79
CA GLY C 115 -7.65 -31.55 42.41
C GLY C 115 -7.42 -32.66 41.42
N LYS C 116 -7.37 -32.28 40.14
CA LYS C 116 -7.27 -33.21 39.02
C LYS C 116 -6.30 -32.69 37.95
N ARG C 117 -5.36 -31.85 38.32
CA ARG C 117 -4.55 -31.13 37.34
C ARG C 117 -3.32 -31.88 36.87
N TYR C 118 -2.70 -32.66 37.75
CA TYR C 118 -1.48 -33.38 37.45
C TYR C 118 -1.72 -34.88 37.51
N PRO C 119 -0.86 -35.66 36.85
CA PRO C 119 -1.07 -37.13 36.95
C PRO C 119 -1.05 -37.70 38.41
N LEU C 120 -0.22 -37.12 39.28
CA LEU C 120 -0.24 -37.40 40.73
C LEU C 120 -1.48 -36.91 41.50
N SER C 121 -2.29 -36.03 40.93
CA SER C 121 -3.41 -35.44 41.66
C SER C 121 -4.45 -36.48 41.97
N GLY C 122 -4.96 -36.48 43.21
CA GLY C 122 -5.98 -37.43 43.66
C GLY C 122 -5.47 -38.84 43.96
N VAL C 123 -4.16 -38.97 44.18
CA VAL C 123 -3.49 -40.25 44.35
C VAL C 123 -2.75 -40.26 45.70
N ALA C 124 -3.05 -41.24 46.54
CA ALA C 124 -2.49 -41.27 47.90
C ALA C 124 -1.05 -41.69 47.79
N LEU C 125 -0.21 -41.12 48.65
CA LEU C 125 1.24 -41.39 48.66
C LEU C 125 1.55 -42.00 49.99
N PRO C 126 1.33 -43.32 50.12
CA PRO C 126 1.36 -43.89 51.48
C PRO C 126 2.69 -43.77 52.25
N THR C 127 3.82 -43.79 51.55
CA THR C 127 5.11 -43.76 52.23
C THR C 127 5.67 -42.34 52.37
N PHE C 128 4.89 -41.35 51.96
CA PHE C 128 5.39 -39.98 51.89
C PHE C 128 5.55 -39.44 53.29
N LYS C 129 4.52 -39.57 54.11
CA LYS C 129 4.56 -39.10 55.49
C LYS C 129 5.75 -39.62 56.30
N ASP C 130 6.03 -40.90 56.22
CA ASP C 130 7.17 -41.48 56.93
C ASP C 130 8.50 -40.98 56.41
N TRP C 131 8.62 -40.78 55.10
CA TRP C 131 9.86 -40.20 54.57
C TRP C 131 10.10 -38.81 55.21
N ILE C 132 9.05 -38.01 55.32
CA ILE C 132 9.18 -36.66 55.93
C ILE C 132 9.67 -36.77 57.37
N GLN C 133 9.12 -37.74 58.10
CA GLN C 133 9.40 -37.91 59.53
C GLN C 133 10.81 -38.44 59.75
N ASN C 134 11.22 -39.40 58.93
CA ASN C 134 12.60 -39.87 58.96
C ASN C 134 13.61 -38.85 58.45
N THR C 135 13.22 -38.01 57.49
CA THR C 135 14.14 -37.06 56.91
C THR C 135 14.27 -35.84 57.82
N PHE C 136 13.15 -35.37 58.38
CA PHE C 136 13.13 -34.09 59.13
C PHE C 136 12.95 -34.18 60.64
N GLY C 137 12.59 -35.38 61.13
CA GLY C 137 12.42 -35.63 62.54
C GLY C 137 11.20 -34.97 63.16
N ILE C 138 10.09 -34.99 62.45
CA ILE C 138 8.89 -34.28 62.88
C ILE C 138 7.72 -35.19 62.63
N ASN C 139 6.63 -35.00 63.37
CA ASN C 139 5.52 -35.96 63.38
C ASN C 139 4.31 -35.62 62.49
N LEU C 140 4.22 -34.38 62.02
CA LEU C 140 3.04 -33.90 61.25
C LEU C 140 1.75 -33.78 62.08
N ASP C 141 1.88 -33.47 63.38
CA ASP C 141 0.71 -33.16 64.20
C ASP C 141 0.43 -31.68 64.02
N HIS C 142 1.22 -30.82 64.68
CA HIS C 142 0.98 -29.39 64.62
C HIS C 142 1.27 -28.72 63.25
N LYS C 143 0.22 -28.12 62.70
CA LYS C 143 0.29 -27.28 61.52
C LYS C 143 0.73 -25.90 62.04
N THR C 144 1.73 -25.30 61.41
CA THR C 144 2.07 -23.87 61.59
C THR C 144 0.84 -22.96 61.28
N THR C 145 0.71 -21.78 61.87
CA THR C 145 -0.42 -20.89 61.47
C THR C 145 0.10 -19.66 60.73
N SER C 146 -0.45 -19.45 59.53
CA SER C 146 -0.15 -18.35 58.63
C SER C 146 -1.42 -17.58 58.21
N LYS C 147 -1.24 -16.37 57.70
CA LYS C 147 -2.35 -15.50 57.37
C LYS C 147 -3.38 -16.23 56.51
N ALA C 148 -4.64 -16.11 56.87
CA ALA C 148 -5.71 -16.79 56.19
C ALA C 148 -5.98 -16.20 54.84
N SER C 149 -5.75 -14.89 54.71
CA SER C 149 -5.99 -14.23 53.42
C SER C 149 -5.19 -12.97 53.36
N LEU C 150 -5.10 -12.40 52.15
CA LEU C 150 -4.51 -11.09 52.03
C LEU C 150 -5.39 -10.10 52.75
N ASN C 151 -4.83 -9.43 53.75
CA ASN C 151 -5.46 -8.29 54.39
C ASN C 151 -5.02 -6.97 53.70
N PRO C 152 -5.93 -6.34 52.92
CA PRO C 152 -5.61 -5.05 52.28
C PRO C 152 -5.04 -4.00 53.20
N SER C 153 -5.50 -3.96 54.45
CA SER C 153 -5.03 -3.00 55.42
C SER C 153 -3.58 -3.21 55.82
N ASP C 154 -3.03 -4.41 55.62
CA ASP C 154 -1.60 -4.62 55.88
C ASP C 154 -0.70 -3.85 54.90
N THR C 155 -1.24 -3.35 53.78
CA THR C 155 -0.43 -2.85 52.66
C THR C 155 -0.25 -1.34 52.62
N PRO C 156 0.86 -0.87 52.01
CA PRO C 156 1.02 0.58 51.82
C PRO C 156 -0.08 1.20 50.97
N PRO C 157 -0.38 2.51 51.21
CA PRO C 157 -1.31 3.20 50.32
C PRO C 157 -0.77 3.26 48.87
N SER C 158 -1.69 3.19 47.89
CA SER C 158 -1.40 3.42 46.49
C SER C 158 -1.23 4.94 46.16
N ILE C 159 0.03 5.40 45.97
CA ILE C 159 0.38 6.82 45.66
C ILE C 159 0.57 6.96 44.15
N VAL C 160 -0.35 7.67 43.49
CA VAL C 160 -0.36 7.84 42.04
C VAL C 160 -0.73 9.29 41.64
N ASN C 161 0.15 10.03 40.94
CA ASN C 161 -0.18 11.40 40.38
C ASN C 161 -1.55 11.41 39.66
N GLU C 162 -2.41 12.39 39.99
CA GLU C 162 -3.76 12.47 39.40
C GLU C 162 -3.79 12.84 37.90
N ASP C 163 -2.86 13.67 37.46
CA ASP C 163 -2.71 14.01 36.03
C ASP C 163 -2.28 12.83 35.18
N PHE C 164 -1.33 12.04 35.68
CA PHE C 164 -0.98 10.79 35.03
C PHE C 164 -2.22 9.90 34.93
N LEU C 165 -2.94 9.81 36.03
CA LEU C 165 -4.12 9.00 36.07
C LEU C 165 -5.15 9.50 35.05
N HIS C 166 -5.28 10.81 34.97
CA HIS C 166 -6.18 11.43 34.01
C HIS C 166 -5.85 11.05 32.55
N GLU C 167 -4.57 11.11 32.18
CA GLU C 167 -4.15 10.63 30.85
C GLU C 167 -4.30 9.13 30.69
N LEU C 168 -3.92 8.37 31.72
CA LEU C 168 -4.11 6.93 31.67
C LEU C 168 -5.55 6.60 31.37
N LYS C 169 -6.48 7.32 31.99
CA LYS C 169 -7.92 7.06 31.70
C LYS C 169 -8.29 7.20 30.22
N LYS C 170 -7.66 8.16 29.55
CA LYS C 170 -7.95 8.42 28.14
C LYS C 170 -7.62 7.24 27.22
N THR C 171 -6.56 6.51 27.55
CA THR C 171 -6.08 5.41 26.69
C THR C 171 -6.98 4.17 26.68
N ASN C 172 -7.92 4.04 27.61
CA ASN C 172 -8.61 2.79 27.84
C ASN C 172 -7.69 1.57 28.12
N ILE C 173 -6.50 1.80 28.68
CA ILE C 173 -5.70 0.70 29.21
C ILE C 173 -6.27 0.31 30.60
N SER C 174 -6.55 -0.97 30.73
CA SER C 174 -7.03 -1.52 32.00
C SER C 174 -5.98 -1.35 33.12
N TYR C 175 -6.42 -0.97 34.31
CA TYR C 175 -5.52 -0.74 35.44
C TYR C 175 -6.21 -1.09 36.75
N SER C 176 -5.40 -1.20 37.80
CA SER C 176 -5.92 -1.40 39.14
C SER C 176 -4.99 -0.83 40.17
N GLN C 177 -5.57 -0.14 41.14
CA GLN C 177 -4.89 0.25 42.37
C GLN C 177 -5.31 -0.66 43.55
N GLU C 178 -5.97 -1.79 43.26
CA GLU C 178 -6.45 -2.68 44.36
C GLU C 178 -5.23 -3.38 45.01
N ALA C 179 -5.21 -3.39 46.34
CA ALA C 179 -4.11 -3.98 47.06
C ALA C 179 -3.85 -5.47 46.70
N ASP C 180 -4.88 -6.29 46.48
CA ASP C 180 -4.62 -7.70 46.05
C ASP C 180 -3.87 -7.80 44.71
N ASP C 181 -4.25 -6.97 43.75
CA ASP C 181 -3.57 -6.96 42.48
C ASP C 181 -2.10 -6.50 42.63
N ARG C 182 -1.85 -5.54 43.52
CA ARG C 182 -0.54 -4.96 43.69
C ARG C 182 0.36 -5.89 44.44
N VAL C 183 -0.19 -6.46 45.50
CA VAL C 183 0.54 -7.46 46.31
C VAL C 183 0.93 -8.70 45.50
N PHE C 184 0.02 -9.17 44.67
CA PHE C 184 0.24 -10.41 43.97
C PHE C 184 1.42 -10.21 43.03
N ARG C 185 1.64 -8.98 42.54
CA ARG C 185 2.69 -8.66 41.60
C ARG C 185 3.95 -8.05 42.25
N ALA C 186 4.08 -8.14 43.58
CA ALA C 186 5.21 -7.54 44.30
C ALA C 186 6.34 -8.54 44.65
N HIS C 187 6.29 -9.75 44.11
CA HIS C 187 7.14 -10.82 44.54
C HIS C 187 7.19 -11.93 43.49
N GLY C 188 8.23 -12.74 43.62
CA GLY C 188 8.38 -13.97 42.90
C GLY C 188 8.27 -15.07 43.92
N HIS C 189 9.14 -16.07 43.81
CA HIS C 189 9.06 -17.31 44.55
C HIS C 189 10.36 -17.67 45.21
N CYS C 190 11.08 -16.65 45.68
CA CYS C 190 12.10 -16.88 46.74
C CYS C 190 11.42 -17.06 48.09
N LEU C 191 12.11 -17.75 49.01
CA LEU C 191 11.55 -18.13 50.31
C LEU C 191 11.14 -16.94 51.17
N HIS C 192 12.03 -15.96 51.37
CA HIS C 192 11.68 -14.84 52.22
C HIS C 192 10.38 -14.17 51.75
N GLU C 193 10.11 -14.16 50.46
CA GLU C 193 8.90 -13.51 49.93
C GLU C 193 7.63 -14.25 50.30
N ILE C 194 7.72 -15.58 50.21
CA ILE C 194 6.62 -16.47 50.57
C ILE C 194 6.33 -16.34 52.04
N PHE C 195 7.37 -16.23 52.87
CA PHE C 195 7.22 -15.81 54.28
C PHE C 195 6.50 -14.54 54.49
N LEU C 196 6.89 -13.47 53.82
CA LEU C 196 6.20 -12.21 53.99
C LEU C 196 4.72 -12.28 53.59
N LEU C 197 4.38 -13.12 52.61
CA LEU C 197 2.97 -13.33 52.28
C LEU C 197 2.21 -13.99 53.42
N ARG C 198 2.91 -14.91 54.09
CA ARG C 198 2.29 -15.76 55.07
C ARG C 198 2.22 -15.15 56.45
N GLU C 199 3.18 -14.29 56.80
CA GLU C 199 3.28 -13.79 58.16
C GLU C 199 3.46 -12.29 58.30
N GLY C 200 3.54 -11.54 57.20
CA GLY C 200 3.82 -10.10 57.29
C GLY C 200 3.36 -9.30 56.10
N MET C 201 4.21 -8.39 55.64
CA MET C 201 3.98 -7.62 54.42
C MET C 201 5.31 -7.17 53.80
N PHE C 202 5.27 -6.98 52.49
CA PHE C 202 6.39 -6.40 51.80
C PHE C 202 6.51 -4.94 52.22
N GLU C 203 7.73 -4.47 52.33
CA GLU C 203 8.00 -3.05 52.57
C GLU C 203 7.49 -2.13 51.49
N ARG C 204 7.43 -2.61 50.24
CA ARG C 204 7.07 -1.80 49.09
C ARG C 204 6.40 -2.70 48.06
N ILE C 205 5.29 -2.22 47.52
CA ILE C 205 4.57 -2.93 46.51
C ILE C 205 4.26 -1.89 45.42
N PRO C 206 3.93 -2.36 44.23
CA PRO C 206 3.58 -1.44 43.17
C PRO C 206 2.39 -0.59 43.53
N ASP C 207 2.37 0.66 43.05
CA ASP C 207 1.25 1.53 43.31
C ASP C 207 0.11 1.30 42.35
N ILE C 208 0.41 0.83 41.15
CA ILE C 208 -0.68 0.57 40.22
C ILE C 208 -0.32 -0.56 39.26
N VAL C 209 -1.31 -1.31 38.85
CA VAL C 209 -1.08 -2.35 37.82
C VAL C 209 -1.75 -1.95 36.52
N LEU C 210 -1.01 -2.09 35.44
CA LEU C 210 -1.52 -1.82 34.12
C LEU C 210 -1.48 -3.08 33.34
N TRP C 211 -2.46 -3.22 32.46
CA TRP C 211 -2.59 -4.37 31.60
C TRP C 211 -2.64 -4.00 30.12
N PRO C 212 -1.48 -3.70 29.52
CA PRO C 212 -1.47 -3.50 28.09
C PRO C 212 -1.91 -4.75 27.31
N THR C 213 -2.54 -4.56 26.14
CA THR C 213 -2.91 -5.67 25.27
C THR C 213 -2.05 -5.81 23.99
N CYS C 214 -1.20 -4.85 23.67
CA CYS C 214 -0.42 -4.89 22.40
C CYS C 214 0.76 -3.93 22.50
N HIS C 215 1.71 -4.03 21.57
CA HIS C 215 2.91 -3.18 21.54
C HIS C 215 2.66 -1.66 21.69
N ASP C 216 1.60 -1.21 21.01
CA ASP C 216 1.24 0.22 21.01
C ASP C 216 0.89 0.72 22.39
N ASP C 217 0.19 -0.12 23.16
CA ASP C 217 -0.17 0.19 24.56
C ASP C 217 1.07 0.33 25.39
N VAL C 218 2.01 -0.58 25.21
CA VAL C 218 3.28 -0.44 25.93
C VAL C 218 3.99 0.87 25.57
N VAL C 219 3.98 1.25 24.29
CA VAL C 219 4.62 2.55 23.89
C VAL C 219 4.01 3.76 24.67
N LYS C 220 2.68 3.80 24.69
CA LYS C 220 1.94 4.80 25.42
C LYS C 220 2.33 4.84 26.86
N ILE C 221 2.37 3.67 27.48
CA ILE C 221 2.66 3.62 28.92
C ILE C 221 4.05 4.15 29.22
N VAL C 222 5.00 3.69 28.42
CA VAL C 222 6.38 4.08 28.64
C VAL C 222 6.47 5.63 28.44
N ASN C 223 5.86 6.14 27.40
CA ASN C 223 5.84 7.63 27.21
C ASN C 223 5.27 8.38 28.40
N LEU C 224 4.17 7.88 28.94
CA LEU C 224 3.58 8.43 30.15
C LEU C 224 4.49 8.29 31.36
N ALA C 225 5.17 7.16 31.51
CA ALA C 225 6.16 7.05 32.60
C ALA C 225 7.29 8.03 32.47
N CYS C 226 7.78 8.27 31.23
CA CYS C 226 8.85 9.28 30.98
C CYS C 226 8.34 10.70 31.42
N LYS C 227 7.16 11.06 30.93
CA LYS C 227 6.53 12.34 31.20
C LYS C 227 6.35 12.62 32.67
N TYR C 228 5.84 11.63 33.41
CA TYR C 228 5.45 11.82 34.79
C TYR C 228 6.42 11.23 35.76
N ASN C 229 7.59 10.82 35.29
CA ASN C 229 8.59 10.26 36.21
C ASN C 229 8.10 9.02 37.00
N LEU C 230 7.52 8.06 36.30
CA LEU C 230 7.06 6.81 36.96
C LEU C 230 8.15 5.74 36.85
N CYS C 231 8.23 4.85 37.84
CA CYS C 231 9.12 3.69 37.78
C CYS C 231 8.32 2.47 37.25
N ILE C 232 8.83 1.78 36.22
CA ILE C 232 8.16 0.55 35.70
C ILE C 232 8.90 -0.72 36.00
N ILE C 233 8.20 -1.65 36.68
CA ILE C 233 8.64 -3.04 36.86
C ILE C 233 7.74 -3.94 36.02
N PRO C 234 8.25 -4.41 34.89
CA PRO C 234 7.49 -5.38 34.08
C PRO C 234 7.28 -6.73 34.79
N ILE C 235 6.12 -7.34 34.60
CA ILE C 235 5.91 -8.69 35.12
C ILE C 235 5.18 -9.59 34.11
N GLY C 236 5.57 -10.86 34.04
CA GLY C 236 4.92 -11.84 33.24
C GLY C 236 4.29 -12.83 34.20
N GLY C 237 4.82 -14.05 34.27
CA GLY C 237 4.33 -15.07 35.17
C GLY C 237 4.55 -14.83 36.65
N GLY C 238 5.37 -13.87 37.05
CA GLY C 238 5.73 -13.72 38.44
C GLY C 238 6.52 -14.87 39.03
N THR C 239 7.25 -15.64 38.23
CA THR C 239 7.90 -16.87 38.69
C THR C 239 9.40 -16.71 39.06
N SER C 240 9.88 -15.46 39.08
CA SER C 240 11.23 -15.08 39.45
C SER C 240 11.70 -15.70 40.73
N VAL C 241 12.91 -16.19 40.70
CA VAL C 241 13.52 -16.73 41.89
C VAL C 241 14.81 -15.95 42.14
N SER C 242 14.84 -14.65 41.88
CA SER C 242 16.05 -13.87 42.12
C SER C 242 15.81 -12.50 42.69
N TYR C 243 14.63 -12.27 43.29
CA TYR C 243 14.24 -10.94 43.75
C TYR C 243 14.13 -9.94 42.61
N GLY C 244 13.74 -10.47 41.45
CA GLY C 244 13.66 -9.73 40.24
C GLY C 244 12.46 -8.81 40.14
N LEU C 245 11.39 -9.15 40.84
CA LEU C 245 10.18 -8.36 40.88
C LEU C 245 10.04 -7.53 42.12
N MET C 246 10.95 -7.68 43.08
CA MET C 246 10.83 -6.94 44.33
C MET C 246 11.02 -5.45 44.04
N CYS C 247 10.10 -4.65 44.55
CA CYS C 247 10.20 -3.20 44.51
C CYS C 247 11.21 -2.71 45.53
N PRO C 248 12.18 -1.88 45.14
CA PRO C 248 13.07 -1.44 46.21
C PRO C 248 12.35 -0.54 47.21
N ALA C 249 12.79 -0.63 48.45
CA ALA C 249 12.14 -0.06 49.64
C ALA C 249 12.14 1.46 49.65
N ASP C 250 13.22 2.06 49.19
CA ASP C 250 13.41 3.52 49.18
C ASP C 250 12.94 4.22 47.90
N GLU C 251 12.42 3.48 46.93
CA GLU C 251 11.84 4.07 45.73
C GLU C 251 10.56 4.85 46.03
N THR C 252 10.69 6.19 46.01
CA THR C 252 9.60 7.08 46.31
C THR C 252 8.71 7.40 45.12
N ARG C 253 9.10 7.07 43.90
CA ARG C 253 8.22 7.31 42.76
C ARG C 253 7.10 6.29 42.74
N THR C 254 6.01 6.65 42.08
CA THR C 254 4.93 5.72 41.76
C THR C 254 5.52 4.53 40.98
N ILE C 255 5.26 3.33 41.45
CA ILE C 255 5.65 2.11 40.74
C ILE C 255 4.48 1.57 39.93
N ILE C 256 4.67 1.47 38.62
CA ILE C 256 3.72 0.75 37.75
C ILE C 256 4.20 -0.69 37.67
N SER C 257 3.32 -1.63 37.98
CA SER C 257 3.51 -3.00 37.56
C SER C 257 2.95 -3.15 36.15
N LEU C 258 3.82 -3.34 35.15
CA LEU C 258 3.37 -3.47 33.81
C LEU C 258 3.23 -4.96 33.57
N ASP C 259 1.98 -5.39 33.59
CA ASP C 259 1.65 -6.78 33.59
C ASP C 259 1.49 -7.12 32.14
N THR C 260 2.26 -8.12 31.64
CA THR C 260 2.15 -8.49 30.24
C THR C 260 1.15 -9.60 29.87
N SER C 261 0.34 -10.07 30.82
CA SER C 261 -0.45 -11.31 30.66
C SER C 261 -1.56 -11.22 29.61
N GLN C 262 -1.99 -9.98 29.31
CA GLN C 262 -3.07 -9.75 28.33
C GLN C 262 -2.52 -9.49 26.90
N MET C 263 -1.19 -9.48 26.81
CA MET C 263 -0.44 -9.25 25.59
C MET C 263 0.13 -10.64 25.26
N ASN C 264 -0.71 -11.49 24.73
CA ASN C 264 -0.46 -12.92 24.78
C ASN C 264 -0.80 -13.67 23.53
N ARG C 265 -0.87 -12.97 22.40
CA ARG C 265 -1.20 -13.64 21.16
C ARG C 265 -0.04 -14.17 20.36
N ILE C 266 -0.33 -15.22 19.64
CA ILE C 266 0.47 -15.65 18.54
C ILE C 266 0.02 -14.84 17.37
N LEU C 267 0.89 -13.95 16.88
CA LEU C 267 0.51 -13.02 15.80
C LEU C 267 0.45 -13.73 14.46
N TRP C 268 1.47 -14.54 14.19
CA TRP C 268 1.33 -15.52 13.16
C TRP C 268 2.42 -16.58 13.21
N VAL C 269 2.09 -17.74 12.61
CA VAL C 269 3.01 -18.85 12.40
C VAL C 269 3.49 -18.80 10.95
N ASP C 270 4.80 -18.78 10.76
CA ASP C 270 5.42 -18.86 9.43
C ASP C 270 5.87 -20.28 9.20
N GLU C 271 5.03 -21.03 8.52
CA GLU C 271 5.33 -22.45 8.29
C GLU C 271 6.56 -22.66 7.41
N ASN C 272 6.88 -21.67 6.57
CA ASN C 272 7.99 -21.81 5.62
C ASN C 272 9.35 -21.63 6.21
N ASN C 273 9.48 -20.68 7.12
CA ASN C 273 10.72 -20.45 7.82
C ASN C 273 10.79 -21.15 9.17
N LEU C 274 9.70 -21.83 9.58
CA LEU C 274 9.51 -22.42 10.91
C LEU C 274 9.86 -21.52 12.06
N THR C 275 9.14 -20.39 12.14
CA THR C 275 9.19 -19.47 13.25
C THR C 275 7.73 -19.06 13.60
N ALA C 276 7.56 -18.63 14.84
CA ALA C 276 6.34 -18.06 15.28
C ALA C 276 6.63 -16.63 15.80
N HIS C 277 5.74 -15.70 15.43
CA HIS C 277 5.79 -14.29 15.83
C HIS C 277 4.75 -14.13 16.94
N VAL C 278 5.21 -13.80 18.14
CA VAL C 278 4.32 -13.83 19.30
C VAL C 278 4.51 -12.61 20.13
N GLU C 279 3.46 -12.29 20.89
CA GLU C 279 3.52 -11.25 21.91
C GLU C 279 4.15 -11.83 23.20
N ALA C 280 4.76 -10.96 23.99
CA ALA C 280 5.70 -11.41 25.02
C ALA C 280 5.07 -11.98 26.29
N GLY C 281 3.78 -11.73 26.51
CA GLY C 281 3.10 -12.21 27.68
C GLY C 281 2.52 -13.60 27.59
N ILE C 282 2.64 -14.26 26.43
CA ILE C 282 2.10 -15.61 26.27
C ILE C 282 2.95 -16.61 27.12
N THR C 283 2.25 -17.46 27.86
CA THR C 283 2.86 -18.45 28.71
C THR C 283 3.33 -19.59 27.88
N GLY C 284 4.31 -20.32 28.37
CA GLY C 284 4.73 -21.49 27.67
C GLY C 284 3.63 -22.53 27.47
N GLN C 285 2.72 -22.69 28.41
CA GLN C 285 1.70 -23.73 28.29
C GLN C 285 0.77 -23.33 27.16
N GLU C 286 0.43 -22.06 27.11
CA GLU C 286 -0.49 -21.59 26.09
C GLU C 286 0.19 -21.54 24.72
N LEU C 287 1.46 -21.15 24.67
CA LEU C 287 2.19 -21.18 23.40
C LEU C 287 2.20 -22.61 22.87
N GLU C 288 2.54 -23.59 23.70
CA GLU C 288 2.61 -24.98 23.20
C GLU C 288 1.25 -25.53 22.77
N ARG C 289 0.21 -25.21 23.49
CA ARG C 289 -1.13 -25.70 23.14
C ARG C 289 -1.64 -25.19 21.77
N GLN C 290 -1.47 -23.90 21.52
CA GLN C 290 -1.87 -23.36 20.24
C GLN C 290 -1.04 -23.86 19.07
N LEU C 291 0.29 -23.85 19.23
CA LEU C 291 1.17 -24.36 18.23
C LEU C 291 0.87 -25.83 17.89
N LYS C 292 0.55 -26.62 18.89
CA LYS C 292 0.28 -28.02 18.66
C LYS C 292 -0.94 -28.16 17.74
N GLU C 293 -1.91 -27.24 17.86
CA GLU C 293 -3.10 -27.32 17.00
C GLU C 293 -2.73 -27.30 15.54
N SER C 294 -1.61 -26.67 15.23
CA SER C 294 -1.07 -26.64 13.91
C SER C 294 -0.06 -27.72 13.59
N GLY C 295 0.34 -28.55 14.55
CA GLY C 295 1.36 -29.57 14.37
C GLY C 295 2.79 -29.12 14.72
N TYR C 296 2.95 -28.02 15.47
CA TYR C 296 4.27 -27.50 15.86
C TYR C 296 4.40 -27.32 17.36
N CYS C 297 5.63 -27.08 17.77
CA CYS C 297 6.04 -26.82 19.12
C CYS C 297 7.34 -25.99 19.10
N THR C 298 7.63 -25.32 20.21
CA THR C 298 8.93 -24.77 20.45
C THR C 298 9.80 -25.77 21.13
N GLY C 299 9.25 -26.62 21.97
CA GLY C 299 10.08 -27.54 22.75
C GLY C 299 10.81 -26.85 23.92
N HIS C 300 10.56 -25.55 24.16
CA HIS C 300 11.06 -24.82 25.34
C HIS C 300 10.18 -25.11 26.53
N GLU C 301 10.72 -25.90 27.45
CA GLU C 301 9.96 -26.41 28.60
C GLU C 301 10.71 -26.17 29.92
N PRO C 302 10.72 -24.91 30.41
CA PRO C 302 11.17 -24.73 31.78
C PRO C 302 10.13 -25.31 32.75
N ASP C 303 10.55 -25.60 33.98
CA ASP C 303 9.59 -26.12 34.97
C ASP C 303 8.47 -25.19 35.31
N SER C 304 8.66 -23.87 35.12
CA SER C 304 7.66 -22.83 35.42
C SER C 304 6.70 -22.54 34.26
N LEU C 305 6.65 -23.43 33.26
CA LEU C 305 6.04 -23.15 31.97
C LEU C 305 4.53 -22.90 32.00
N GLU C 306 3.86 -23.33 33.05
CA GLU C 306 2.44 -23.05 33.23
C GLU C 306 2.22 -21.53 33.37
N PHE C 307 3.17 -20.82 34.01
CA PHE C 307 3.06 -19.36 34.18
C PHE C 307 4.12 -18.49 33.52
N SER C 308 5.36 -18.95 33.39
CA SER C 308 6.40 -18.11 32.81
C SER C 308 6.13 -17.81 31.29
N THR C 309 6.62 -16.65 30.84
CA THR C 309 6.26 -16.11 29.58
C THR C 309 7.50 -15.89 28.75
N VAL C 310 7.25 -15.71 27.47
CA VAL C 310 8.26 -15.46 26.46
C VAL C 310 9.14 -14.26 26.82
N GLY C 311 8.51 -13.13 27.16
CA GLY C 311 9.23 -12.00 27.66
C GLY C 311 10.06 -12.29 28.89
N GLY C 312 9.50 -13.06 29.82
CA GLY C 312 10.28 -13.54 30.92
C GLY C 312 11.56 -14.35 30.59
N TRP C 313 11.40 -15.30 29.67
CA TRP C 313 12.46 -16.19 29.31
C TRP C 313 13.64 -15.40 28.75
N ILE C 314 13.32 -14.41 27.94
CA ILE C 314 14.31 -13.55 27.30
C ILE C 314 14.98 -12.72 28.38
N SER C 315 14.19 -12.19 29.32
CA SER C 315 14.75 -11.27 30.31
C SER C 315 15.68 -11.97 31.25
N THR C 316 15.43 -13.27 31.49
CA THR C 316 16.22 -14.02 32.49
C THR C 316 17.15 -15.09 31.96
N ARG C 317 17.12 -15.29 30.66
CA ARG C 317 17.98 -16.18 29.97
C ARG C 317 17.62 -17.56 30.41
N ALA C 318 16.35 -17.85 30.18
CA ALA C 318 15.75 -19.07 30.64
C ALA C 318 16.25 -20.31 29.87
N SER C 319 16.18 -21.44 30.53
CA SER C 319 16.58 -22.71 29.97
C SER C 319 15.50 -23.73 30.27
N GLY C 320 15.27 -24.66 29.36
CA GLY C 320 14.19 -25.58 29.48
C GLY C 320 14.75 -26.99 29.46
N MET C 321 13.92 -27.91 29.87
CA MET C 321 14.30 -29.35 30.00
C MET C 321 14.83 -29.99 28.73
N LYS C 322 14.38 -29.60 27.53
CA LYS C 322 14.77 -30.28 26.26
C LYS C 322 15.64 -29.45 25.35
N LYS C 323 16.53 -28.73 26.00
CA LYS C 323 17.41 -27.75 25.40
C LYS C 323 18.42 -28.41 24.44
N ASN C 324 18.81 -29.64 24.76
CA ASN C 324 19.60 -30.45 23.86
C ASN C 324 19.07 -30.54 22.44
N ILE C 325 17.76 -30.69 22.29
CA ILE C 325 17.12 -30.71 21.01
C ILE C 325 16.70 -29.35 20.51
N TYR C 326 16.19 -28.48 21.37
CA TYR C 326 15.60 -27.22 20.86
C TYR C 326 16.42 -26.01 21.13
N GLY C 327 17.48 -26.12 21.90
CA GLY C 327 18.16 -24.92 22.43
C GLY C 327 17.55 -24.22 23.65
N ASN C 328 18.37 -23.40 24.24
CA ASN C 328 17.96 -22.52 25.28
C ASN C 328 17.37 -21.33 24.64
N ILE C 329 16.97 -20.34 25.42
CA ILE C 329 16.26 -19.20 24.88
C ILE C 329 17.10 -18.40 23.90
N GLU C 330 18.42 -18.31 24.12
CA GLU C 330 19.29 -17.57 23.18
C GLU C 330 19.51 -18.24 21.85
N ASP C 331 19.22 -19.54 21.76
CA ASP C 331 19.20 -20.30 20.52
C ASP C 331 17.83 -20.25 19.81
N LEU C 332 16.72 -20.04 20.54
CA LEU C 332 15.35 -20.09 19.98
C LEU C 332 14.86 -18.76 19.43
N VAL C 333 15.25 -17.66 20.07
CA VAL C 333 14.80 -16.34 19.64
C VAL C 333 15.56 -15.82 18.45
N VAL C 334 14.83 -15.50 17.43
CA VAL C 334 15.35 -15.06 16.17
C VAL C 334 15.28 -13.53 16.08
N HIS C 335 14.24 -12.94 16.69
CA HIS C 335 13.86 -11.53 16.55
C HIS C 335 13.10 -11.05 17.76
N MET C 336 13.15 -9.75 18.01
CA MET C 336 12.44 -9.16 19.09
C MET C 336 12.31 -7.66 18.94
N LYS C 337 11.31 -7.15 19.62
CA LYS C 337 10.92 -5.76 19.60
C LYS C 337 10.86 -5.33 21.07
N VAL C 338 11.55 -4.28 21.40
CA VAL C 338 11.67 -3.81 22.80
C VAL C 338 11.33 -2.34 22.89
N VAL C 339 10.43 -1.98 23.78
CA VAL C 339 10.09 -0.58 24.00
C VAL C 339 10.99 -0.05 25.09
N THR C 340 11.81 0.95 24.78
CA THR C 340 12.66 1.55 25.79
C THR C 340 12.29 3.01 25.95
N PRO C 341 12.75 3.66 26.99
CA PRO C 341 12.58 5.14 27.04
C PRO C 341 13.19 5.87 25.83
N ARG C 342 14.20 5.31 25.19
CA ARG C 342 14.75 6.00 24.04
C ARG C 342 14.11 5.69 22.68
N GLY C 343 13.22 4.70 22.65
CA GLY C 343 12.48 4.28 21.47
C GLY C 343 12.51 2.76 21.38
N VAL C 344 12.12 2.25 20.23
CA VAL C 344 11.93 0.85 19.98
C VAL C 344 13.15 0.22 19.38
N ILE C 345 13.61 -0.86 19.99
CA ILE C 345 14.74 -1.62 19.46
C ILE C 345 14.16 -2.72 18.63
N GLU C 346 14.68 -2.87 17.41
CA GLU C 346 14.14 -3.86 16.45
C GLU C 346 15.03 -3.92 15.20
N LYS C 347 15.66 -5.08 14.97
CA LYS C 347 16.45 -5.29 13.77
C LYS C 347 15.53 -5.35 12.55
N SER C 348 15.98 -4.86 11.42
CA SER C 348 15.12 -4.70 10.24
C SER C 348 14.92 -5.94 9.43
N CYS C 349 15.71 -6.98 9.66
CA CYS C 349 15.48 -8.26 8.99
C CYS C 349 15.74 -9.49 9.86
N GLN C 350 15.08 -10.58 9.46
CA GLN C 350 15.08 -11.86 10.16
C GLN C 350 15.92 -12.93 9.43
N GLY C 351 17.03 -12.51 8.79
CA GLY C 351 18.05 -13.45 8.33
C GLY C 351 18.47 -14.32 9.49
N PRO C 352 18.80 -15.60 9.27
CA PRO C 352 19.06 -16.53 10.35
C PRO C 352 20.39 -16.34 11.08
N ARG C 353 21.34 -15.63 10.50
CA ARG C 353 22.62 -15.43 11.17
C ARG C 353 23.28 -14.24 10.49
N MET C 354 23.67 -13.23 11.27
CA MET C 354 24.28 -12.01 10.75
C MET C 354 25.70 -11.79 11.28
N SER C 355 26.48 -11.00 10.54
CA SER C 355 27.61 -10.35 11.12
C SER C 355 27.44 -8.85 10.97
N THR C 356 26.84 -8.19 11.96
CA THR C 356 26.56 -6.77 11.86
C THR C 356 26.89 -6.10 13.15
N GLY C 357 28.10 -6.34 13.66
CA GLY C 357 28.56 -5.74 14.85
C GLY C 357 28.18 -6.59 16.03
N PRO C 358 28.39 -6.07 17.24
CA PRO C 358 27.91 -6.76 18.45
C PRO C 358 26.40 -7.05 18.40
N ASP C 359 25.99 -8.27 18.75
CA ASP C 359 24.59 -8.68 18.68
C ASP C 359 23.76 -8.00 19.76
N ILE C 360 22.94 -7.05 19.35
CA ILE C 360 22.15 -6.30 20.33
C ILE C 360 21.02 -7.10 21.01
N HIS C 361 20.54 -8.16 20.37
CA HIS C 361 19.66 -9.11 21.04
C HIS C 361 20.22 -9.57 22.39
N HIS C 362 21.56 -9.67 22.48
CA HIS C 362 22.24 -10.10 23.66
C HIS C 362 22.44 -8.99 24.68
N PHE C 363 22.30 -7.73 24.27
CA PHE C 363 22.20 -6.64 25.22
C PHE C 363 20.85 -6.72 25.97
N ILE C 364 19.79 -7.20 25.29
CA ILE C 364 18.45 -7.33 25.89
C ILE C 364 18.23 -8.69 26.56
N MET C 365 18.61 -9.79 25.93
CA MET C 365 18.59 -11.07 26.63
C MET C 365 19.35 -10.98 27.93
N GLY C 366 18.69 -11.29 29.04
CA GLY C 366 19.30 -11.26 30.39
C GLY C 366 19.31 -9.90 31.11
N SER C 367 18.63 -8.93 30.55
CA SER C 367 18.62 -7.57 31.14
C SER C 367 17.59 -7.46 32.29
N GLU C 368 16.79 -8.51 32.49
CA GLU C 368 15.98 -8.66 33.69
C GLU C 368 15.09 -7.41 34.07
N GLY C 369 14.34 -6.93 33.10
CA GLY C 369 13.43 -5.80 33.31
C GLY C 369 14.08 -4.42 33.43
N THR C 370 15.39 -4.29 33.22
CA THR C 370 16.13 -3.08 33.60
C THR C 370 16.29 -2.01 32.50
N LEU C 371 15.83 -2.36 31.30
CA LEU C 371 16.08 -1.63 30.04
C LEU C 371 14.83 -1.25 29.28
N GLY C 372 13.78 -2.06 29.38
CA GLY C 372 12.55 -1.75 28.70
C GLY C 372 11.64 -2.96 28.70
N VAL C 373 10.56 -2.87 27.93
CA VAL C 373 9.66 -3.98 27.78
C VAL C 373 9.80 -4.71 26.45
N ILE C 374 10.12 -6.00 26.52
CA ILE C 374 10.01 -6.88 25.39
C ILE C 374 8.51 -7.12 25.11
N THR C 375 8.09 -6.75 23.93
CA THR C 375 6.68 -6.81 23.57
C THR C 375 6.36 -7.92 22.60
N GLU C 376 7.25 -8.17 21.64
CA GLU C 376 7.09 -9.23 20.64
C GLU C 376 8.37 -10.02 20.46
N ALA C 377 8.22 -11.26 20.01
CA ALA C 377 9.35 -12.03 19.65
C ALA C 377 9.05 -13.07 18.61
N THR C 378 10.10 -13.40 17.87
CA THR C 378 10.05 -14.44 16.87
C THR C 378 10.90 -15.60 17.36
N ILE C 379 10.26 -16.75 17.45
CA ILE C 379 10.85 -17.92 18.00
C ILE C 379 10.86 -19.02 16.99
N LYS C 380 11.90 -19.84 17.02
CA LYS C 380 11.93 -21.03 16.22
C LYS C 380 10.87 -22.02 16.67
N ILE C 381 10.21 -22.65 15.70
CA ILE C 381 9.33 -23.74 15.99
C ILE C 381 9.81 -24.94 15.25
N ARG C 382 9.26 -26.09 15.61
CA ARG C 382 9.65 -27.38 15.03
C ARG C 382 8.42 -28.24 14.87
N PRO C 383 8.41 -29.13 13.88
CA PRO C 383 7.27 -30.04 13.83
C PRO C 383 7.21 -30.79 15.13
N THR C 384 6.01 -31.05 15.60
CA THR C 384 5.78 -31.89 16.75
C THR C 384 6.52 -33.22 16.62
N PRO C 385 7.18 -33.70 17.68
CA PRO C 385 7.97 -34.92 17.52
C PRO C 385 7.11 -36.12 17.21
N GLU C 386 7.54 -36.94 16.26
CA GLU C 386 6.84 -38.17 15.91
C GLU C 386 6.68 -39.15 17.09
N TYR C 387 7.71 -39.29 17.91
CA TYR C 387 7.73 -40.28 18.95
C TYR C 387 8.48 -39.80 20.15
N GLN C 388 7.92 -40.07 21.35
CA GLN C 388 8.56 -39.82 22.64
C GLN C 388 8.74 -41.10 23.43
N LYS C 389 9.88 -41.21 24.12
CA LYS C 389 10.22 -42.39 24.88
C LYS C 389 11.10 -42.10 26.10
N TYR C 390 10.66 -42.60 27.26
CA TYR C 390 11.37 -42.49 28.53
C TYR C 390 12.30 -43.66 28.79
N GLY C 391 13.19 -43.46 29.76
CA GLY C 391 14.16 -44.47 30.14
C GLY C 391 14.80 -44.06 31.45
N SER C 392 15.58 -45.01 31.98
CA SER C 392 16.38 -44.74 33.14
C SER C 392 17.54 -45.69 33.23
N VAL C 393 18.54 -45.28 33.98
CA VAL C 393 19.73 -46.10 34.17
C VAL C 393 20.18 -45.92 35.57
N ALA C 394 20.53 -47.03 36.22
CA ALA C 394 21.04 -47.00 37.57
C ALA C 394 22.53 -47.19 37.54
N PHE C 395 23.25 -46.44 38.37
CA PHE C 395 24.72 -46.53 38.46
C PHE C 395 25.11 -46.94 39.86
N PRO C 396 26.35 -47.49 40.03
CA PRO C 396 26.85 -47.86 41.37
C PRO C 396 26.93 -46.69 42.29
N ASN C 397 27.34 -45.54 41.78
CA ASN C 397 27.39 -44.34 42.56
C ASN C 397 27.21 -43.10 41.68
N PHE C 398 27.20 -41.94 42.32
CA PHE C 398 26.97 -40.67 41.65
C PHE C 398 28.08 -40.39 40.65
N GLU C 399 29.33 -40.52 41.15
CA GLU C 399 30.57 -40.30 40.45
C GLU C 399 30.66 -41.07 39.12
N GLN C 400 30.22 -42.33 39.12
CA GLN C 400 30.07 -43.12 37.87
C GLN C 400 29.00 -42.53 36.96
N GLY C 401 27.88 -42.11 37.52
CA GLY C 401 26.87 -41.44 36.73
C GLY C 401 27.43 -40.21 35.99
N VAL C 402 28.25 -39.43 36.67
CA VAL C 402 28.76 -38.14 36.17
C VAL C 402 29.75 -38.38 35.04
N ALA C 403 30.59 -39.40 35.19
CA ALA C 403 31.55 -39.76 34.15
C ALA C 403 30.81 -40.23 32.89
N CYS C 404 29.74 -40.97 33.06
CA CYS C 404 28.91 -41.43 31.95
C CYS C 404 28.20 -40.26 31.27
N LEU C 405 27.62 -39.35 32.05
CA LEU C 405 27.07 -38.12 31.45
C LEU C 405 28.14 -37.32 30.66
N ARG C 406 29.35 -37.27 31.20
CA ARG C 406 30.46 -36.61 30.51
C ARG C 406 30.75 -37.31 29.16
N GLU C 407 30.83 -38.63 29.16
CA GLU C 407 31.03 -39.38 27.90
C GLU C 407 29.91 -39.16 26.85
N ILE C 408 28.65 -39.30 27.25
CA ILE C 408 27.52 -38.96 26.41
C ILE C 408 27.65 -37.55 25.79
N ALA C 409 28.05 -36.55 26.59
CA ALA C 409 28.30 -35.21 26.06
C ALA C 409 29.52 -35.16 25.17
N LYS C 410 30.54 -35.94 25.46
CA LYS C 410 31.69 -36.04 24.59
C LYS C 410 31.34 -36.66 23.24
N GLN C 411 30.46 -37.64 23.21
CA GLN C 411 30.03 -38.21 21.95
C GLN C 411 28.89 -37.41 21.30
N ARG C 412 28.47 -36.30 21.90
CA ARG C 412 27.37 -35.52 21.41
C ARG C 412 26.12 -36.35 21.11
N CYS C 413 25.74 -37.26 22.01
CA CYS C 413 24.52 -38.01 21.86
C CYS C 413 23.57 -37.89 23.04
N ALA C 414 23.50 -36.70 23.67
CA ALA C 414 22.55 -36.52 24.78
C ALA C 414 21.14 -36.67 24.20
N PRO C 415 20.24 -37.43 24.83
CA PRO C 415 18.88 -37.37 24.33
C PRO C 415 18.23 -36.08 24.71
N ALA C 416 16.95 -35.95 24.35
CA ALA C 416 16.15 -34.79 24.61
C ALA C 416 16.35 -34.28 26.04
N SER C 417 16.18 -35.18 27.01
CA SER C 417 16.58 -34.89 28.39
C SER C 417 17.38 -36.04 29.02
N ILE C 418 18.34 -35.69 29.86
CA ILE C 418 19.08 -36.66 30.68
C ILE C 418 19.47 -36.00 31.97
N ARG C 419 18.90 -36.49 33.08
CA ARG C 419 19.16 -35.92 34.41
C ARG C 419 19.77 -37.02 35.27
N LEU C 420 20.76 -36.68 36.08
CA LEU C 420 21.34 -37.65 37.02
C LEU C 420 21.05 -37.21 38.42
N MET C 421 20.36 -38.06 39.16
CA MET C 421 20.06 -37.79 40.56
C MET C 421 20.90 -38.59 41.54
N ASP C 422 21.27 -37.92 42.65
CA ASP C 422 22.02 -38.60 43.74
C ASP C 422 21.13 -39.57 44.51
N ASN C 423 21.70 -40.32 45.44
CA ASN C 423 20.94 -41.41 46.07
C ASN C 423 19.69 -40.94 46.85
N GLN C 424 19.84 -39.85 47.63
CA GLN C 424 18.73 -39.32 48.40
C GLN C 424 17.53 -38.94 47.54
N GLN C 425 17.77 -38.43 46.34
CA GLN C 425 16.68 -38.18 45.40
C GLN C 425 16.06 -39.46 44.86
N PHE C 426 16.87 -40.48 44.57
CA PHE C 426 16.30 -41.76 44.14
C PHE C 426 15.32 -42.30 45.23
N GLN C 427 15.77 -42.21 46.49
CA GLN C 427 15.00 -42.64 47.65
C GLN C 427 13.72 -41.82 47.79
N PHE C 428 13.81 -40.50 47.62
CA PHE C 428 12.65 -39.62 47.72
C PHE C 428 11.60 -40.03 46.71
N GLY C 429 12.04 -40.23 45.49
CA GLY C 429 11.19 -40.70 44.42
C GLY C 429 10.56 -42.03 44.74
N HIS C 430 11.31 -42.87 45.43
CA HIS C 430 10.77 -44.15 45.89
C HIS C 430 9.67 -43.88 46.94
N ALA C 431 9.93 -42.96 47.87
CA ALA C 431 8.90 -42.57 48.85
C ALA C 431 7.63 -41.90 48.26
N LEU C 432 7.66 -41.50 47.00
CA LEU C 432 6.56 -40.80 46.33
C LEU C 432 5.69 -41.69 45.43
N LYS C 433 5.99 -42.99 45.33
CA LYS C 433 5.20 -43.89 44.49
C LYS C 433 3.92 -44.24 45.20
N PRO C 434 2.84 -44.44 44.43
CA PRO C 434 1.61 -44.94 45.08
C PRO C 434 1.71 -46.44 45.35
N GLN C 435 0.74 -46.98 46.09
CA GLN C 435 0.62 -48.44 46.31
C GLN C 435 -0.84 -48.87 46.19
N GLY C 457 23.19 -57.25 41.88
CA GLY C 457 22.43 -56.66 42.98
C GLY C 457 23.16 -55.47 43.56
N PHE C 458 22.62 -54.27 43.32
CA PHE C 458 23.30 -52.99 43.74
C PHE C 458 23.08 -52.56 45.19
N ASP C 459 24.03 -51.77 45.72
CA ASP C 459 23.98 -51.21 47.10
C ASP C 459 22.89 -50.13 47.16
N PRO C 460 21.77 -50.36 47.88
CA PRO C 460 20.68 -49.36 47.72
C PRO C 460 20.92 -47.95 48.31
N ASN C 461 21.88 -47.79 49.23
CA ASN C 461 22.48 -46.48 49.53
C ASN C 461 23.42 -46.27 48.39
N GLN C 462 24.16 -45.17 48.32
CA GLN C 462 25.13 -44.99 47.21
C GLN C 462 24.59 -44.86 45.76
N LEU C 463 23.76 -45.80 45.28
CA LEU C 463 23.34 -45.79 43.88
C LEU C 463 22.70 -44.47 43.41
N SER C 464 23.15 -43.99 42.23
CA SER C 464 22.54 -42.86 41.52
C SER C 464 21.75 -43.34 40.29
N VAL C 465 20.70 -42.59 39.92
CA VAL C 465 19.85 -42.90 38.79
C VAL C 465 19.86 -41.74 37.79
N ALA C 466 19.95 -42.08 36.50
CA ALA C 466 19.68 -41.15 35.40
C ALA C 466 18.30 -41.42 34.78
N THR C 467 17.56 -40.35 34.53
CA THR C 467 16.27 -40.39 33.86
C THR C 467 16.48 -39.78 32.50
N LEU C 468 15.71 -40.28 31.54
CA LEU C 468 15.99 -40.11 30.12
C LEU C 468 14.69 -39.85 29.40
N LEU C 469 14.75 -38.90 28.49
CA LEU C 469 13.68 -38.60 27.55
C LEU C 469 14.31 -38.52 26.17
N PHE C 470 13.83 -39.38 25.31
CA PHE C 470 14.20 -39.42 23.92
C PHE C 470 12.96 -38.87 23.16
N GLU C 471 13.18 -37.98 22.20
CA GLU C 471 12.12 -37.71 21.24
C GLU C 471 12.59 -37.30 19.88
N GLY C 472 11.73 -37.57 18.89
CA GLY C 472 11.98 -37.21 17.51
C GLY C 472 11.52 -38.38 16.70
N ASP C 473 12.21 -38.67 15.61
CA ASP C 473 11.72 -39.70 14.70
C ASP C 473 11.92 -41.07 15.30
N ARG C 474 11.02 -41.98 14.97
CA ARG C 474 11.08 -43.35 15.51
C ARG C 474 12.46 -44.03 15.38
N GLU C 475 12.99 -44.11 14.17
CA GLU C 475 14.31 -44.75 13.91
C GLU C 475 15.46 -44.07 14.66
N LYS C 476 15.40 -42.75 14.75
CA LYS C 476 16.45 -42.01 15.37
C LYS C 476 16.45 -42.13 16.85
N VAL C 477 15.25 -42.14 17.43
CA VAL C 477 15.07 -42.52 18.84
C VAL C 477 15.65 -43.93 19.19
N LEU C 478 15.36 -44.96 18.39
CA LEU C 478 15.96 -46.27 18.67
C LEU C 478 17.51 -46.27 18.61
N GLN C 479 18.08 -45.51 17.66
CA GLN C 479 19.53 -45.39 17.48
C GLN C 479 20.20 -44.60 18.60
N HIS C 480 19.61 -43.49 19.02
CA HIS C 480 20.05 -42.79 20.24
C HIS C 480 19.98 -43.68 21.49
N GLU C 481 18.86 -44.37 21.63
CA GLU C 481 18.64 -45.25 22.78
C GLU C 481 19.72 -46.32 22.87
N LYS C 482 19.96 -47.01 21.78
CA LYS C 482 21.05 -47.99 21.74
C LYS C 482 22.40 -47.36 22.06
N GLN C 483 22.75 -46.24 21.43
CA GLN C 483 24.02 -45.56 21.76
C GLN C 483 24.18 -45.16 23.24
N VAL C 484 23.11 -44.62 23.82
CA VAL C 484 23.19 -44.14 25.21
C VAL C 484 23.33 -45.31 26.24
N TYR C 485 22.51 -46.35 26.09
CA TYR C 485 22.63 -47.55 26.94
C TYR C 485 23.96 -48.29 26.79
N ASP C 486 24.47 -48.39 25.57
CA ASP C 486 25.84 -48.90 25.31
C ASP C 486 26.92 -48.13 26.09
N ILE C 487 26.88 -46.79 26.04
CA ILE C 487 27.84 -45.98 26.79
C ILE C 487 27.69 -46.18 28.30
N ALA C 488 26.43 -46.12 28.75
CA ALA C 488 26.13 -46.25 30.17
C ALA C 488 26.59 -47.58 30.77
N ALA C 489 26.41 -48.67 30.03
CA ALA C 489 26.88 -50.00 30.45
C ALA C 489 28.40 -50.05 30.78
N LYS C 490 29.21 -49.18 30.18
CA LYS C 490 30.64 -49.10 30.50
C LYS C 490 30.95 -48.39 31.81
N PHE C 491 29.99 -47.66 32.35
CA PHE C 491 30.19 -47.05 33.70
C PHE C 491 29.39 -47.80 34.76
N GLY C 492 29.11 -49.08 34.47
CA GLY C 492 28.30 -49.90 35.35
C GLY C 492 26.82 -49.56 35.27
N GLY C 493 26.41 -48.80 34.29
CA GLY C 493 25.02 -48.36 34.19
C GLY C 493 24.16 -49.50 33.73
N LEU C 494 23.03 -49.71 34.38
CA LEU C 494 22.08 -50.73 33.95
C LEU C 494 20.73 -50.09 33.78
N ALA C 495 20.11 -50.43 32.66
CA ALA C 495 18.79 -49.97 32.31
C ALA C 495 17.84 -50.26 33.43
N ALA C 496 17.08 -49.25 33.83
CA ALA C 496 16.26 -49.40 35.00
C ALA C 496 14.76 -49.21 34.67
N GLY C 497 14.39 -49.23 33.39
CA GLY C 497 12.99 -49.13 32.97
C GLY C 497 12.42 -47.76 32.60
N GLU C 498 11.40 -47.80 31.76
CA GLU C 498 10.73 -46.62 31.25
C GLU C 498 9.93 -45.92 32.33
N ASP C 499 9.19 -46.71 33.12
CA ASP C 499 8.31 -46.16 34.14
C ASP C 499 9.06 -45.25 35.10
N ASN C 500 10.25 -45.69 35.50
CA ASN C 500 11.13 -44.89 36.36
C ASN C 500 11.36 -43.46 35.80
N GLY C 501 11.73 -43.37 34.52
CA GLY C 501 11.99 -42.08 33.88
C GLY C 501 10.70 -41.31 33.71
N GLN C 502 9.64 -42.00 33.35
CA GLN C 502 8.35 -41.35 33.20
C GLN C 502 7.91 -40.64 34.48
N ARG C 503 8.03 -41.31 35.62
CA ARG C 503 7.63 -40.74 36.94
C ARG C 503 8.54 -39.60 37.40
N GLY C 504 9.83 -39.69 37.09
CA GLY C 504 10.75 -38.58 37.23
C GLY C 504 10.26 -37.35 36.48
N TYR C 505 9.90 -37.55 35.22
CA TYR C 505 9.46 -36.43 34.37
C TYR C 505 8.14 -35.85 34.78
N LEU C 506 7.17 -36.69 35.14
CA LEU C 506 5.87 -36.20 35.65
C LEU C 506 6.00 -35.35 36.92
N LEU C 507 6.67 -35.94 37.91
CA LEU C 507 6.98 -35.26 39.16
C LEU C 507 7.50 -33.82 39.07
N THR C 508 8.25 -33.51 38.01
CA THR C 508 8.77 -32.16 37.72
C THR C 508 7.80 -31.01 38.07
N TYR C 509 6.56 -31.09 37.63
CA TYR C 509 5.58 -30.02 37.76
C TYR C 509 4.88 -30.02 39.14
N VAL C 510 5.03 -31.07 39.93
CA VAL C 510 4.41 -31.09 41.26
C VAL C 510 5.35 -30.72 42.39
N ILE C 511 6.66 -30.75 42.16
CA ILE C 511 7.63 -30.49 43.19
C ILE C 511 7.57 -29.06 43.77
N ALA C 512 7.18 -28.08 42.97
CA ALA C 512 7.07 -26.69 43.47
C ALA C 512 5.92 -26.58 44.53
N TYR C 513 4.92 -27.48 44.49
CA TYR C 513 3.88 -27.57 45.54
C TYR C 513 4.36 -28.08 46.90
N MET C 514 5.53 -28.68 46.96
CA MET C 514 6.07 -29.13 48.24
C MET C 514 6.55 -28.04 49.14
N ARG C 515 6.84 -26.87 48.62
CA ARG C 515 7.18 -25.78 49.52
C ARG C 515 6.09 -25.55 50.51
N ASP C 516 4.86 -25.37 50.06
CA ASP C 516 3.77 -24.95 50.95
C ASP C 516 3.41 -26.08 51.94
N LEU C 517 3.50 -27.34 51.51
CA LEU C 517 3.48 -28.46 52.42
C LEU C 517 4.53 -28.31 53.53
N GLY C 518 5.78 -28.13 53.19
CA GLY C 518 6.80 -28.09 54.21
C GLY C 518 6.54 -26.92 55.13
N LEU C 519 6.06 -25.80 54.58
CA LEU C 519 5.80 -24.63 55.42
C LEU C 519 4.68 -24.88 56.44
N GLU C 520 3.74 -25.76 56.14
CA GLU C 520 2.74 -26.16 57.12
C GLU C 520 3.34 -26.85 58.34
N TYR C 521 4.51 -27.48 58.19
CA TYR C 521 5.11 -28.37 59.19
C TYR C 521 6.54 -28.06 59.50
N TYR C 522 6.82 -26.76 59.57
CA TYR C 522 8.13 -26.25 59.95
C TYR C 522 9.33 -26.63 59.06
N ILE C 523 9.05 -27.01 57.81
CA ILE C 523 10.12 -27.31 56.86
C ILE C 523 10.25 -26.21 55.83
N ILE C 524 11.46 -25.67 55.70
CA ILE C 524 11.78 -24.60 54.76
C ILE C 524 12.99 -24.97 53.97
N GLY C 525 13.08 -24.39 52.77
CA GLY C 525 14.18 -24.67 51.87
C GLY C 525 13.98 -24.10 50.46
N GLU C 526 15.01 -24.22 49.64
CA GLU C 526 14.98 -23.67 48.36
C GLU C 526 15.83 -24.52 47.43
N SER C 527 15.48 -24.57 46.15
CA SER C 527 16.45 -24.99 45.13
C SER C 527 17.41 -23.85 44.73
N PHE C 528 18.59 -24.23 44.27
CA PHE C 528 19.60 -23.31 43.74
C PHE C 528 20.46 -24.09 42.76
N GLU C 529 21.02 -23.37 41.79
CA GLU C 529 21.75 -23.96 40.71
C GLU C 529 23.07 -23.28 40.40
N THR C 530 23.88 -23.99 39.63
CA THR C 530 25.11 -23.41 39.06
C THR C 530 25.42 -24.19 37.80
N SER C 531 26.29 -23.60 36.99
CA SER C 531 26.93 -24.34 35.90
C SER C 531 28.44 -24.43 36.21
N ALA C 532 29.06 -25.53 35.79
CA ALA C 532 30.48 -25.77 36.10
C ALA C 532 31.19 -26.57 35.06
N PRO C 533 32.53 -26.39 34.93
CA PRO C 533 33.22 -27.18 33.93
C PRO C 533 33.12 -28.63 34.31
N TRP C 534 33.24 -29.53 33.34
CA TRP C 534 33.14 -30.97 33.66
C TRP C 534 34.04 -31.42 34.80
N ASP C 535 35.28 -30.95 34.83
CA ASP C 535 36.24 -31.45 35.83
C ASP C 535 36.07 -30.82 37.20
N ARG C 536 35.01 -30.05 37.41
CA ARG C 536 34.70 -29.54 38.73
C ARG C 536 33.44 -30.12 39.30
N VAL C 537 32.64 -30.81 38.49
CA VAL C 537 31.30 -31.23 38.91
C VAL C 537 31.30 -32.09 40.19
N VAL C 538 32.13 -33.15 40.23
CA VAL C 538 32.09 -34.10 41.36
C VAL C 538 32.48 -33.44 42.69
N ASP C 539 33.59 -32.70 42.70
CA ASP C 539 34.03 -32.00 43.94
C ASP C 539 33.03 -30.93 44.36
N LEU C 540 32.55 -30.17 43.38
CA LEU C 540 31.55 -29.14 43.66
C LEU C 540 30.30 -29.75 44.36
N CYS C 541 29.74 -30.81 43.82
CA CYS C 541 28.54 -31.44 44.44
C CYS C 541 28.78 -31.80 45.89
N ARG C 542 29.88 -32.49 46.11
CA ARG C 542 30.31 -32.93 47.45
C ARG C 542 30.61 -31.76 48.36
N ASN C 543 31.45 -30.83 47.94
CA ASN C 543 31.76 -29.74 48.89
C ASN C 543 30.59 -28.83 49.16
N VAL C 544 29.68 -28.69 48.20
CA VAL C 544 28.50 -27.82 48.40
C VAL C 544 27.55 -28.49 49.38
N LYS C 545 27.26 -29.78 49.19
CA LYS C 545 26.35 -30.49 50.14
C LYS C 545 26.83 -30.51 51.59
N GLU C 546 28.14 -30.65 51.75
CA GLU C 546 28.80 -30.64 53.07
C GLU C 546 28.85 -29.26 53.71
N ARG C 547 29.15 -28.21 52.93
CA ARG C 547 29.08 -26.86 53.45
C ARG C 547 27.70 -26.54 54.00
N ILE C 548 26.65 -27.07 53.35
CA ILE C 548 25.27 -26.86 53.79
C ILE C 548 25.03 -27.54 55.12
N ARG C 549 25.49 -28.79 55.24
CA ARG C 549 25.39 -29.53 56.53
C ARG C 549 26.15 -28.80 57.64
N ARG C 550 27.36 -28.36 57.33
CA ARG C 550 28.19 -27.68 58.31
C ARG C 550 27.60 -26.35 58.78
N GLU C 551 27.01 -25.58 57.88
CA GLU C 551 26.43 -24.29 58.24
C GLU C 551 25.17 -24.51 59.08
N CYS C 552 24.33 -25.48 58.71
CA CYS C 552 23.15 -25.78 59.52
C CYS C 552 23.53 -26.15 60.97
N LYS C 553 24.57 -26.98 61.13
CA LYS C 553 25.05 -27.41 62.46
C LYS C 553 25.53 -26.23 63.31
N GLU C 554 26.41 -25.41 62.76
CA GLU C 554 26.97 -24.23 63.45
C GLU C 554 25.95 -23.11 63.77
N LYS C 555 24.75 -23.21 63.19
CA LYS C 555 23.65 -22.30 63.43
C LYS C 555 22.51 -22.94 64.27
N GLY C 556 22.71 -24.17 64.74
CA GLY C 556 21.83 -24.74 65.76
C GLY C 556 20.71 -25.61 65.28
N VAL C 557 20.61 -25.78 63.97
CA VAL C 557 19.60 -26.67 63.37
C VAL C 557 19.80 -28.05 63.97
N GLN C 558 18.70 -28.64 64.44
CA GLN C 558 18.72 -29.90 65.19
C GLN C 558 19.23 -31.06 64.33
N PHE C 559 18.43 -31.46 63.34
CA PHE C 559 18.76 -32.60 62.50
C PHE C 559 19.64 -32.12 61.34
N PRO C 560 20.46 -33.02 60.76
CA PRO C 560 21.19 -32.59 59.56
C PRO C 560 20.20 -32.30 58.40
N PRO C 561 20.42 -31.21 57.61
CA PRO C 561 19.48 -30.81 56.57
C PRO C 561 19.40 -31.80 55.40
N LEU C 562 18.26 -31.91 54.74
CA LEU C 562 18.25 -32.43 53.39
C LEU C 562 19.18 -31.57 52.51
N SER C 563 20.07 -32.22 51.76
CA SER C 563 21.11 -31.57 50.98
C SER C 563 21.42 -32.55 49.86
N THR C 564 20.77 -32.35 48.71
CA THR C 564 20.86 -33.28 47.54
C THR C 564 21.13 -32.51 46.26
N CYS C 565 21.55 -33.22 45.24
CA CYS C 565 21.76 -32.60 43.97
C CYS C 565 21.41 -33.51 42.81
N ARG C 566 21.28 -32.89 41.66
CA ARG C 566 21.21 -33.61 40.41
C ARG C 566 21.87 -32.82 39.32
N VAL C 567 22.27 -33.52 38.27
CA VAL C 567 22.78 -32.86 37.08
C VAL C 567 21.59 -32.79 36.12
N THR C 568 21.16 -31.55 35.80
CA THR C 568 19.96 -31.33 34.93
C THR C 568 20.30 -31.07 33.47
N GLN C 569 21.52 -30.59 33.16
CA GLN C 569 21.90 -30.28 31.76
C GLN C 569 23.38 -30.57 31.60
N THR C 570 23.71 -30.99 30.38
CA THR C 570 25.06 -31.32 29.95
C THR C 570 25.40 -30.46 28.72
N TYR C 571 26.64 -30.04 28.67
CA TYR C 571 27.13 -29.23 27.59
C TYR C 571 28.44 -29.82 27.13
N ASP C 572 28.95 -29.30 26.03
CA ASP C 572 30.32 -29.63 25.62
C ASP C 572 31.31 -29.40 26.77
N ALA C 573 31.26 -28.20 27.36
CA ALA C 573 32.24 -27.74 28.32
C ALA C 573 31.79 -27.83 29.80
N GLY C 574 30.70 -28.52 30.09
CA GLY C 574 30.34 -28.73 31.48
C GLY C 574 28.87 -29.07 31.70
N ALA C 575 28.39 -28.83 32.91
CA ALA C 575 27.05 -29.21 33.33
C ALA C 575 26.31 -28.13 34.17
N CYS C 576 24.97 -28.20 34.13
CA CYS C 576 24.13 -27.51 35.08
C CYS C 576 23.94 -28.46 36.25
N ILE C 577 24.18 -27.95 37.45
CA ILE C 577 23.98 -28.71 38.67
C ILE C 577 22.91 -27.97 39.48
N TYR C 578 21.94 -28.74 39.92
CA TYR C 578 20.83 -28.26 40.65
C TYR C 578 20.77 -28.97 42.01
N PHE C 579 20.56 -28.16 43.04
CA PHE C 579 20.55 -28.58 44.42
C PHE C 579 19.20 -28.30 45.04
N TYR C 580 18.78 -29.20 45.92
CA TYR C 580 17.83 -28.82 46.98
C TYR C 580 18.50 -28.80 48.37
N PHE C 581 17.93 -27.96 49.23
CA PHE C 581 18.24 -27.96 50.63
C PHE C 581 17.00 -27.61 51.42
N ALA C 582 16.72 -28.40 52.45
CA ALA C 582 15.61 -28.17 53.38
C ALA C 582 15.99 -28.54 54.83
N PHE C 583 15.35 -27.87 55.77
CA PHE C 583 15.49 -28.22 57.16
C PHE C 583 14.27 -27.89 57.99
N ASN C 584 14.22 -28.57 59.13
CA ASN C 584 13.22 -28.37 60.17
C ASN C 584 13.67 -27.21 61.04
N TYR C 585 12.89 -26.12 61.08
CA TYR C 585 13.35 -24.87 61.74
C TYR C 585 12.77 -24.63 63.13
N ARG C 586 11.92 -25.54 63.62
CA ARG C 586 11.27 -25.46 64.96
C ARG C 586 12.23 -25.11 66.06
N GLY C 587 11.94 -24.01 66.76
CA GLY C 587 12.79 -23.54 67.85
C GLY C 587 14.16 -23.00 67.45
N ILE C 588 14.31 -22.57 66.21
CA ILE C 588 15.40 -21.67 65.86
C ILE C 588 14.77 -20.29 65.94
N SER C 589 15.49 -19.33 66.54
CA SER C 589 14.89 -18.05 66.91
C SER C 589 14.72 -17.10 65.74
N ASP C 590 15.58 -17.23 64.71
CA ASP C 590 15.44 -16.50 63.44
C ASP C 590 15.60 -17.49 62.26
N PRO C 591 14.55 -18.30 61.93
CA PRO C 591 14.69 -19.34 60.86
C PRO C 591 15.08 -18.80 59.46
N LEU C 592 14.64 -17.59 59.13
CA LEU C 592 14.95 -16.96 57.85
C LEU C 592 16.35 -16.46 57.69
N ALA C 593 16.91 -15.95 58.76
CA ALA C 593 18.31 -15.48 58.75
C ALA C 593 19.25 -16.68 58.63
N VAL C 594 18.89 -17.76 59.31
CA VAL C 594 19.58 -19.02 59.16
C VAL C 594 19.55 -19.50 57.71
N PHE C 595 18.35 -19.53 57.12
CA PHE C 595 18.19 -19.96 55.72
C PHE C 595 19.00 -19.09 54.78
N GLU C 596 18.89 -17.79 54.98
CA GLU C 596 19.49 -16.85 54.08
C GLU C 596 21.02 -16.94 54.21
N GLN C 597 21.54 -17.08 55.41
CA GLN C 597 23.00 -17.17 55.56
C GLN C 597 23.53 -18.46 54.98
N THR C 598 22.82 -19.56 55.16
CA THR C 598 23.25 -20.86 54.64
C THR C 598 23.26 -20.88 53.15
N GLU C 599 22.24 -20.28 52.55
CA GLU C 599 22.15 -20.21 51.10
C GLU C 599 23.29 -19.34 50.49
N ALA C 600 23.65 -18.23 51.12
CA ALA C 600 24.74 -17.38 50.63
C ALA C 600 26.08 -18.08 50.80
N ALA C 601 26.19 -18.85 51.87
CA ALA C 601 27.36 -19.67 52.14
C ALA C 601 27.47 -20.77 51.08
N ALA C 602 26.37 -21.41 50.68
CA ALA C 602 26.39 -22.40 49.55
C ALA C 602 26.84 -21.76 48.22
N ARG C 603 26.47 -20.48 48.02
CA ARG C 603 26.88 -19.75 46.82
C ARG C 603 28.37 -19.50 46.86
N GLU C 604 28.94 -19.04 47.98
CA GLU C 604 30.40 -18.88 48.14
C GLU C 604 31.11 -20.20 47.95
N GLU C 605 30.58 -21.28 48.52
CA GLU C 605 31.17 -22.62 48.22
C GLU C 605 31.15 -22.95 46.72
N ILE C 606 30.01 -22.73 46.04
CA ILE C 606 29.89 -23.00 44.63
C ILE C 606 30.98 -22.28 43.85
N LEU C 607 31.14 -20.99 44.15
CA LEU C 607 32.03 -20.13 43.40
C LEU C 607 33.49 -20.51 43.68
N ALA C 608 33.78 -20.89 44.90
CA ALA C 608 35.13 -21.33 45.20
C ALA C 608 35.46 -22.72 44.64
N ASN C 609 34.46 -23.49 44.20
CA ASN C 609 34.68 -24.81 43.55
C ASN C 609 34.57 -24.75 42.02
N GLY C 610 34.72 -23.54 41.45
CA GLY C 610 34.64 -23.33 40.00
C GLY C 610 33.25 -23.32 39.33
N GLY C 611 32.20 -23.16 40.12
CA GLY C 611 30.83 -23.02 39.59
C GLY C 611 30.50 -21.59 39.25
N SER C 612 29.49 -21.44 38.38
CA SER C 612 29.01 -20.16 37.93
C SER C 612 28.07 -19.50 38.95
N LEU C 613 27.86 -18.18 38.83
CA LEU C 613 26.95 -17.43 39.66
C LEU C 613 25.48 -17.86 39.42
N SER C 614 25.13 -18.20 38.21
CA SER C 614 23.87 -18.83 37.92
C SER C 614 23.92 -19.46 36.53
N HIS C 615 23.33 -20.62 36.39
CA HIS C 615 23.07 -21.23 35.06
C HIS C 615 21.81 -20.65 34.38
N HIS C 616 20.69 -20.66 35.06
CA HIS C 616 19.44 -20.12 34.53
C HIS C 616 18.59 -19.20 35.41
N HIS C 617 18.75 -19.22 36.73
CA HIS C 617 17.90 -18.40 37.59
C HIS C 617 18.10 -16.89 37.37
N GLY C 618 19.34 -16.49 37.09
CA GLY C 618 19.62 -15.09 36.85
C GLY C 618 20.08 -14.42 38.12
N VAL C 619 20.29 -13.12 38.06
CA VAL C 619 20.93 -12.38 39.16
C VAL C 619 19.93 -11.60 39.99
N GLY C 620 18.97 -10.95 39.33
CA GLY C 620 18.01 -10.08 39.99
C GLY C 620 18.67 -9.27 41.08
N LYS C 621 18.08 -9.27 42.29
CA LYS C 621 18.70 -8.63 43.47
C LYS C 621 19.35 -9.59 44.45
N LEU C 622 19.17 -10.90 44.25
CA LEU C 622 19.75 -11.92 45.10
C LEU C 622 21.28 -12.04 45.00
N ARG C 623 21.83 -11.90 43.79
CA ARG C 623 23.23 -12.20 43.51
C ARG C 623 24.03 -11.01 43.09
N LYS C 624 23.47 -9.83 43.21
CA LYS C 624 24.19 -8.62 42.79
C LYS C 624 25.59 -8.49 43.39
N GLN C 625 25.77 -8.90 44.64
CA GLN C 625 27.07 -8.74 45.31
C GLN C 625 28.26 -9.46 44.63
N TRP C 626 27.99 -10.48 43.82
CA TRP C 626 29.02 -11.19 43.07
C TRP C 626 29.15 -10.79 41.60
N LEU C 627 28.20 -10.02 41.04
CA LEU C 627 28.23 -9.79 39.60
C LEU C 627 29.52 -9.20 39.11
N LYS C 628 30.05 -8.21 39.80
CA LYS C 628 31.22 -7.50 39.30
C LYS C 628 32.40 -8.44 39.19
N GLU C 629 32.52 -9.31 40.17
CA GLU C 629 33.59 -10.27 40.22
C GLU C 629 33.41 -11.18 39.05
N SER C 630 32.20 -11.66 38.84
CA SER C 630 31.85 -12.54 37.71
C SER C 630 32.11 -12.03 36.28
N ILE C 631 31.89 -10.74 36.00
CA ILE C 631 31.98 -10.24 34.63
C ILE C 631 33.05 -9.17 34.42
N SER C 632 33.90 -8.99 35.42
CA SER C 632 34.89 -7.89 35.49
C SER C 632 34.28 -6.50 35.67
N ASP C 633 35.05 -5.66 36.36
CA ASP C 633 34.79 -4.23 36.49
C ASP C 633 34.33 -3.61 35.21
N VAL C 634 35.13 -3.78 34.16
CA VAL C 634 34.82 -3.14 32.88
C VAL C 634 33.54 -3.69 32.20
N GLY C 635 33.31 -5.01 32.24
CA GLY C 635 32.06 -5.65 31.84
C GLY C 635 30.82 -5.08 32.51
N PHE C 636 30.95 -4.85 33.80
CA PHE C 636 29.91 -4.27 34.62
C PHE C 636 29.63 -2.83 34.14
N GLY C 637 30.72 -2.14 33.83
CA GLY C 637 30.62 -0.75 33.39
C GLY C 637 30.02 -0.66 32.01
N MET C 638 30.20 -1.71 31.20
CA MET C 638 29.61 -1.73 29.90
C MET C 638 28.10 -1.87 30.07
N LEU C 639 27.66 -2.80 30.95
CA LEU C 639 26.23 -2.92 31.24
C LEU C 639 25.60 -1.63 31.71
N LYS C 640 26.24 -0.99 32.69
CA LYS C 640 25.81 0.33 33.18
C LYS C 640 25.75 1.43 32.09
N SER C 641 26.73 1.46 31.18
CA SER C 641 26.74 2.43 30.07
CA SER C 641 26.72 2.44 30.08
C SER C 641 25.51 2.26 29.21
N VAL C 642 25.18 1.01 28.92
CA VAL C 642 24.02 0.75 28.11
C VAL C 642 22.75 1.22 28.80
N LYS C 643 22.69 0.98 30.11
CA LYS C 643 21.54 1.37 30.96
C LYS C 643 21.35 2.90 30.95
N ASP C 644 22.46 3.59 31.16
CA ASP C 644 22.42 5.06 31.27
C ASP C 644 22.04 5.76 29.99
N TYR C 645 22.28 5.11 28.86
CA TYR C 645 21.90 5.61 27.56
C TYR C 645 20.43 5.29 27.27
N VAL C 646 20.06 4.03 27.35
CA VAL C 646 18.67 3.61 27.07
C VAL C 646 17.61 4.17 28.06
N ASP C 647 18.04 4.34 29.31
CA ASP C 647 17.18 4.70 30.43
C ASP C 647 17.82 5.78 31.34
N PRO C 648 18.11 6.97 30.79
CA PRO C 648 18.78 8.03 31.56
C PRO C 648 18.02 8.52 32.82
N THR C 649 16.70 8.37 32.89
CA THR C 649 15.94 8.73 34.07
C THR C 649 15.52 7.50 34.91
N ASN C 650 16.06 6.33 34.58
CA ASN C 650 15.83 5.13 35.37
C ASN C 650 14.36 4.85 35.55
N ILE C 651 13.62 4.92 34.47
CA ILE C 651 12.25 4.47 34.52
C ILE C 651 12.18 2.96 34.86
N PHE C 652 13.13 2.17 34.42
CA PHE C 652 13.07 0.73 34.69
C PHE C 652 13.90 0.46 35.94
N GLY C 653 13.24 0.76 37.08
CA GLY C 653 13.90 0.94 38.34
C GLY C 653 13.84 -0.26 39.25
N ASN C 654 13.70 -1.46 38.72
CA ASN C 654 13.73 -2.61 39.61
C ASN C 654 15.06 -2.78 40.29
N ARG C 655 16.14 -2.20 39.74
CA ARG C 655 17.47 -2.28 40.31
C ARG C 655 18.09 -3.68 40.28
N ASN C 656 17.56 -4.57 39.44
CA ASN C 656 18.22 -5.85 39.24
C ASN C 656 19.62 -5.62 38.65
N LEU C 657 20.52 -6.54 38.90
CA LEU C 657 21.86 -6.64 38.30
C LEU C 657 22.90 -5.66 38.79
N LEU C 658 22.64 -4.37 38.61
CA LEU C 658 23.61 -3.34 38.91
C LEU C 658 23.15 -2.51 40.10
N GLY D 81 52.24 -21.80 9.18
CA GLY D 81 51.29 -21.33 10.23
C GLY D 81 51.61 -19.99 10.90
N ILE D 82 52.82 -19.83 11.43
CA ILE D 82 53.21 -18.57 12.08
C ILE D 82 53.57 -17.53 11.02
N ILE D 83 52.76 -16.47 10.97
CA ILE D 83 53.01 -15.28 10.16
C ILE D 83 54.27 -14.64 10.80
N PRO D 84 55.38 -14.43 10.04
CA PRO D 84 56.61 -13.82 10.62
C PRO D 84 56.53 -12.30 10.47
N LYS D 85 57.45 -11.57 11.07
CA LYS D 85 57.25 -10.11 11.19
C LYS D 85 57.21 -9.42 9.85
N LYS D 86 58.19 -9.73 8.99
CA LYS D 86 58.23 -9.20 7.62
C LYS D 86 57.44 -10.09 6.67
N ARG D 87 56.19 -9.68 6.40
CA ARG D 87 55.23 -10.57 5.76
C ARG D 87 55.50 -10.71 4.29
N GLN D 88 55.80 -9.60 3.63
CA GLN D 88 56.25 -9.55 2.22
C GLN D 88 57.28 -10.59 1.75
N GLU D 89 58.10 -11.13 2.67
CA GLU D 89 59.10 -12.16 2.37
C GLU D 89 58.50 -13.55 2.09
N LEU D 90 57.25 -13.76 2.46
CA LEU D 90 56.54 -15.01 2.20
C LEU D 90 55.22 -14.81 1.48
N MET D 91 54.58 -13.67 1.71
CA MET D 91 53.29 -13.39 1.14
C MET D 91 53.37 -12.22 0.19
N LYS D 92 52.39 -12.13 -0.68
CA LYS D 92 52.36 -11.07 -1.67
C LYS D 92 52.04 -9.71 -1.02
N TRP D 93 52.77 -8.69 -1.46
CA TRP D 93 52.64 -7.34 -0.90
C TRP D 93 51.42 -6.66 -1.53
N ASN D 94 50.95 -7.21 -2.64
CA ASN D 94 49.99 -6.54 -3.50
C ASN D 94 48.85 -7.43 -3.96
N GLY D 95 48.65 -8.54 -3.26
CA GLY D 95 47.51 -9.41 -3.49
C GLY D 95 47.37 -10.51 -2.46
N TRP D 96 46.46 -11.42 -2.74
CA TRP D 96 46.19 -12.50 -1.81
C TRP D 96 47.34 -13.49 -1.88
N GLY D 97 47.73 -14.01 -0.74
CA GLY D 97 48.34 -15.34 -0.74
C GLY D 97 49.84 -15.30 -0.60
N TYR D 98 50.43 -16.45 -0.88
CA TYR D 98 51.87 -16.70 -0.74
C TYR D 98 52.63 -16.30 -2.02
N ASN D 99 53.86 -15.85 -1.83
CA ASN D 99 54.74 -15.51 -2.93
C ASN D 99 54.87 -16.61 -3.96
N ASP D 100 54.90 -17.87 -3.54
CA ASP D 100 55.12 -19.01 -4.41
C ASP D 100 53.92 -19.46 -5.26
N SER D 101 52.77 -18.79 -5.10
CA SER D 101 51.55 -19.26 -5.75
C SER D 101 50.89 -18.19 -6.62
N LYS D 102 51.05 -18.33 -7.93
CA LYS D 102 50.46 -17.43 -8.88
C LYS D 102 50.08 -18.22 -10.08
N PHE D 103 49.00 -17.82 -10.73
CA PHE D 103 48.65 -18.39 -12.02
C PHE D 103 49.45 -17.74 -13.14
N PHE D 104 49.96 -18.56 -14.07
CA PHE D 104 50.73 -18.08 -15.22
C PHE D 104 50.41 -18.96 -16.44
N LEU D 105 50.78 -18.47 -17.62
CA LEU D 105 50.58 -19.18 -18.88
C LEU D 105 51.83 -19.97 -19.16
N ASN D 106 51.74 -21.30 -19.11
CA ASN D 106 52.90 -22.18 -19.27
C ASN D 106 53.51 -22.19 -20.71
N LYS D 107 54.60 -22.96 -20.90
CA LYS D 107 55.22 -23.09 -22.22
C LYS D 107 54.24 -23.65 -23.26
N LYS D 108 53.26 -24.45 -22.83
CA LYS D 108 52.24 -24.98 -23.76
C LYS D 108 51.02 -24.06 -23.95
N GLY D 109 51.08 -22.81 -23.46
CA GLY D 109 49.97 -21.88 -23.54
C GLY D 109 48.75 -22.18 -22.67
N GLN D 110 48.87 -23.05 -21.66
CA GLN D 110 47.77 -23.36 -20.72
C GLN D 110 47.97 -22.59 -19.41
N LEU D 111 46.87 -22.26 -18.74
CA LEU D 111 46.94 -21.69 -17.39
C LEU D 111 47.37 -22.75 -16.38
N GLU D 112 48.24 -22.32 -15.47
CA GLU D 112 48.83 -23.16 -14.44
C GLU D 112 49.18 -22.35 -13.19
N LEU D 113 48.96 -22.94 -12.01
CA LEU D 113 49.41 -22.32 -10.77
C LEU D 113 50.87 -22.74 -10.47
N THR D 114 51.74 -21.77 -10.18
CA THR D 114 53.09 -22.06 -9.78
C THR D 114 53.10 -22.83 -8.46
N GLY D 115 54.29 -23.25 -8.03
CA GLY D 115 54.52 -23.80 -6.70
C GLY D 115 54.00 -25.22 -6.53
N LYS D 116 53.91 -25.65 -5.27
CA LYS D 116 53.48 -27.01 -4.91
C LYS D 116 52.61 -27.01 -3.64
N ARG D 117 51.91 -25.92 -3.38
CA ARG D 117 51.25 -25.69 -2.10
C ARG D 117 49.85 -26.29 -2.00
N TYR D 118 49.09 -26.21 -3.08
CA TYR D 118 47.71 -26.65 -3.11
C TYR D 118 47.65 -27.85 -3.99
N PRO D 119 46.53 -28.60 -3.92
CA PRO D 119 46.39 -29.76 -4.84
C PRO D 119 46.39 -29.36 -6.32
N LEU D 120 46.00 -28.12 -6.62
CA LEU D 120 46.02 -27.59 -7.97
C LEU D 120 47.37 -27.03 -8.42
N SER D 121 48.33 -26.88 -7.51
CA SER D 121 49.65 -26.36 -7.85
C SER D 121 50.41 -27.30 -8.76
N GLY D 122 51.10 -26.74 -9.75
CA GLY D 122 51.81 -27.52 -10.75
C GLY D 122 50.98 -28.26 -11.78
N VAL D 123 49.65 -28.13 -11.76
CA VAL D 123 48.78 -28.90 -12.64
C VAL D 123 48.36 -27.89 -13.69
N ALA D 124 48.58 -28.25 -14.97
CA ALA D 124 48.13 -27.42 -16.10
C ALA D 124 46.64 -27.66 -16.32
N LEU D 125 45.96 -26.63 -16.81
CA LEU D 125 44.50 -26.55 -16.77
C LEU D 125 43.99 -26.29 -18.15
N PRO D 126 43.83 -27.35 -18.96
CA PRO D 126 43.63 -27.21 -20.40
C PRO D 126 42.50 -26.26 -20.82
N THR D 127 41.33 -26.37 -20.18
CA THR D 127 40.10 -25.70 -20.61
C THR D 127 39.86 -24.33 -19.93
N PHE D 128 40.78 -23.89 -19.06
CA PHE D 128 40.58 -22.67 -18.29
C PHE D 128 40.66 -21.41 -19.14
N LYS D 129 41.74 -21.30 -19.90
CA LYS D 129 41.92 -20.15 -20.80
C LYS D 129 40.69 -19.91 -21.64
N ASP D 130 40.20 -20.97 -22.26
CA ASP D 130 39.04 -20.96 -23.16
C ASP D 130 37.78 -20.53 -22.45
N TRP D 131 37.62 -21.02 -21.21
CA TRP D 131 36.53 -20.55 -20.38
C TRP D 131 36.62 -19.03 -20.18
N ILE D 132 37.79 -18.52 -19.85
CA ILE D 132 37.95 -17.09 -19.63
C ILE D 132 37.45 -16.28 -20.84
N GLN D 133 37.80 -16.75 -22.04
CA GLN D 133 37.50 -16.03 -23.27
C GLN D 133 36.01 -16.10 -23.57
N ASN D 134 35.43 -17.29 -23.42
CA ASN D 134 33.95 -17.48 -23.55
C ASN D 134 33.08 -16.64 -22.62
N THR D 135 33.67 -16.20 -21.49
CA THR D 135 32.93 -15.55 -20.40
C THR D 135 33.16 -14.06 -20.33
N PHE D 136 34.38 -13.64 -20.57
CA PHE D 136 34.73 -12.22 -20.53
C PHE D 136 35.02 -11.59 -21.89
N GLY D 137 35.17 -12.43 -22.93
CA GLY D 137 35.42 -11.97 -24.27
C GLY D 137 36.79 -11.34 -24.42
N ILE D 138 37.83 -12.05 -23.99
CA ILE D 138 39.20 -11.61 -24.14
C ILE D 138 40.16 -12.76 -24.43
N ASN D 139 41.30 -12.40 -25.04
CA ASN D 139 42.26 -13.33 -25.66
C ASN D 139 43.51 -13.60 -24.83
N LEU D 140 43.74 -12.75 -23.82
CA LEU D 140 44.97 -12.78 -23.01
C LEU D 140 46.20 -12.21 -23.76
N ASP D 141 45.97 -11.29 -24.67
CA ASP D 141 47.06 -10.48 -25.24
C ASP D 141 47.30 -9.29 -24.34
N HIS D 142 46.21 -8.64 -23.97
CA HIS D 142 46.24 -7.37 -23.31
C HIS D 142 46.48 -7.59 -21.83
N LYS D 143 47.74 -7.58 -21.45
CA LYS D 143 48.11 -7.58 -20.03
C LYS D 143 48.12 -6.16 -19.51
N THR D 144 47.87 -6.04 -18.22
CA THR D 144 47.89 -4.77 -17.51
C THR D 144 49.30 -4.61 -16.93
N THR D 145 49.69 -3.38 -16.66
CA THR D 145 50.97 -3.14 -16.03
C THR D 145 50.69 -2.54 -14.69
N SER D 146 51.30 -3.12 -13.67
CA SER D 146 51.17 -2.65 -12.28
C SER D 146 52.54 -2.58 -11.63
N LYS D 147 52.59 -1.94 -10.47
CA LYS D 147 53.81 -1.79 -9.72
C LYS D 147 54.40 -3.16 -9.36
N ALA D 148 55.69 -3.32 -9.57
CA ALA D 148 56.43 -4.54 -9.26
C ALA D 148 56.73 -4.59 -7.78
N SER D 149 56.90 -3.43 -7.18
CA SER D 149 57.15 -3.36 -5.78
C SER D 149 56.62 -2.05 -5.24
N LEU D 150 56.72 -1.93 -3.92
CA LEU D 150 56.28 -0.76 -3.22
C LEU D 150 57.26 0.38 -3.50
N ASN D 151 56.75 1.44 -4.13
CA ASN D 151 57.55 2.64 -4.42
C ASN D 151 57.89 3.45 -3.14
N PRO D 152 59.20 3.69 -2.84
CA PRO D 152 59.50 4.36 -1.56
C PRO D 152 59.12 5.85 -1.50
N SER D 153 59.25 6.54 -2.64
CA SER D 153 58.78 7.93 -2.76
C SER D 153 57.27 8.06 -2.52
N ASP D 154 56.49 7.04 -2.89
CA ASP D 154 55.00 7.08 -2.83
C ASP D 154 54.34 7.14 -1.43
N THR D 155 55.04 6.75 -0.37
CA THR D 155 54.39 6.57 0.94
C THR D 155 54.53 7.81 1.86
N PRO D 156 53.44 8.17 2.57
CA PRO D 156 53.62 9.25 3.56
C PRO D 156 54.66 8.87 4.62
N PRO D 157 55.23 9.86 5.33
CA PRO D 157 56.28 9.51 6.32
C PRO D 157 55.71 9.02 7.66
N SER D 158 56.52 8.27 8.38
CA SER D 158 56.18 7.88 9.73
C SER D 158 56.35 9.07 10.67
N ILE D 159 55.23 9.69 11.08
CA ILE D 159 55.29 10.71 12.16
C ILE D 159 54.96 10.03 13.50
N VAL D 160 55.99 9.94 14.35
CA VAL D 160 55.94 9.34 15.71
C VAL D 160 56.68 10.25 16.70
N ASN D 161 56.16 10.29 17.94
CA ASN D 161 56.65 11.14 19.03
C ASN D 161 57.86 10.49 19.70
N GLU D 162 58.87 11.31 20.00
CA GLU D 162 60.17 10.82 20.49
C GLU D 162 60.10 10.33 21.95
N ASP D 163 59.23 10.95 22.75
CA ASP D 163 59.03 10.56 24.14
C ASP D 163 58.37 9.18 24.23
N PHE D 164 57.31 9.01 23.45
CA PHE D 164 56.66 7.72 23.26
C PHE D 164 57.65 6.64 22.83
N LEU D 165 58.43 6.96 21.82
CA LEU D 165 59.42 6.03 21.28
C LEU D 165 60.48 5.60 22.29
N HIS D 166 60.97 6.56 23.07
CA HIS D 166 61.91 6.30 24.16
C HIS D 166 61.38 5.22 25.12
N GLU D 167 60.12 5.39 25.50
CA GLU D 167 59.39 4.42 26.35
C GLU D 167 59.17 3.06 25.71
N LEU D 168 58.72 3.08 24.46
CA LEU D 168 58.48 1.86 23.72
C LEU D 168 59.74 1.00 23.74
N LYS D 169 60.85 1.60 23.31
CA LYS D 169 62.21 0.99 23.38
C LYS D 169 62.48 0.23 24.67
N LYS D 170 62.24 0.91 25.78
CA LYS D 170 62.43 0.36 27.11
C LYS D 170 61.63 -0.93 27.35
N THR D 171 60.50 -1.11 26.67
CA THR D 171 59.66 -2.31 26.86
C THR D 171 60.19 -3.56 26.19
N ASN D 172 61.13 -3.42 25.26
CA ASN D 172 61.56 -4.52 24.41
C ASN D 172 60.52 -5.12 23.44
N ILE D 173 59.33 -4.52 23.34
CA ILE D 173 58.38 -4.95 22.34
C ILE D 173 58.96 -4.55 20.99
N SER D 174 59.03 -5.53 20.11
CA SER D 174 59.47 -5.30 18.75
C SER D 174 58.56 -4.31 17.96
N TYR D 175 59.20 -3.47 17.15
CA TYR D 175 58.49 -2.47 16.35
C TYR D 175 59.25 -2.07 15.10
N SER D 176 58.54 -1.49 14.13
CA SER D 176 59.11 -1.03 12.88
C SER D 176 58.41 0.21 12.37
N GLN D 177 59.19 1.13 11.81
CA GLN D 177 58.61 2.22 11.03
C GLN D 177 58.90 2.12 9.55
N GLU D 178 59.33 0.95 9.09
CA GLU D 178 59.56 0.74 7.65
C GLU D 178 58.26 0.84 6.88
N ALA D 179 58.34 1.51 5.73
CA ALA D 179 57.25 1.64 4.80
C ALA D 179 56.66 0.30 4.37
N ASP D 180 57.54 -0.68 4.05
CA ASP D 180 57.12 -2.05 3.68
C ASP D 180 56.13 -2.62 4.69
N ASP D 181 56.49 -2.52 5.95
CA ASP D 181 55.71 -3.10 7.06
C ASP D 181 54.36 -2.40 7.27
N ARG D 182 54.40 -1.07 7.23
CA ARG D 182 53.25 -0.23 7.48
C ARG D 182 52.23 -0.35 6.39
N VAL D 183 52.69 -0.24 5.16
CA VAL D 183 51.85 -0.46 3.99
C VAL D 183 51.18 -1.86 3.94
N PHE D 184 51.90 -2.89 4.37
CA PHE D 184 51.35 -4.23 4.32
C PHE D 184 50.10 -4.34 5.19
N ARG D 185 50.13 -3.61 6.31
CA ARG D 185 49.08 -3.59 7.29
C ARG D 185 48.12 -2.39 7.19
N ALA D 186 48.04 -1.74 6.03
CA ALA D 186 47.14 -0.62 5.87
C ALA D 186 45.87 -1.02 5.13
N HIS D 187 45.67 -2.31 4.85
CA HIS D 187 44.56 -2.71 4.02
C HIS D 187 44.23 -4.16 4.33
N GLY D 188 43.09 -4.58 3.80
CA GLY D 188 42.76 -5.97 3.61
C GLY D 188 42.57 -6.37 2.15
N HIS D 189 41.50 -7.10 1.86
CA HIS D 189 41.27 -7.69 0.54
C HIS D 189 40.03 -7.34 -0.16
N CYS D 190 39.57 -6.11 0.05
CA CYS D 190 38.65 -5.53 -0.89
C CYS D 190 39.39 -5.04 -2.15
N LEU D 191 38.62 -4.97 -3.24
CA LEU D 191 39.16 -4.76 -4.58
C LEU D 191 39.80 -3.41 -4.72
N HIS D 192 39.12 -2.41 -4.21
CA HIS D 192 39.66 -1.06 -4.23
C HIS D 192 41.04 -0.98 -3.57
N GLU D 193 41.25 -1.73 -2.51
CA GLU D 193 42.48 -1.68 -1.78
C GLU D 193 43.62 -2.31 -2.58
N ILE D 194 43.32 -3.43 -3.25
CA ILE D 194 44.32 -4.19 -4.01
C ILE D 194 44.80 -3.32 -5.17
N PHE D 195 43.81 -2.86 -5.94
CA PHE D 195 44.00 -1.86 -6.97
C PHE D 195 44.91 -0.72 -6.57
N LEU D 196 44.70 -0.14 -5.40
CA LEU D 196 45.59 0.91 -4.90
C LEU D 196 47.02 0.42 -4.69
N LEU D 197 47.20 -0.80 -4.20
CA LEU D 197 48.56 -1.34 -4.04
C LEU D 197 49.29 -1.38 -5.37
N ARG D 198 48.54 -1.86 -6.35
CA ARG D 198 49.02 -2.11 -7.67
C ARG D 198 49.28 -0.86 -8.50
N GLU D 199 48.56 0.22 -8.24
CA GLU D 199 48.54 1.38 -9.15
C GLU D 199 48.65 2.76 -8.54
N GLY D 200 48.57 2.87 -7.22
CA GLY D 200 48.37 4.13 -6.56
C GLY D 200 49.05 4.10 -5.23
N MET D 201 48.43 4.78 -4.27
CA MET D 201 48.85 4.71 -2.87
C MET D 201 47.65 4.98 -2.00
N PHE D 202 47.79 4.62 -0.73
CA PHE D 202 46.74 4.85 0.24
C PHE D 202 46.87 6.29 0.76
N GLU D 203 45.74 6.90 1.11
CA GLU D 203 45.75 8.21 1.78
C GLU D 203 46.46 8.19 3.13
N ARG D 204 46.17 7.18 3.94
CA ARG D 204 46.75 7.03 5.28
C ARG D 204 47.17 5.58 5.47
N ILE D 205 48.33 5.39 6.10
CA ILE D 205 48.81 4.08 6.50
C ILE D 205 49.30 4.27 7.92
N PRO D 206 49.47 3.17 8.67
CA PRO D 206 50.00 3.29 10.03
C PRO D 206 51.36 3.92 10.09
N ASP D 207 51.69 4.59 11.20
CA ASP D 207 52.95 5.29 11.39
C ASP D 207 53.99 4.35 11.91
N ILE D 208 53.53 3.38 12.68
CA ILE D 208 54.40 2.44 13.30
C ILE D 208 53.70 1.11 13.54
N VAL D 209 54.45 0.00 13.43
CA VAL D 209 53.92 -1.35 13.63
C VAL D 209 54.53 -1.93 14.89
N LEU D 210 53.68 -2.47 15.78
CA LEU D 210 54.13 -3.13 16.99
C LEU D 210 53.82 -4.64 16.99
N TRP D 211 54.71 -5.43 17.60
CA TRP D 211 54.57 -6.88 17.68
C TRP D 211 54.61 -7.41 19.13
N PRO D 212 53.49 -7.28 19.87
CA PRO D 212 53.37 -7.87 21.19
C PRO D 212 53.33 -9.36 21.09
N THR D 213 53.92 -10.02 22.10
CA THR D 213 54.02 -11.48 22.14
C THR D 213 53.15 -12.08 23.22
N CYS D 214 52.50 -11.25 24.03
CA CYS D 214 51.70 -11.75 25.13
C CYS D 214 50.71 -10.70 25.58
N HIS D 215 49.78 -11.15 26.41
CA HIS D 215 48.76 -10.28 26.99
C HIS D 215 49.36 -9.05 27.66
N ASP D 216 50.42 -9.23 28.47
CA ASP D 216 51.07 -8.11 29.19
C ASP D 216 51.73 -7.03 28.30
N ASP D 217 52.35 -7.46 27.19
CA ASP D 217 52.78 -6.50 26.14
C ASP D 217 51.62 -5.61 25.61
N VAL D 218 50.46 -6.22 25.37
CA VAL D 218 49.30 -5.47 24.84
C VAL D 218 48.82 -4.46 25.91
N VAL D 219 48.83 -4.86 27.18
CA VAL D 219 48.51 -3.97 28.30
C VAL D 219 49.47 -2.76 28.33
N LYS D 220 50.76 -2.98 28.14
CA LYS D 220 51.75 -1.87 28.17
C LYS D 220 51.53 -0.89 27.04
N ILE D 221 51.26 -1.44 25.87
CA ILE D 221 50.92 -0.63 24.69
C ILE D 221 49.67 0.24 24.84
N VAL D 222 48.58 -0.34 25.38
CA VAL D 222 47.35 0.44 25.54
C VAL D 222 47.59 1.58 26.55
N ASN D 223 48.39 1.33 27.58
CA ASN D 223 48.70 2.35 28.60
C ASN D 223 49.56 3.43 27.98
N LEU D 224 50.45 3.05 27.06
CA LEU D 224 51.21 4.05 26.32
C LEU D 224 50.36 4.91 25.41
N ALA D 225 49.40 4.29 24.73
CA ALA D 225 48.42 4.98 23.87
C ALA D 225 47.57 6.01 24.59
N CYS D 226 47.16 5.70 25.81
CA CYS D 226 46.42 6.65 26.62
C CYS D 226 47.35 7.76 27.10
N LYS D 227 48.60 7.41 27.38
CA LYS D 227 49.55 8.38 27.83
C LYS D 227 49.96 9.35 26.72
N TYR D 228 50.17 8.88 25.49
CA TYR D 228 50.66 9.75 24.41
C TYR D 228 49.69 10.02 23.29
N ASN D 229 48.39 9.88 23.55
CA ASN D 229 47.36 10.22 22.55
C ASN D 229 47.50 9.51 21.19
N LEU D 230 47.71 8.20 21.23
CA LEU D 230 47.88 7.40 20.02
C LEU D 230 46.57 6.67 19.61
N CYS D 231 46.36 6.52 18.31
CA CYS D 231 45.33 5.66 17.75
C CYS D 231 45.93 4.27 17.60
N ILE D 232 45.16 3.23 17.92
CA ILE D 232 45.49 1.84 17.66
C ILE D 232 44.49 1.17 16.75
N ILE D 233 44.99 0.51 15.70
CA ILE D 233 44.21 -0.40 14.88
C ILE D 233 44.84 -1.81 14.99
N PRO D 234 44.15 -2.76 15.65
CA PRO D 234 44.69 -4.13 15.65
C PRO D 234 44.63 -4.80 14.29
N ILE D 235 45.61 -5.63 14.00
CA ILE D 235 45.55 -6.46 12.80
C ILE D 235 45.93 -7.85 13.19
N GLY D 236 45.39 -8.84 12.49
CA GLY D 236 45.76 -10.22 12.71
C GLY D 236 46.21 -10.70 11.36
N GLY D 237 45.41 -11.56 10.75
CA GLY D 237 45.71 -11.98 9.38
C GLY D 237 45.74 -10.93 8.25
N GLY D 238 45.21 -9.73 8.48
CA GLY D 238 44.96 -8.77 7.40
C GLY D 238 44.02 -9.23 6.27
N THR D 239 43.11 -10.16 6.54
CA THR D 239 42.15 -10.71 5.54
C THR D 239 40.75 -10.02 5.45
N SER D 240 40.55 -8.94 6.20
CA SER D 240 39.30 -8.16 6.15
C SER D 240 38.77 -7.94 4.74
N VAL D 241 37.47 -8.06 4.57
CA VAL D 241 36.83 -7.70 3.30
C VAL D 241 35.74 -6.68 3.53
N SER D 242 36.02 -5.77 4.46
CA SER D 242 35.08 -4.70 4.81
C SER D 242 35.73 -3.30 5.04
N TYR D 243 36.96 -3.11 4.57
CA TYR D 243 37.77 -1.92 4.90
C TYR D 243 37.90 -1.74 6.41
N GLY D 244 37.97 -2.89 7.07
CA GLY D 244 38.12 -2.89 8.51
C GLY D 244 39.50 -2.52 9.04
N LEU D 245 40.50 -2.49 8.16
CA LEU D 245 41.86 -2.03 8.59
C LEU D 245 42.29 -0.74 7.96
N MET D 246 41.47 -0.19 7.06
CA MET D 246 41.80 1.04 6.38
C MET D 246 41.94 2.16 7.40
N CYS D 247 43.06 2.86 7.37
CA CYS D 247 43.29 3.96 8.32
C CYS D 247 42.44 5.14 7.90
N PRO D 248 41.59 5.68 8.78
CA PRO D 248 40.83 6.87 8.31
C PRO D 248 41.77 8.03 7.90
N ALA D 249 41.42 8.68 6.79
CA ALA D 249 42.27 9.64 6.10
C ALA D 249 42.59 10.89 6.92
N ASP D 250 41.65 11.37 7.72
CA ASP D 250 41.92 12.53 8.58
C ASP D 250 42.28 12.14 10.02
N GLU D 251 42.79 10.95 10.23
CA GLU D 251 43.31 10.66 11.54
C GLU D 251 44.68 11.34 11.70
N THR D 252 44.72 12.44 12.47
CA THR D 252 45.93 13.22 12.66
C THR D 252 46.89 12.63 13.70
N ARG D 253 46.36 11.83 14.62
CA ARG D 253 47.18 11.20 15.64
C ARG D 253 48.08 10.14 15.02
N THR D 254 49.10 9.73 15.78
CA THR D 254 50.00 8.64 15.40
C THR D 254 49.22 7.32 15.45
N ILE D 255 49.14 6.62 14.32
CA ILE D 255 48.45 5.35 14.26
C ILE D 255 49.46 4.22 14.41
N ILE D 256 49.16 3.37 15.38
CA ILE D 256 49.88 2.12 15.63
C ILE D 256 49.14 0.99 14.99
N SER D 257 49.84 0.19 14.22
CA SER D 257 49.31 -1.10 13.81
C SER D 257 49.73 -2.05 14.89
N LEU D 258 48.73 -2.57 15.61
CA LEU D 258 48.97 -3.53 16.66
C LEU D 258 48.76 -4.91 16.03
N ASP D 259 49.90 -5.47 15.63
CA ASP D 259 49.99 -6.74 14.98
C ASP D 259 50.07 -7.84 16.03
N THR D 260 49.19 -8.83 15.92
CA THR D 260 49.04 -9.88 16.91
C THR D 260 49.67 -11.19 16.46
N SER D 261 50.37 -11.17 15.34
CA SER D 261 50.91 -12.41 14.74
C SER D 261 51.95 -13.12 15.58
N GLN D 262 52.55 -12.42 16.55
CA GLN D 262 53.59 -13.01 17.43
C GLN D 262 53.06 -13.39 18.78
N MET D 263 51.73 -13.29 18.99
CA MET D 263 51.05 -13.73 20.20
C MET D 263 50.13 -14.83 19.68
N ASN D 264 50.75 -15.98 19.47
CA ASN D 264 50.21 -17.06 18.62
C ASN D 264 50.26 -18.47 19.24
N ARG D 265 50.40 -18.55 20.57
CA ARG D 265 50.52 -19.84 21.26
C ARG D 265 49.21 -20.47 21.65
N ILE D 266 49.17 -21.79 21.55
CA ILE D 266 48.25 -22.59 22.34
C ILE D 266 48.82 -22.65 23.75
N LEU D 267 48.20 -21.93 24.68
CA LEU D 267 48.59 -21.90 26.08
C LEU D 267 48.34 -23.22 26.80
N TRP D 268 47.19 -23.84 26.52
CA TRP D 268 46.95 -25.23 26.86
C TRP D 268 45.65 -25.80 26.32
N VAL D 269 45.66 -27.11 26.22
CA VAL D 269 44.53 -27.89 25.83
C VAL D 269 44.01 -28.49 27.12
N ASP D 270 42.71 -28.37 27.35
CA ASP D 270 42.05 -29.05 28.48
C ASP D 270 41.33 -30.25 27.89
N GLU D 271 41.97 -31.40 28.04
CA GLU D 271 41.40 -32.63 27.49
C GLU D 271 40.08 -33.00 28.16
N ASN D 272 39.91 -32.65 29.43
CA ASN D 272 38.71 -33.06 30.19
C ASN D 272 37.46 -32.29 29.84
N ASN D 273 37.60 -30.98 29.72
CA ASN D 273 36.52 -30.09 29.34
C ASN D 273 36.38 -29.92 27.84
N LEU D 274 37.38 -30.36 27.09
CA LEU D 274 37.41 -30.21 25.62
C LEU D 274 37.42 -28.73 25.16
N THR D 275 38.42 -28.03 25.65
CA THR D 275 38.66 -26.63 25.31
C THR D 275 40.14 -26.42 25.12
N ALA D 276 40.49 -25.40 24.35
CA ALA D 276 41.89 -25.00 24.15
C ALA D 276 41.98 -23.52 24.45
N HIS D 277 42.90 -23.18 25.32
CA HIS D 277 43.12 -21.83 25.73
C HIS D 277 44.27 -21.30 24.84
N VAL D 278 43.99 -20.27 24.03
CA VAL D 278 44.92 -19.85 22.96
C VAL D 278 45.08 -18.36 22.97
N GLU D 279 46.16 -17.90 22.37
CA GLU D 279 46.42 -16.48 22.18
C GLU D 279 45.81 -16.08 20.86
N ALA D 280 45.36 -14.85 20.79
CA ALA D 280 44.43 -14.45 19.72
C ALA D 280 45.09 -14.30 18.35
N GLY D 281 46.44 -14.30 18.28
CA GLY D 281 47.15 -14.17 17.02
C GLY D 281 47.37 -15.42 16.26
N ILE D 282 47.10 -16.59 16.84
CA ILE D 282 47.27 -17.83 16.08
C ILE D 282 46.29 -17.93 14.86
N THR D 283 46.80 -18.43 13.74
CA THR D 283 46.03 -18.59 12.53
C THR D 283 45.30 -19.87 12.61
N GLY D 284 44.20 -19.97 11.89
CA GLY D 284 43.45 -21.23 11.72
C GLY D 284 44.26 -22.46 11.35
N GLN D 285 45.10 -22.33 10.35
CA GLN D 285 46.01 -23.41 9.89
C GLN D 285 46.96 -23.89 10.97
N GLU D 286 47.52 -22.95 11.73
CA GLU D 286 48.46 -23.31 12.78
C GLU D 286 47.74 -23.90 13.99
N LEU D 287 46.52 -23.42 14.24
CA LEU D 287 45.69 -23.95 15.34
C LEU D 287 45.25 -25.39 15.07
N GLU D 288 44.82 -25.68 13.85
CA GLU D 288 44.42 -27.03 13.50
C GLU D 288 45.60 -27.97 13.44
N ARG D 289 46.69 -27.50 12.87
CA ARG D 289 47.90 -28.33 12.77
C ARG D 289 48.33 -28.78 14.16
N GLN D 290 48.50 -27.85 15.10
CA GLN D 290 48.92 -28.22 16.45
C GLN D 290 47.97 -29.07 17.25
N LEU D 291 46.66 -28.81 17.18
CA LEU D 291 45.68 -29.61 17.91
C LEU D 291 45.65 -31.02 17.37
N LYS D 292 45.82 -31.12 16.05
CA LYS D 292 45.78 -32.39 15.35
C LYS D 292 46.86 -33.29 15.90
N GLU D 293 47.99 -32.71 16.36
CA GLU D 293 49.08 -33.53 16.95
C GLU D 293 48.66 -34.25 18.23
N SER D 294 47.74 -33.65 19.00
CA SER D 294 47.13 -34.32 20.16
C SER D 294 45.86 -35.08 19.87
N GLY D 295 45.42 -35.16 18.60
CA GLY D 295 44.18 -35.88 18.24
C GLY D 295 42.90 -35.02 18.25
N TYR D 296 43.03 -33.70 18.06
CA TYR D 296 41.91 -32.75 18.20
C TYR D 296 41.83 -31.74 17.07
N CYS D 297 40.65 -31.16 16.90
CA CYS D 297 40.44 -30.06 15.96
C CYS D 297 39.44 -29.04 16.55
N THR D 298 39.46 -27.77 16.13
CA THR D 298 38.29 -26.89 16.34
C THR D 298 37.19 -27.16 15.30
N GLY D 299 37.59 -27.49 14.09
CA GLY D 299 36.66 -27.65 12.99
C GLY D 299 36.22 -26.34 12.36
N HIS D 300 36.70 -25.19 12.85
CA HIS D 300 36.39 -23.85 12.32
C HIS D 300 37.27 -23.57 11.10
N GLU D 301 36.64 -23.54 9.93
CA GLU D 301 37.35 -23.55 8.64
C GLU D 301 36.84 -22.45 7.76
N PRO D 302 37.15 -21.20 8.12
CA PRO D 302 36.95 -20.13 7.15
C PRO D 302 37.86 -20.29 5.92
N ASP D 303 37.41 -19.88 4.74
CA ASP D 303 38.28 -19.92 3.58
C ASP D 303 39.59 -19.17 3.78
N SER D 304 39.65 -18.18 4.67
CA SER D 304 40.84 -17.41 4.98
C SER D 304 41.78 -18.06 5.99
N LEU D 305 41.57 -19.33 6.30
CA LEU D 305 42.18 -19.96 7.48
C LEU D 305 43.72 -20.03 7.48
N GLU D 306 44.36 -19.98 6.33
CA GLU D 306 45.81 -19.91 6.30
C GLU D 306 46.34 -18.68 6.98
N PHE D 307 45.55 -17.59 6.99
CA PHE D 307 46.01 -16.33 7.63
C PHE D 307 45.12 -15.72 8.72
N SER D 308 43.81 -15.92 8.66
CA SER D 308 42.90 -15.25 9.61
C SER D 308 43.15 -15.84 10.94
N THR D 309 43.10 -14.98 11.96
CA THR D 309 43.34 -15.37 13.35
C THR D 309 42.07 -15.54 14.21
N VAL D 310 42.26 -16.11 15.39
CA VAL D 310 41.22 -16.28 16.42
C VAL D 310 40.64 -14.93 16.89
N GLY D 311 41.51 -13.97 17.22
CA GLY D 311 41.06 -12.57 17.51
C GLY D 311 40.25 -11.96 16.35
N GLY D 312 40.65 -12.31 15.14
CA GLY D 312 39.98 -11.84 13.95
C GLY D 312 38.56 -12.34 13.82
N TRP D 313 38.40 -13.64 14.06
CA TRP D 313 37.17 -14.35 13.87
C TRP D 313 36.13 -13.86 14.84
N ILE D 314 36.58 -13.65 16.05
CA ILE D 314 35.75 -13.10 17.12
C ILE D 314 35.35 -11.68 16.77
N SER D 315 36.33 -10.85 16.42
CA SER D 315 36.08 -9.45 16.06
C SER D 315 35.09 -9.30 14.92
N THR D 316 35.05 -10.23 13.97
CA THR D 316 34.24 -10.11 12.77
C THR D 316 33.10 -11.11 12.66
N ARG D 317 32.89 -11.91 13.70
CA ARG D 317 31.87 -12.97 13.79
C ARG D 317 32.01 -13.90 12.62
N ALA D 318 33.20 -14.44 12.48
CA ALA D 318 33.54 -15.31 11.38
C ALA D 318 32.70 -16.56 11.37
N SER D 319 32.58 -17.14 10.19
CA SER D 319 31.79 -18.31 9.95
C SER D 319 32.64 -19.25 9.14
N GLY D 320 32.52 -20.55 9.38
CA GLY D 320 33.35 -21.53 8.70
C GLY D 320 32.57 -22.56 7.92
N MET D 321 33.29 -23.22 7.03
CA MET D 321 32.67 -24.19 6.17
C MET D 321 32.02 -25.37 6.88
N LYS D 322 32.52 -25.78 8.04
CA LYS D 322 31.90 -26.88 8.76
C LYS D 322 31.00 -26.52 9.98
N LYS D 323 30.42 -25.32 9.92
CA LYS D 323 29.54 -24.74 10.93
C LYS D 323 28.48 -25.73 11.37
N ASN D 324 27.99 -26.53 10.45
CA ASN D 324 26.96 -27.48 10.76
C ASN D 324 27.26 -28.38 11.93
N ILE D 325 28.51 -28.76 12.06
CA ILE D 325 28.96 -29.66 13.13
C ILE D 325 29.54 -28.92 14.29
N TYR D 326 30.39 -27.93 14.02
CA TYR D 326 31.23 -27.32 15.06
C TYR D 326 30.72 -26.01 15.55
N GLY D 327 29.73 -25.44 14.86
CA GLY D 327 29.25 -24.11 15.21
C GLY D 327 30.00 -23.02 14.49
N ASN D 328 29.47 -21.83 14.56
CA ASN D 328 30.16 -20.65 14.05
C ASN D 328 30.92 -20.15 15.26
N ILE D 329 31.63 -19.04 15.11
CA ILE D 329 32.49 -18.53 16.17
C ILE D 329 31.78 -18.23 17.51
N GLU D 330 30.56 -17.68 17.48
CA GLU D 330 29.73 -17.49 18.68
C GLU D 330 29.42 -18.81 19.46
N ASP D 331 29.37 -19.93 18.78
CA ASP D 331 29.19 -21.24 19.37
C ASP D 331 30.50 -21.87 19.90
N LEU D 332 31.65 -21.45 19.38
CA LEU D 332 32.94 -22.07 19.70
C LEU D 332 33.64 -21.42 20.85
N VAL D 333 33.44 -20.12 21.02
CA VAL D 333 34.08 -19.37 22.08
C VAL D 333 33.39 -19.52 23.40
N VAL D 334 34.16 -19.97 24.38
CA VAL D 334 33.71 -20.24 25.76
C VAL D 334 34.17 -19.16 26.70
N HIS D 335 35.27 -18.48 26.34
CA HIS D 335 35.86 -17.46 27.16
C HIS D 335 36.80 -16.60 26.33
N MET D 336 37.09 -15.41 26.83
CA MET D 336 38.02 -14.49 26.19
C MET D 336 38.52 -13.45 27.16
N LYS D 337 39.69 -12.90 26.84
CA LYS D 337 40.28 -11.83 27.61
C LYS D 337 40.48 -10.67 26.64
N VAL D 338 40.17 -9.44 27.04
CA VAL D 338 40.21 -8.29 26.15
C VAL D 338 40.84 -7.09 26.83
N VAL D 339 41.84 -6.49 26.23
CA VAL D 339 42.45 -5.32 26.83
C VAL D 339 41.77 -4.10 26.24
N THR D 340 41.25 -3.22 27.08
CA THR D 340 40.68 -1.92 26.67
C THR D 340 41.33 -0.81 27.43
N PRO D 341 41.07 0.43 27.00
CA PRO D 341 41.57 1.58 27.76
C PRO D 341 41.05 1.71 29.18
N ARG D 342 39.88 1.14 29.51
CA ARG D 342 39.39 1.05 30.88
C ARG D 342 40.05 0.00 31.73
N GLY D 343 40.53 -1.05 31.10
CA GLY D 343 41.05 -2.21 31.80
C GLY D 343 40.67 -3.47 31.06
N VAL D 344 40.88 -4.59 31.71
CA VAL D 344 40.75 -5.85 31.04
C VAL D 344 39.35 -6.37 31.28
N ILE D 345 38.67 -6.80 30.21
CA ILE D 345 37.43 -7.52 30.33
C ILE D 345 37.73 -9.01 30.38
N GLU D 346 37.13 -9.72 31.32
CA GLU D 346 37.33 -11.16 31.51
C GLU D 346 36.30 -11.71 32.48
N LYS D 347 35.58 -12.75 32.08
CA LYS D 347 34.60 -13.39 32.97
C LYS D 347 35.38 -14.22 34.00
N SER D 348 34.89 -14.39 35.22
CA SER D 348 35.68 -15.10 36.24
C SER D 348 35.56 -16.63 36.19
N CYS D 349 34.50 -17.17 35.61
CA CYS D 349 34.39 -18.62 35.45
C CYS D 349 34.30 -19.04 33.99
N GLN D 350 34.69 -20.30 33.75
CA GLN D 350 34.57 -20.97 32.46
C GLN D 350 33.41 -21.96 32.43
N GLY D 351 32.31 -21.57 33.11
CA GLY D 351 31.04 -22.33 33.08
C GLY D 351 30.50 -22.38 31.66
N PRO D 352 29.93 -23.53 31.24
CA PRO D 352 29.46 -23.62 29.87
C PRO D 352 28.33 -22.70 29.52
N ARG D 353 27.52 -22.31 30.49
CA ARG D 353 26.31 -21.52 30.16
C ARG D 353 25.84 -20.83 31.41
N MET D 354 25.73 -19.52 31.33
CA MET D 354 25.38 -18.65 32.41
C MET D 354 24.07 -17.91 32.15
N SER D 355 23.42 -17.51 33.25
CA SER D 355 22.52 -16.37 33.29
C SER D 355 23.06 -15.42 34.35
N THR D 356 23.92 -14.53 33.92
CA THR D 356 24.46 -13.49 34.78
C THR D 356 24.37 -12.14 34.08
N GLY D 357 23.18 -11.85 33.55
CA GLY D 357 22.98 -10.62 32.77
C GLY D 357 23.19 -10.74 31.27
N PRO D 358 23.08 -9.64 30.53
CA PRO D 358 23.50 -9.59 29.12
C PRO D 358 24.92 -10.16 28.95
N ASP D 359 25.14 -10.92 27.89
CA ASP D 359 26.38 -11.67 27.76
C ASP D 359 27.44 -10.73 27.21
N ILE D 360 28.38 -10.32 28.07
CA ILE D 360 29.46 -9.39 27.63
C ILE D 360 30.36 -9.94 26.51
N HIS D 361 30.45 -11.26 26.35
CA HIS D 361 31.08 -11.86 25.16
C HIS D 361 30.49 -11.37 23.86
N HIS D 362 29.16 -11.22 23.80
CA HIS D 362 28.50 -10.65 22.64
C HIS D 362 28.64 -9.13 22.45
N PHE D 363 29.12 -8.42 23.46
CA PHE D 363 29.47 -7.03 23.28
C PHE D 363 30.83 -6.98 22.50
N ILE D 364 31.65 -8.02 22.59
CA ILE D 364 32.99 -8.02 21.99
C ILE D 364 33.04 -8.70 20.62
N MET D 365 32.28 -9.77 20.43
CA MET D 365 32.09 -10.38 19.11
C MET D 365 31.39 -9.48 18.14
N GLY D 366 32.02 -9.29 16.99
CA GLY D 366 31.64 -8.31 16.05
C GLY D 366 32.02 -6.88 16.39
N SER D 367 32.83 -6.62 17.41
CA SER D 367 33.27 -5.25 17.71
C SER D 367 34.29 -4.69 16.69
N GLU D 368 34.86 -5.56 15.85
CA GLU D 368 35.70 -5.14 14.70
C GLU D 368 36.77 -4.12 15.07
N GLY D 369 37.51 -4.40 16.13
CA GLY D 369 38.67 -3.59 16.55
C GLY D 369 38.39 -2.21 17.11
N THR D 370 37.12 -1.92 17.40
CA THR D 370 36.66 -0.60 17.83
C THR D 370 36.79 -0.36 19.31
N LEU D 371 36.94 -1.46 20.07
CA LEU D 371 36.77 -1.46 21.50
C LEU D 371 38.05 -1.79 22.29
N GLY D 372 38.85 -2.69 21.75
CA GLY D 372 40.06 -3.08 22.44
C GLY D 372 40.62 -4.25 21.70
N VAL D 373 41.62 -4.86 22.31
CA VAL D 373 42.34 -5.95 21.71
C VAL D 373 41.97 -7.23 22.39
N ILE D 374 41.49 -8.20 21.64
CA ILE D 374 41.31 -9.59 22.16
C ILE D 374 42.67 -10.23 22.25
N THR D 375 43.11 -10.58 23.44
CA THR D 375 44.47 -11.19 23.65
C THR D 375 44.49 -12.72 23.74
N GLU D 376 43.46 -13.33 24.34
CA GLU D 376 43.36 -14.77 24.58
C GLU D 376 41.90 -15.21 24.48
N ALA D 377 41.70 -16.46 24.09
CA ALA D 377 40.38 -17.00 24.02
C ALA D 377 40.44 -18.46 24.33
N THR D 378 39.34 -18.98 24.89
CA THR D 378 39.14 -20.38 25.06
C THR D 378 38.09 -20.80 24.05
N ILE D 379 38.46 -21.78 23.27
CA ILE D 379 37.64 -22.27 22.20
C ILE D 379 37.43 -23.76 22.40
N LYS D 380 36.24 -24.22 22.08
CA LYS D 380 35.91 -25.64 22.12
C LYS D 380 36.66 -26.42 21.07
N ILE D 381 36.95 -27.69 21.40
CA ILE D 381 37.63 -28.58 20.49
C ILE D 381 36.92 -29.91 20.52
N ARG D 382 37.23 -30.75 19.56
CA ARG D 382 36.62 -32.04 19.44
C ARG D 382 37.66 -33.04 19.01
N PRO D 383 37.43 -34.34 19.28
CA PRO D 383 38.30 -35.34 18.68
C PRO D 383 38.25 -35.24 17.17
N THR D 384 39.41 -35.36 16.57
CA THR D 384 39.51 -35.54 15.13
C THR D 384 38.44 -36.55 14.67
N PRO D 385 37.68 -36.24 13.61
CA PRO D 385 36.61 -37.16 13.22
C PRO D 385 37.14 -38.49 12.68
N GLU D 386 36.41 -39.54 12.90
CA GLU D 386 36.87 -40.88 12.53
C GLU D 386 36.87 -41.04 10.99
N TYR D 387 35.87 -40.48 10.34
CA TYR D 387 35.64 -40.73 8.94
C TYR D 387 35.15 -39.49 8.19
N GLN D 388 35.63 -39.32 6.96
CA GLN D 388 35.17 -38.31 6.02
C GLN D 388 34.73 -38.95 4.73
N LYS D 389 33.62 -38.48 4.19
CA LYS D 389 33.14 -38.87 2.87
C LYS D 389 32.53 -37.66 2.18
N TYR D 390 32.93 -37.43 0.93
CA TYR D 390 32.36 -36.42 0.03
C TYR D 390 31.16 -36.97 -0.79
N GLY D 391 30.39 -36.03 -1.36
CA GLY D 391 29.17 -36.36 -2.12
C GLY D 391 28.78 -35.27 -3.10
N SER D 392 27.89 -35.59 -4.03
CA SER D 392 27.38 -34.57 -4.95
C SER D 392 26.01 -34.96 -5.41
N VAL D 393 25.20 -33.96 -5.71
CA VAL D 393 23.86 -34.13 -6.26
C VAL D 393 23.66 -33.13 -7.38
N ALA D 394 23.13 -33.62 -8.50
CA ALA D 394 22.71 -32.77 -9.59
C ALA D 394 21.22 -32.52 -9.46
N PHE D 395 20.79 -31.31 -9.79
CA PHE D 395 19.38 -30.95 -9.80
C PHE D 395 18.99 -30.44 -11.17
N PRO D 396 17.69 -30.54 -11.53
CA PRO D 396 17.34 -30.03 -12.84
C PRO D 396 17.37 -28.47 -12.89
N ASN D 397 17.26 -27.81 -11.76
CA ASN D 397 17.53 -26.39 -11.71
C ASN D 397 17.95 -25.96 -10.32
N PHE D 398 18.34 -24.70 -10.23
CA PHE D 398 18.64 -24.07 -8.98
C PHE D 398 17.49 -24.15 -7.97
N GLU D 399 16.27 -23.84 -8.39
CA GLU D 399 15.14 -23.80 -7.46
C GLU D 399 14.84 -25.15 -6.74
N GLN D 400 14.86 -26.27 -7.48
CA GLN D 400 14.74 -27.61 -6.89
C GLN D 400 15.83 -27.91 -5.86
N GLY D 401 17.07 -27.56 -6.21
CA GLY D 401 18.17 -27.67 -5.30
C GLY D 401 17.93 -26.82 -4.05
N VAL D 402 17.44 -25.59 -4.19
CA VAL D 402 17.26 -24.73 -3.00
C VAL D 402 16.20 -25.34 -2.10
N ALA D 403 15.15 -25.88 -2.70
CA ALA D 403 14.05 -26.58 -1.97
C ALA D 403 14.54 -27.81 -1.28
N CYS D 404 15.48 -28.50 -1.92
CA CYS D 404 16.08 -29.67 -1.28
C CYS D 404 16.93 -29.26 -0.08
N LEU D 405 17.68 -28.18 -0.18
CA LEU D 405 18.43 -27.70 0.98
C LEU D 405 17.49 -27.35 2.15
N ARG D 406 16.38 -26.71 1.85
CA ARG D 406 15.40 -26.34 2.85
C ARG D 406 14.90 -27.57 3.58
N GLU D 407 14.52 -28.59 2.82
CA GLU D 407 14.10 -29.87 3.38
C GLU D 407 15.18 -30.53 4.24
N ILE D 408 16.41 -30.47 3.79
CA ILE D 408 17.52 -30.98 4.56
C ILE D 408 17.61 -30.23 5.89
N ALA D 409 17.53 -28.89 5.85
CA ALA D 409 17.55 -28.12 7.08
C ALA D 409 16.29 -28.44 7.94
N LYS D 410 15.15 -28.64 7.32
CA LYS D 410 13.94 -29.00 8.07
C LYS D 410 14.01 -30.36 8.84
N GLN D 411 14.69 -31.36 8.29
CA GLN D 411 14.94 -32.62 9.00
C GLN D 411 16.14 -32.49 9.88
N ARG D 412 16.82 -31.35 9.86
CA ARG D 412 18.03 -31.14 10.66
C ARG D 412 18.95 -32.34 10.48
N CYS D 413 19.23 -32.69 9.22
CA CYS D 413 20.27 -33.65 8.88
C CYS D 413 21.23 -33.07 7.86
N ALA D 414 21.56 -31.80 7.96
CA ALA D 414 22.54 -31.22 7.08
C ALA D 414 23.89 -31.89 7.33
N PRO D 415 24.60 -32.32 6.27
CA PRO D 415 25.99 -32.76 6.45
C PRO D 415 26.86 -31.67 7.03
N ALA D 416 28.08 -32.04 7.39
CA ALA D 416 29.09 -31.12 7.87
C ALA D 416 29.19 -29.84 7.01
N SER D 417 29.19 -30.04 5.70
CA SER D 417 29.09 -28.98 4.72
C SER D 417 28.15 -29.42 3.59
N ILE D 418 27.32 -28.49 3.17
CA ILE D 418 26.51 -28.67 1.98
C ILE D 418 26.40 -27.30 1.30
N ARG D 419 26.77 -27.21 0.03
CA ARG D 419 26.73 -25.98 -0.74
C ARG D 419 25.96 -26.29 -2.04
N LEU D 420 25.21 -25.30 -2.54
CA LEU D 420 24.45 -25.49 -3.80
C LEU D 420 24.95 -24.47 -4.83
N MET D 421 25.45 -24.97 -5.96
CA MET D 421 26.08 -24.17 -7.04
C MET D 421 25.06 -23.91 -8.16
N ASP D 422 24.99 -22.66 -8.66
CA ASP D 422 24.29 -22.39 -9.96
C ASP D 422 25.04 -23.01 -11.14
N ASN D 423 24.41 -23.03 -12.29
CA ASN D 423 24.99 -23.70 -13.44
C ASN D 423 26.32 -23.13 -13.82
N GLN D 424 26.46 -21.80 -13.77
CA GLN D 424 27.69 -21.13 -14.15
C GLN D 424 28.89 -21.62 -13.33
N GLN D 425 28.71 -21.76 -12.01
CA GLN D 425 29.76 -22.31 -11.17
C GLN D 425 29.99 -23.78 -11.47
N PHE D 426 28.94 -24.50 -11.84
CA PHE D 426 29.10 -25.89 -12.29
C PHE D 426 30.03 -25.96 -13.51
N GLN D 427 29.71 -25.18 -14.54
CA GLN D 427 30.55 -25.12 -15.74
C GLN D 427 31.97 -24.63 -15.44
N PHE D 428 32.07 -23.61 -14.61
CA PHE D 428 33.39 -23.13 -14.22
C PHE D 428 34.24 -24.20 -13.58
N GLY D 429 33.63 -24.93 -12.65
CA GLY D 429 34.27 -26.05 -12.02
C GLY D 429 34.73 -27.10 -13.01
N HIS D 430 33.87 -27.40 -13.98
CA HIS D 430 34.20 -28.34 -15.06
C HIS D 430 35.44 -27.89 -15.85
N ALA D 431 35.57 -26.57 -16.03
CA ALA D 431 36.68 -26.00 -16.79
C ALA D 431 37.99 -25.88 -16.03
N LEU D 432 38.03 -26.32 -14.76
CA LEU D 432 39.30 -26.48 -14.06
C LEU D 432 39.77 -27.93 -13.91
N LYS D 433 39.12 -28.88 -14.59
CA LYS D 433 39.50 -30.30 -14.55
C LYS D 433 40.60 -30.60 -15.56
N PRO D 434 41.76 -31.12 -15.11
CA PRO D 434 42.74 -31.60 -16.10
C PRO D 434 42.30 -32.91 -16.76
N ASN D 461 21.19 -26.44 -18.99
CA ASN D 461 21.78 -25.11 -18.86
C ASN D 461 21.39 -24.27 -17.62
N GLN D 462 20.36 -24.71 -16.90
CA GLN D 462 20.09 -24.26 -15.52
C GLN D 462 20.47 -25.33 -14.47
N LEU D 463 20.86 -26.51 -14.94
CA LEU D 463 21.37 -27.59 -14.11
C LEU D 463 22.34 -27.08 -13.03
N SER D 464 22.00 -27.36 -11.76
CA SER D 464 22.73 -26.91 -10.57
C SER D 464 23.21 -28.16 -9.79
N VAL D 465 24.26 -27.98 -9.00
CA VAL D 465 24.95 -29.07 -8.33
C VAL D 465 25.16 -28.77 -6.85
N ALA D 466 24.85 -29.73 -6.00
CA ALA D 466 25.19 -29.61 -4.60
C ALA D 466 26.46 -30.43 -4.26
N THR D 467 27.42 -29.84 -3.58
CA THR D 467 28.55 -30.60 -3.04
C THR D 467 28.28 -30.89 -1.59
N LEU D 468 28.71 -32.07 -1.14
CA LEU D 468 28.46 -32.56 0.21
C LEU D 468 29.79 -33.01 0.84
N LEU D 469 29.95 -32.72 2.14
CA LEU D 469 30.99 -33.33 3.00
C LEU D 469 30.34 -33.85 4.28
N PHE D 470 30.42 -35.17 4.50
CA PHE D 470 30.00 -35.84 5.75
C PHE D 470 31.26 -36.13 6.59
N GLU D 471 31.16 -35.93 7.89
CA GLU D 471 32.29 -36.31 8.77
C GLU D 471 31.87 -36.59 10.19
N GLY D 472 32.66 -37.43 10.85
CA GLY D 472 32.34 -38.00 12.15
C GLY D 472 32.43 -39.53 12.16
N ASP D 473 31.56 -40.15 12.96
CA ASP D 473 31.56 -41.59 13.14
C ASP D 473 31.27 -42.25 11.81
N ARG D 474 32.00 -43.30 11.51
CA ARG D 474 31.81 -43.95 10.22
C ARG D 474 30.37 -44.42 10.04
N GLU D 475 29.79 -45.06 11.04
CA GLU D 475 28.42 -45.56 10.89
C GLU D 475 27.38 -44.45 10.82
N LYS D 476 27.61 -43.38 11.55
CA LYS D 476 26.74 -42.20 11.44
C LYS D 476 26.79 -41.55 10.06
N VAL D 477 27.98 -41.41 9.50
CA VAL D 477 28.20 -40.89 8.15
C VAL D 477 27.38 -41.58 7.09
N LEU D 478 27.38 -42.91 7.11
CA LEU D 478 26.64 -43.69 6.11
C LEU D 478 25.12 -43.63 6.31
N GLN D 479 24.66 -43.45 7.55
CA GLN D 479 23.24 -43.19 7.85
C GLN D 479 22.91 -41.81 7.35
N HIS D 480 23.67 -40.83 7.80
CA HIS D 480 23.48 -39.45 7.36
C HIS D 480 23.35 -39.36 5.82
N GLU D 481 24.32 -39.99 5.15
CA GLU D 481 24.41 -40.08 3.68
C GLU D 481 23.17 -40.63 2.99
N LYS D 482 22.63 -41.72 3.52
CA LYS D 482 21.41 -42.32 2.95
C LYS D 482 20.18 -41.44 3.13
N GLN D 483 20.09 -40.78 4.27
CA GLN D 483 19.01 -39.83 4.51
C GLN D 483 19.07 -38.63 3.55
N VAL D 484 20.25 -38.05 3.41
CA VAL D 484 20.44 -36.90 2.52
C VAL D 484 20.12 -37.27 1.06
N TYR D 485 20.50 -38.47 0.59
CA TYR D 485 20.22 -38.86 -0.80
C TYR D 485 18.76 -39.21 -1.06
N ASP D 486 18.07 -39.82 -0.12
CA ASP D 486 16.62 -40.08 -0.25
C ASP D 486 15.78 -38.79 -0.29
N ILE D 487 16.15 -37.80 0.52
CA ILE D 487 15.54 -36.46 0.46
C ILE D 487 15.73 -35.79 -0.91
N ALA D 488 16.97 -35.74 -1.38
CA ALA D 488 17.29 -35.13 -2.65
C ALA D 488 16.55 -35.75 -3.81
N ALA D 489 16.49 -37.09 -3.84
CA ALA D 489 15.73 -37.81 -4.84
C ALA D 489 14.30 -37.31 -5.04
N LYS D 490 13.67 -36.80 -3.97
CA LYS D 490 12.32 -36.22 -4.09
C LYS D 490 12.24 -34.84 -4.74
N PHE D 491 13.37 -34.22 -5.06
CA PHE D 491 13.43 -32.92 -5.74
C PHE D 491 14.06 -33.09 -7.10
N GLY D 492 14.01 -34.33 -7.62
CA GLY D 492 14.75 -34.73 -8.80
C GLY D 492 16.25 -34.73 -8.64
N GLY D 493 16.78 -34.80 -7.41
CA GLY D 493 18.25 -34.86 -7.20
C GLY D 493 18.81 -36.22 -7.60
N LEU D 494 19.94 -36.24 -8.31
CA LEU D 494 20.61 -37.48 -8.67
C LEU D 494 22.06 -37.42 -8.21
N ALA D 495 22.51 -38.48 -7.55
CA ALA D 495 23.87 -38.57 -7.05
C ALA D 495 24.82 -38.38 -8.19
N ALA D 496 25.82 -37.55 -8.00
CA ALA D 496 26.75 -37.21 -9.04
C ALA D 496 28.18 -37.66 -8.68
N GLY D 497 28.33 -38.52 -7.68
CA GLY D 497 29.63 -39.11 -7.32
C GLY D 497 30.36 -38.53 -6.12
N GLU D 498 30.92 -39.41 -5.29
CA GLU D 498 31.87 -39.04 -4.19
C GLU D 498 33.07 -38.20 -4.64
N ASP D 499 33.92 -38.83 -5.45
CA ASP D 499 35.19 -38.24 -5.86
C ASP D 499 34.87 -36.91 -6.54
N ASN D 500 33.78 -36.92 -7.29
CA ASN D 500 33.23 -35.74 -7.94
C ASN D 500 32.97 -34.62 -6.96
N GLY D 501 32.34 -34.99 -5.83
CA GLY D 501 32.18 -34.10 -4.67
C GLY D 501 33.46 -33.55 -4.07
N GLN D 502 34.47 -34.41 -3.92
CA GLN D 502 35.77 -33.99 -3.37
C GLN D 502 36.45 -32.92 -4.21
N ARG D 503 36.29 -33.03 -5.53
CA ARG D 503 36.90 -32.10 -6.48
C ARG D 503 36.49 -30.64 -6.16
N GLY D 504 35.19 -30.43 -5.91
CA GLY D 504 34.67 -29.10 -5.52
C GLY D 504 35.38 -28.46 -4.34
N TYR D 505 35.56 -29.25 -3.29
CA TYR D 505 36.14 -28.73 -2.06
C TYR D 505 37.59 -28.42 -2.15
N LEU D 506 38.32 -29.15 -2.97
CA LEU D 506 39.77 -28.92 -3.11
C LEU D 506 40.16 -27.65 -3.88
N LEU D 507 39.19 -27.03 -4.58
CA LEU D 507 39.36 -25.69 -5.19
C LEU D 507 39.17 -24.50 -4.28
N THR D 508 38.80 -24.71 -3.03
CA THR D 508 38.28 -23.60 -2.20
C THR D 508 39.34 -22.63 -1.70
N TYR D 509 40.59 -23.08 -1.58
CA TYR D 509 41.72 -22.25 -1.16
C TYR D 509 42.53 -21.66 -2.34
N VAL D 510 42.15 -21.98 -3.59
CA VAL D 510 42.77 -21.38 -4.78
C VAL D 510 41.93 -20.26 -5.45
N ILE D 511 40.62 -20.25 -5.25
CA ILE D 511 39.76 -19.23 -5.83
C ILE D 511 40.23 -17.80 -5.52
N ALA D 512 40.77 -17.60 -4.31
CA ALA D 512 41.26 -16.32 -3.91
C ALA D 512 42.42 -15.89 -4.78
N TYR D 513 43.14 -16.82 -5.40
CA TYR D 513 44.30 -16.43 -6.27
C TYR D 513 43.93 -15.94 -7.66
N MET D 514 42.68 -16.16 -8.08
CA MET D 514 42.18 -15.74 -9.36
C MET D 514 41.87 -14.26 -9.48
N ARG D 515 41.79 -13.54 -8.38
CA ARG D 515 41.69 -12.10 -8.45
C ARG D 515 42.87 -11.50 -9.18
N ASP D 516 44.07 -11.90 -8.79
CA ASP D 516 45.27 -11.33 -9.36
C ASP D 516 45.42 -11.74 -10.81
N LEU D 517 45.06 -12.98 -11.12
CA LEU D 517 45.05 -13.44 -12.50
C LEU D 517 44.15 -12.55 -13.30
N GLY D 518 42.91 -12.39 -12.85
CA GLY D 518 42.00 -11.44 -13.46
C GLY D 518 42.55 -10.02 -13.59
N LEU D 519 43.15 -9.46 -12.55
CA LEU D 519 43.74 -8.14 -12.69
C LEU D 519 44.86 -8.01 -13.74
N GLU D 520 45.61 -9.08 -14.00
CA GLU D 520 46.55 -9.09 -15.15
C GLU D 520 45.86 -8.91 -16.51
N TYR D 521 44.62 -9.37 -16.65
CA TYR D 521 43.88 -9.37 -17.94
C TYR D 521 42.60 -8.56 -17.94
N TYR D 522 42.69 -7.39 -17.29
CA TYR D 522 41.61 -6.39 -17.25
C TYR D 522 40.27 -6.87 -16.65
N ILE D 523 40.30 -7.93 -15.81
CA ILE D 523 39.07 -8.47 -15.18
C ILE D 523 39.05 -8.10 -13.69
N ILE D 524 38.02 -7.37 -13.28
CA ILE D 524 37.83 -7.00 -11.87
C ILE D 524 36.55 -7.66 -11.35
N GLY D 525 36.54 -7.85 -10.03
CA GLY D 525 35.41 -8.49 -9.40
C GLY D 525 35.61 -8.82 -7.95
N GLU D 526 34.52 -9.24 -7.33
CA GLU D 526 34.48 -9.46 -5.90
C GLU D 526 33.36 -10.41 -5.55
N SER D 527 33.58 -11.17 -4.49
CA SER D 527 32.52 -11.97 -3.92
C SER D 527 31.84 -11.21 -2.79
N PHE D 528 30.58 -11.54 -2.58
CA PHE D 528 29.78 -10.87 -1.58
C PHE D 528 28.64 -11.78 -1.12
N GLU D 529 28.12 -11.48 0.06
CA GLU D 529 27.26 -12.43 0.74
C GLU D 529 26.12 -11.77 1.52
N THR D 530 25.11 -12.57 1.78
CA THR D 530 24.02 -12.17 2.67
C THR D 530 23.45 -13.44 3.36
N SER D 531 22.69 -13.25 4.43
CA SER D 531 21.80 -14.29 4.94
C SER D 531 20.31 -13.88 4.68
N ALA D 532 19.47 -14.84 4.39
CA ALA D 532 18.03 -14.52 4.11
C ALA D 532 17.06 -15.59 4.57
N PRO D 533 15.81 -15.22 4.86
CA PRO D 533 14.86 -16.28 5.21
C PRO D 533 14.65 -17.21 4.03
N TRP D 534 14.28 -18.47 4.29
CA TRP D 534 14.11 -19.44 3.22
C TRP D 534 13.16 -18.94 2.12
N ASP D 535 12.05 -18.32 2.52
CA ASP D 535 11.06 -17.83 1.56
C ASP D 535 11.54 -16.64 0.68
N ARG D 536 12.71 -16.04 0.98
CA ARG D 536 13.26 -14.98 0.15
C ARG D 536 14.41 -15.40 -0.73
N VAL D 537 14.90 -16.64 -0.60
CA VAL D 537 16.20 -17.00 -1.21
C VAL D 537 16.14 -17.02 -2.74
N VAL D 538 15.12 -17.69 -3.26
CA VAL D 538 15.05 -17.87 -4.72
C VAL D 538 14.91 -16.51 -5.38
N ASP D 539 13.99 -15.68 -4.88
CA ASP D 539 13.81 -14.34 -5.47
C ASP D 539 15.06 -13.52 -5.31
N LEU D 540 15.70 -13.60 -4.16
CA LEU D 540 16.88 -12.76 -3.93
C LEU D 540 18.04 -13.10 -4.90
N CYS D 541 18.31 -14.40 -5.07
CA CYS D 541 19.39 -14.86 -5.97
C CYS D 541 19.20 -14.36 -7.38
N ARG D 542 17.99 -14.59 -7.91
CA ARG D 542 17.67 -14.19 -9.27
C ARG D 542 17.80 -12.65 -9.46
N ASN D 543 17.12 -11.88 -8.60
CA ASN D 543 17.12 -10.43 -8.70
C ASN D 543 18.47 -9.79 -8.45
N VAL D 544 19.29 -10.35 -7.58
CA VAL D 544 20.60 -9.73 -7.34
C VAL D 544 21.47 -9.92 -8.58
N LYS D 545 21.52 -11.15 -9.09
CA LYS D 545 22.28 -11.48 -10.27
C LYS D 545 21.86 -10.61 -11.42
N GLU D 546 20.55 -10.50 -11.60
CA GLU D 546 19.95 -9.66 -12.62
C GLU D 546 20.30 -8.17 -12.45
N ARG D 547 20.26 -7.66 -11.23
CA ARG D 547 20.61 -6.26 -10.98
C ARG D 547 22.07 -5.99 -11.33
N ILE D 548 22.94 -6.96 -11.09
CA ILE D 548 24.34 -6.84 -11.48
C ILE D 548 24.47 -6.61 -12.99
N ARG D 549 23.79 -7.48 -13.75
CA ARG D 549 23.75 -7.44 -15.22
C ARG D 549 23.20 -6.11 -15.78
N ARG D 550 22.05 -5.68 -15.27
CA ARG D 550 21.49 -4.36 -15.62
C ARG D 550 22.46 -3.20 -15.31
N GLU D 551 22.97 -3.08 -14.07
CA GLU D 551 23.91 -1.99 -13.70
C GLU D 551 25.16 -1.93 -14.59
N CYS D 552 25.70 -3.09 -14.95
CA CYS D 552 26.92 -3.13 -15.77
C CYS D 552 26.66 -2.67 -17.21
N LYS D 553 25.53 -3.12 -17.80
CA LYS D 553 25.05 -2.61 -19.09
C LYS D 553 24.86 -1.08 -19.09
N GLU D 554 24.04 -0.56 -18.18
CA GLU D 554 23.86 0.91 -18.01
C GLU D 554 25.10 1.75 -17.73
N LYS D 555 26.21 1.12 -17.33
CA LYS D 555 27.53 1.79 -17.18
C LYS D 555 28.53 1.47 -18.31
N GLY D 556 28.06 0.84 -19.38
CA GLY D 556 28.85 0.64 -20.56
C GLY D 556 29.87 -0.47 -20.52
N VAL D 557 29.50 -1.62 -19.96
CA VAL D 557 30.25 -2.85 -20.11
C VAL D 557 29.70 -3.55 -21.36
N GLN D 558 30.59 -4.12 -22.17
CA GLN D 558 30.15 -4.73 -23.42
C GLN D 558 29.56 -6.11 -23.18
N PHE D 559 30.38 -7.07 -22.77
CA PHE D 559 29.93 -8.46 -22.63
C PHE D 559 29.15 -8.52 -21.30
N PRO D 560 27.99 -9.21 -21.26
CA PRO D 560 27.34 -9.47 -19.96
C PRO D 560 28.35 -9.95 -18.86
N PRO D 561 28.38 -9.29 -17.67
CA PRO D 561 29.31 -9.69 -16.58
C PRO D 561 29.06 -11.10 -16.01
N LEU D 562 30.11 -11.67 -15.41
CA LEU D 562 29.95 -12.92 -14.65
C LEU D 562 29.13 -12.53 -13.44
N SER D 563 28.05 -13.25 -13.19
CA SER D 563 27.20 -12.96 -12.03
C SER D 563 26.63 -14.30 -11.59
N THR D 564 27.21 -14.88 -10.54
CA THR D 564 26.85 -16.24 -10.07
C THR D 564 26.67 -16.26 -8.57
N CYS D 565 26.01 -17.31 -8.10
CA CYS D 565 25.72 -17.46 -6.72
C CYS D 565 25.74 -18.89 -6.30
N ARG D 566 25.99 -19.06 -5.01
CA ARG D 566 25.73 -20.33 -4.38
C ARG D 566 25.17 -20.17 -2.99
N VAL D 567 24.47 -21.21 -2.54
CA VAL D 567 24.05 -21.34 -1.15
C VAL D 567 25.14 -22.08 -0.36
N THR D 568 25.83 -21.39 0.55
CA THR D 568 26.95 -21.96 1.30
C THR D 568 26.62 -22.53 2.69
N GLN D 569 25.57 -22.00 3.33
CA GLN D 569 25.17 -22.44 4.66
C GLN D 569 23.65 -22.44 4.76
N THR D 570 23.12 -23.41 5.52
CA THR D 570 21.72 -23.54 5.80
C THR D 570 21.51 -23.45 7.29
N TYR D 571 20.33 -22.99 7.63
CA TYR D 571 19.97 -22.76 9.03
C TYR D 571 18.53 -23.17 9.16
N ASP D 572 18.09 -23.25 10.41
CA ASP D 572 16.68 -23.50 10.68
C ASP D 572 15.85 -22.49 9.88
N ALA D 573 16.15 -21.19 10.08
CA ALA D 573 15.40 -20.03 9.51
C ALA D 573 15.91 -19.40 8.19
N GLY D 574 16.76 -20.06 7.44
CA GLY D 574 17.26 -19.45 6.25
C GLY D 574 18.60 -19.99 5.83
N ALA D 575 19.32 -19.18 5.06
CA ALA D 575 20.43 -19.61 4.32
C ALA D 575 21.34 -18.46 4.12
N CYS D 576 22.62 -18.77 3.96
CA CYS D 576 23.62 -17.78 3.55
C CYS D 576 23.82 -17.95 2.04
N ILE D 577 23.76 -16.86 1.31
CA ILE D 577 23.93 -16.86 -0.17
C ILE D 577 25.17 -16.09 -0.52
N TYR D 578 26.01 -16.69 -1.36
CA TYR D 578 27.34 -16.16 -1.68
C TYR D 578 27.47 -15.94 -3.18
N PHE D 579 27.69 -14.69 -3.57
CA PHE D 579 27.73 -14.27 -4.98
C PHE D 579 29.15 -13.95 -5.39
N TYR D 580 29.46 -14.17 -6.67
CA TYR D 580 30.65 -13.57 -7.34
C TYR D 580 30.15 -12.74 -8.51
N PHE D 581 30.79 -11.63 -8.75
CA PHE D 581 30.61 -10.93 -10.00
C PHE D 581 31.95 -10.45 -10.52
N ALA D 582 32.04 -10.45 -11.86
CA ALA D 582 33.24 -10.04 -12.58
C ALA D 582 32.88 -9.52 -13.97
N PHE D 583 33.59 -8.47 -14.39
CA PHE D 583 33.53 -7.93 -15.77
C PHE D 583 34.92 -7.54 -16.30
N ASN D 584 35.04 -7.63 -17.62
CA ASN D 584 36.13 -6.99 -18.37
C ASN D 584 35.93 -5.48 -18.34
N TYR D 585 36.88 -4.75 -17.77
CA TYR D 585 36.76 -3.31 -17.77
C TYR D 585 37.55 -2.59 -18.90
N ARG D 586 38.06 -3.33 -19.89
CA ARG D 586 38.89 -2.78 -21.00
C ARG D 586 38.13 -1.65 -21.67
N GLY D 587 38.66 -0.43 -21.61
CA GLY D 587 38.06 0.73 -22.30
C GLY D 587 37.27 1.70 -21.42
N ILE D 588 36.36 1.17 -20.63
CA ILE D 588 35.60 1.95 -19.64
C ILE D 588 36.50 2.90 -18.85
N SER D 589 36.03 4.13 -18.69
CA SER D 589 36.86 5.28 -18.24
C SER D 589 37.31 5.27 -16.77
N ASP D 590 36.34 5.15 -15.84
CA ASP D 590 36.61 5.10 -14.39
C ASP D 590 36.15 3.73 -13.83
N PRO D 591 36.95 2.67 -14.09
CA PRO D 591 36.46 1.29 -13.81
C PRO D 591 36.20 1.00 -12.31
N LEU D 592 37.02 1.59 -11.44
CA LEU D 592 36.79 1.51 -10.01
C LEU D 592 35.42 2.04 -9.60
N ALA D 593 35.06 3.21 -10.10
CA ALA D 593 33.75 3.75 -9.83
C ALA D 593 32.68 2.81 -10.35
N VAL D 594 32.84 2.22 -11.52
CA VAL D 594 31.79 1.33 -11.98
C VAL D 594 31.65 0.14 -11.04
N PHE D 595 32.78 -0.46 -10.66
CA PHE D 595 32.77 -1.61 -9.72
C PHE D 595 32.07 -1.26 -8.35
N GLU D 596 32.55 -0.18 -7.74
CA GLU D 596 32.03 0.35 -6.50
C GLU D 596 30.53 0.61 -6.58
N GLN D 597 30.08 1.35 -7.59
CA GLN D 597 28.62 1.59 -7.74
C GLN D 597 27.89 0.30 -7.93
N THR D 598 28.41 -0.60 -8.74
CA THR D 598 27.75 -1.91 -8.96
C THR D 598 27.66 -2.77 -7.68
N GLU D 599 28.70 -2.73 -6.83
CA GLU D 599 28.68 -3.48 -5.57
C GLU D 599 27.59 -2.95 -4.61
N ALA D 600 27.53 -1.63 -4.45
CA ALA D 600 26.49 -1.00 -3.65
C ALA D 600 25.07 -1.22 -4.22
N ALA D 601 24.93 -1.24 -5.53
CA ALA D 601 23.63 -1.51 -6.11
C ALA D 601 23.26 -2.94 -5.76
N ALA D 602 24.23 -3.84 -5.81
CA ALA D 602 23.94 -5.23 -5.42
C ALA D 602 23.49 -5.33 -3.95
N ARG D 603 24.17 -4.58 -3.06
CA ARG D 603 23.83 -4.55 -1.65
C ARG D 603 22.38 -4.08 -1.44
N GLU D 604 22.02 -2.99 -2.10
CA GLU D 604 20.68 -2.43 -2.02
C GLU D 604 19.60 -3.41 -2.54
N GLU D 605 19.92 -4.05 -3.65
CA GLU D 605 19.10 -5.12 -4.17
C GLU D 605 18.91 -6.25 -3.16
N ILE D 606 19.99 -6.66 -2.51
CA ILE D 606 19.94 -7.63 -1.42
C ILE D 606 18.97 -7.22 -0.28
N LEU D 607 19.14 -6.02 0.25
CA LEU D 607 18.30 -5.51 1.33
C LEU D 607 16.85 -5.30 0.91
N ALA D 608 16.64 -4.98 -0.34
CA ALA D 608 15.29 -4.89 -0.90
C ALA D 608 14.64 -6.24 -1.06
N ASN D 609 15.43 -7.32 -1.02
CA ASN D 609 14.92 -8.66 -1.27
C ASN D 609 14.90 -9.56 -0.03
N GLY D 610 14.81 -8.94 1.14
CA GLY D 610 14.78 -9.64 2.40
C GLY D 610 16.12 -10.09 2.98
N GLY D 611 17.22 -9.69 2.33
CA GLY D 611 18.54 -10.13 2.71
C GLY D 611 19.13 -9.30 3.80
N SER D 612 20.07 -9.90 4.52
CA SER D 612 20.83 -9.19 5.54
C SER D 612 22.01 -8.43 4.94
N LEU D 613 22.52 -7.53 5.78
CA LEU D 613 23.61 -6.64 5.46
C LEU D 613 24.94 -7.40 5.36
N SER D 614 25.05 -8.49 6.10
CA SER D 614 26.16 -9.42 6.05
C SER D 614 25.84 -10.65 6.88
N HIS D 615 26.05 -11.84 6.32
CA HIS D 615 26.14 -13.06 7.06
C HIS D 615 27.46 -13.23 7.85
N HIS D 616 28.62 -13.01 7.23
CA HIS D 616 29.92 -13.21 7.86
C HIS D 616 31.00 -12.17 7.59
N HIS D 617 31.01 -11.48 6.46
CA HIS D 617 32.11 -10.52 6.18
C HIS D 617 32.17 -9.37 7.19
N GLY D 618 31.01 -8.99 7.71
CA GLY D 618 30.96 -7.92 8.67
C GLY D 618 30.70 -6.60 8.02
N VAL D 619 30.90 -5.53 8.75
CA VAL D 619 30.49 -4.19 8.30
C VAL D 619 31.67 -3.28 7.98
N GLY D 620 32.60 -3.20 8.93
CA GLY D 620 33.84 -2.41 8.82
C GLY D 620 33.43 -0.99 8.51
N LYS D 621 34.08 -0.40 7.48
CA LYS D 621 33.68 0.87 6.88
C LYS D 621 32.95 0.71 5.55
N LEU D 622 32.86 -0.49 4.98
CA LEU D 622 32.16 -0.66 3.71
C LEU D 622 30.62 -0.62 3.78
N ARG D 623 30.06 -0.98 4.92
CA ARG D 623 28.62 -1.11 5.10
C ARG D 623 28.05 -0.23 6.22
N LYS D 624 28.89 0.56 6.87
CA LYS D 624 28.43 1.51 7.91
C LYS D 624 27.11 2.24 7.61
N GLN D 625 26.96 2.70 6.37
CA GLN D 625 25.79 3.50 6.03
C GLN D 625 24.47 2.76 6.11
N TRP D 626 24.49 1.43 6.21
CA TRP D 626 23.26 0.67 6.39
C TRP D 626 23.05 0.13 7.82
N LEU D 627 24.02 0.30 8.71
CA LEU D 627 23.95 -0.32 10.03
C LEU D 627 22.76 0.12 10.86
N LYS D 628 22.62 1.44 10.98
CA LYS D 628 21.57 2.08 11.79
C LYS D 628 20.16 1.60 11.40
N GLU D 629 19.90 1.47 10.12
CA GLU D 629 18.68 0.84 9.70
C GLU D 629 18.59 -0.66 9.97
N SER D 630 19.70 -1.37 9.87
CA SER D 630 19.74 -2.80 10.18
C SER D 630 19.43 -3.17 11.65
N ILE D 631 19.89 -2.32 12.58
CA ILE D 631 19.82 -2.60 14.00
C ILE D 631 19.02 -1.60 14.80
N SER D 632 18.43 -0.61 14.12
CA SER D 632 17.60 0.45 14.72
C SER D 632 18.45 1.51 15.42
N ASP D 633 17.88 2.69 15.54
CA ASP D 633 18.62 3.83 16.11
C ASP D 633 19.09 3.58 17.50
N VAL D 634 18.20 2.98 18.31
CA VAL D 634 18.51 2.79 19.73
C VAL D 634 19.60 1.73 19.83
N GLY D 635 19.54 0.71 18.96
CA GLY D 635 20.60 -0.29 18.94
C GLY D 635 21.94 0.29 18.54
N PHE D 636 21.97 1.19 17.56
CA PHE D 636 23.18 1.93 17.22
C PHE D 636 23.61 2.75 18.46
N GLY D 637 22.64 3.36 19.11
CA GLY D 637 22.92 4.12 20.34
C GLY D 637 23.60 3.29 21.41
N MET D 638 23.17 2.04 21.55
CA MET D 638 23.70 1.21 22.59
C MET D 638 25.17 0.88 22.29
N LEU D 639 25.45 0.48 21.05
CA LEU D 639 26.85 0.29 20.60
C LEU D 639 27.65 1.52 20.89
N LYS D 640 27.10 2.65 20.52
CA LYS D 640 27.79 3.92 20.75
C LYS D 640 28.14 4.14 22.22
N SER D 641 27.16 3.87 23.09
CA SER D 641 27.36 4.04 24.52
C SER D 641 28.44 3.12 25.07
N VAL D 642 28.52 1.90 24.55
CA VAL D 642 29.51 0.98 25.06
C VAL D 642 30.91 1.44 24.60
N LYS D 643 31.02 1.77 23.31
CA LYS D 643 32.22 2.46 22.74
C LYS D 643 32.66 3.65 23.59
N ASP D 644 31.72 4.52 23.91
CA ASP D 644 32.07 5.75 24.64
C ASP D 644 32.54 5.51 26.08
N TYR D 645 32.13 4.41 26.71
CA TYR D 645 32.59 4.05 28.05
C TYR D 645 33.97 3.33 28.03
N VAL D 646 34.09 2.34 27.16
CA VAL D 646 35.30 1.49 27.01
C VAL D 646 36.47 2.27 26.41
N ASP D 647 36.13 3.15 25.47
CA ASP D 647 37.12 3.91 24.72
C ASP D 647 36.66 5.36 24.53
N PRO D 648 36.63 6.15 25.63
CA PRO D 648 36.10 7.51 25.56
C PRO D 648 36.86 8.45 24.64
N THR D 649 38.16 8.26 24.43
CA THR D 649 38.93 9.14 23.48
C THR D 649 39.17 8.49 22.10
N ASN D 650 38.52 7.36 21.83
CA ASN D 650 38.60 6.73 20.55
C ASN D 650 40.04 6.42 20.17
N ILE D 651 40.80 5.89 21.11
CA ILE D 651 42.09 5.22 20.82
C ILE D 651 41.93 4.09 19.77
N PHE D 652 40.87 3.27 19.89
CA PHE D 652 40.61 2.24 18.87
C PHE D 652 39.86 2.89 17.74
N GLY D 653 40.64 3.61 16.93
CA GLY D 653 40.09 4.57 15.95
C GLY D 653 40.01 4.09 14.51
N ASN D 654 39.81 2.81 14.29
CA ASN D 654 39.65 2.36 12.93
C ASN D 654 38.33 2.85 12.32
N ARG D 655 37.42 3.34 13.17
CA ARG D 655 36.12 3.93 12.78
C ARG D 655 35.20 2.95 12.07
N ASN D 656 35.39 1.68 12.30
CA ASN D 656 34.47 0.66 11.75
C ASN D 656 33.12 0.76 12.49
N LEU D 657 32.06 0.32 11.82
CA LEU D 657 30.67 0.24 12.41
C LEU D 657 29.95 1.56 12.60
N LEU D 658 30.48 2.38 13.48
CA LEU D 658 29.77 3.57 13.95
C LEU D 658 30.33 4.84 13.32
#